data_3F8U
#
_entry.id   3F8U
#
_cell.length_a   74.101
_cell.length_b   72.295
_cell.length_c   200.193
_cell.angle_alpha   90.00
_cell.angle_beta   94.613
_cell.angle_gamma   90
#
_symmetry.space_group_name_H-M   'P 1 21 1'
#
loop_
_entity.id
_entity.type
_entity.pdbx_description
1 polymer 'Protein disulfide-isomerase A3ERp57'
2 polymer Tapasin
3 non-polymer 2-acetamido-2-deoxy-beta-D-glucopyranose
4 water water
#
loop_
_entity_poly.entity_id
_entity_poly.type
_entity_poly.pdbx_seq_one_letter_code
_entity_poly.pdbx_strand_id
1 'polypeptide(L)'
;SDVLELTDDNFESRISDTGSAGLMLVEFFAPWCGHAKRLAPEYEAAATRLKGIVPLAKVDCTANTNTCNKYGVSGYPTLK
IFRDGEEAGAYDGPRTADGIVSHLKKQAGPASVPLRTEEEFKKFISDKDASIVGFFDDSFSEAHSEFLKAASNLRDNYRF
AHTNVESLVNEYDDNGEGIILFRPSHLTNKFEDKTVAYTEQKMTSGKIKKFIQENIFGICPHMTEDNKDLIQGKDLLIAY
YDVDYEKNAKGSNYWRNRVMMVAKKFLDAGHKLNFAVASRKTFSHELSDFGLESTAGEIPVVAIRTAKGEKFVMQEEFSR
DGKALERFLQDYFDGNLKRYLKSEPIPESNDGPVKVVVAENFDEIVNNENKDVLIEFYAPWCGHCKNLEPKYKELGEKLS
KDPNIVIAKMDATANDVPSPYEVRGFPTIYFSPANKKLNPKKYEGGRELSDFISYLQREATNPPVIQEEKPKKKKKAQED
L
;
A,C
2 'polypeptide(L)'
;MKSLSLLLAVALGLATAVSAGPAVIECWFVEDASGKGLAKRPGALLLRQGPGEPPPRPDLDPELYLSVHDPAGALQAAFR
RYPRGAPAPHCEMSRFVPLPASAKWASGLTPAQNCPRALDGAWLMVSISSPVLSLSSLLRPQPEPQQEPVLITMATVVLT
VLTHTPAPRVRLGQDALLDLSFAYMPPTSEAASSLAPGPPPFGLEWRRQHLGKGHLLLAATPGLNGQMPAAQEGAVAFAA
WDDDEPWGPWTGNGTFWLPRVQPFQEGTYLATIHLPYLQGQVTLELAVYKPPKVSLMPATLARAAPGEAPPELLCLVSHF
YPSGGLEVEWELRGGPGGRSQKAEGQRWLSALRHHSDGSVSLSGHLQPPPVTTEQHGARYACRIHHPSLPASGRSAEVTL
E
;
B,D
#
# COMPACT_ATOMS: atom_id res chain seq x y z
N SER A 1 -39.24 10.24 37.55
CA SER A 1 -38.35 9.24 38.20
C SER A 1 -37.07 9.92 38.70
N ASP A 2 -36.13 9.11 39.16
CA ASP A 2 -34.88 9.63 39.68
C ASP A 2 -33.81 9.72 38.60
N VAL A 3 -34.18 9.51 37.35
CA VAL A 3 -33.21 9.58 36.27
C VAL A 3 -33.20 10.98 35.66
N LEU A 4 -32.05 11.64 35.69
CA LEU A 4 -31.93 12.98 35.13
C LEU A 4 -31.90 12.88 33.62
N GLU A 5 -32.60 13.77 32.94
CA GLU A 5 -32.61 13.74 31.49
C GLU A 5 -31.75 14.87 30.95
N LEU A 6 -30.57 14.52 30.46
CA LEU A 6 -29.65 15.50 29.92
C LEU A 6 -29.88 15.71 28.42
N THR A 7 -29.50 16.88 27.93
CA THR A 7 -29.68 17.21 26.52
C THR A 7 -28.51 18.04 26.05
N ASP A 8 -28.41 18.23 24.74
CA ASP A 8 -27.33 19.03 24.16
C ASP A 8 -27.33 20.36 24.89
N ASP A 9 -28.52 20.74 25.34
CA ASP A 9 -28.73 21.98 26.05
C ASP A 9 -28.03 22.05 27.41
N ASN A 10 -28.39 21.14 28.32
CA ASN A 10 -27.83 21.14 29.67
C ASN A 10 -26.76 20.11 30.06
N PHE A 11 -26.25 19.34 29.11
CA PHE A 11 -25.25 18.32 29.43
C PHE A 11 -23.97 18.84 30.11
N GLU A 12 -23.17 19.59 29.37
CA GLU A 12 -21.91 20.13 29.87
C GLU A 12 -22.05 20.75 31.26
N SER A 13 -23.19 21.39 31.48
CA SER A 13 -23.48 22.05 32.74
C SER A 13 -23.88 21.11 33.87
N ARG A 14 -24.93 20.34 33.64
CA ARG A 14 -25.48 19.41 34.62
C ARG A 14 -24.59 18.18 34.88
N ILE A 15 -23.64 17.92 34.00
CA ILE A 15 -22.79 16.77 34.16
C ILE A 15 -21.72 16.88 35.22
N SER A 16 -21.60 18.07 35.83
CA SER A 16 -20.59 18.30 36.85
C SER A 16 -21.11 18.25 38.28
N ASP A 17 -22.34 18.72 38.51
CA ASP A 17 -22.90 18.69 39.85
C ASP A 17 -23.16 17.23 40.23
N THR A 18 -22.11 16.59 40.69
CA THR A 18 -22.20 15.20 41.08
C THR A 18 -22.32 15.07 42.59
N GLY A 19 -22.76 13.90 43.04
CA GLY A 19 -22.90 13.66 44.45
C GLY A 19 -21.57 13.82 45.16
N SER A 20 -21.23 12.87 46.02
CA SER A 20 -19.98 12.96 46.77
C SER A 20 -18.71 12.60 45.99
N ALA A 21 -18.75 11.52 45.22
CA ALA A 21 -17.57 11.07 44.49
C ALA A 21 -17.32 11.74 43.14
N GLY A 22 -18.13 12.73 42.77
CA GLY A 22 -17.95 13.39 41.47
C GLY A 22 -18.23 12.42 40.34
N LEU A 23 -19.05 11.40 40.62
CA LEU A 23 -19.42 10.39 39.64
C LEU A 23 -20.84 10.45 39.12
N MET A 24 -20.99 10.22 37.82
CA MET A 24 -22.31 10.19 37.22
C MET A 24 -22.31 9.15 36.12
N LEU A 25 -23.39 8.36 36.07
CA LEU A 25 -23.56 7.34 35.05
C LEU A 25 -24.48 7.94 33.97
N VAL A 26 -24.08 7.82 32.71
CA VAL A 26 -24.88 8.36 31.64
C VAL A 26 -25.24 7.28 30.63
N GLU A 27 -26.53 7.17 30.31
CA GLU A 27 -27.00 6.19 29.35
C GLU A 27 -27.29 6.91 28.03
N PHE A 28 -26.57 6.58 26.97
CA PHE A 28 -26.84 7.18 25.68
C PHE A 28 -27.69 6.16 24.97
N PHE A 29 -28.86 6.57 24.50
CA PHE A 29 -29.74 5.61 23.84
C PHE A 29 -30.69 6.24 22.82
N ALA A 30 -31.56 5.38 22.29
CA ALA A 30 -32.57 5.78 21.34
C ALA A 30 -33.81 5.03 21.79
N PRO A 31 -34.97 5.68 21.84
CA PRO A 31 -36.15 4.94 22.30
C PRO A 31 -36.57 3.75 21.41
N TRP A 32 -36.10 3.69 20.17
CA TRP A 32 -36.48 2.56 19.32
C TRP A 32 -35.68 1.29 19.59
N CYS A 33 -34.52 1.42 20.25
CA CYS A 33 -33.64 0.28 20.55
C CYS A 33 -34.22 -0.70 21.53
N GLY A 34 -34.24 -1.96 21.11
CA GLY A 34 -34.76 -3.04 21.92
C GLY A 34 -33.99 -3.18 23.21
N HIS A 35 -32.66 -3.22 23.15
CA HIS A 35 -31.86 -3.36 24.37
C HIS A 35 -32.13 -2.18 25.31
N ALA A 36 -32.28 -0.99 24.73
CA ALA A 36 -32.55 0.20 25.54
C ALA A 36 -33.89 0.07 26.29
N LYS A 37 -34.91 -0.45 25.61
CA LYS A 37 -36.23 -0.64 26.21
C LYS A 37 -36.18 -1.63 27.36
N ARG A 38 -35.35 -2.65 27.20
CA ARG A 38 -35.18 -3.69 28.20
C ARG A 38 -34.47 -3.17 29.45
N LEU A 39 -33.49 -2.28 29.25
CA LEU A 39 -32.74 -1.71 30.37
C LEU A 39 -33.56 -0.68 31.15
N ALA A 40 -34.47 0.02 30.46
CA ALA A 40 -35.27 1.07 31.10
C ALA A 40 -35.71 0.77 32.53
N PRO A 41 -36.43 -0.34 32.75
CA PRO A 41 -36.89 -0.67 34.10
C PRO A 41 -35.72 -0.74 35.10
N GLU A 42 -34.70 -1.51 34.73
CA GLU A 42 -33.52 -1.67 35.58
C GLU A 42 -32.86 -0.32 35.91
N TYR A 43 -32.64 0.49 34.87
CA TYR A 43 -32.02 1.78 35.05
C TYR A 43 -32.82 2.68 36.00
N GLU A 44 -34.16 2.61 35.94
CA GLU A 44 -35.00 3.42 36.82
C GLU A 44 -34.79 2.95 38.27
N ALA A 45 -34.72 1.63 38.45
CA ALA A 45 -34.54 1.07 39.77
C ALA A 45 -33.17 1.47 40.29
N ALA A 46 -32.14 1.32 39.46
CA ALA A 46 -30.80 1.66 39.88
C ALA A 46 -30.72 3.11 40.35
N ALA A 47 -31.26 4.01 39.52
CA ALA A 47 -31.24 5.44 39.82
C ALA A 47 -31.77 5.77 41.21
N THR A 48 -32.95 5.24 41.52
CA THR A 48 -33.55 5.52 42.80
C THR A 48 -32.79 4.84 43.94
N ARG A 49 -32.24 3.65 43.67
CA ARG A 49 -31.50 2.96 44.72
C ARG A 49 -30.08 3.52 44.90
N LEU A 50 -29.74 4.55 44.13
CA LEU A 50 -28.42 5.15 44.23
C LEU A 50 -28.54 6.62 44.57
N LYS A 51 -29.77 7.08 44.71
CA LYS A 51 -30.06 8.47 45.04
C LYS A 51 -29.14 8.92 46.18
N GLY A 52 -28.45 10.05 45.96
CA GLY A 52 -27.53 10.55 46.96
C GLY A 52 -26.11 10.06 46.73
N ILE A 53 -25.97 8.77 46.45
CA ILE A 53 -24.65 8.21 46.22
C ILE A 53 -24.10 8.65 44.87
N VAL A 54 -24.67 8.10 43.81
CA VAL A 54 -24.26 8.40 42.43
C VAL A 54 -25.47 8.63 41.53
N PRO A 55 -25.54 9.81 40.89
CA PRO A 55 -26.66 10.14 40.00
C PRO A 55 -26.56 9.47 38.62
N LEU A 56 -27.73 9.10 38.09
CA LEU A 56 -27.82 8.45 36.80
C LEU A 56 -28.59 9.33 35.82
N ALA A 57 -28.05 9.47 34.61
CA ALA A 57 -28.70 10.27 33.59
C ALA A 57 -28.82 9.49 32.29
N LYS A 58 -29.72 9.94 31.44
CA LYS A 58 -29.91 9.31 30.14
C LYS A 58 -30.05 10.40 29.09
N VAL A 59 -29.42 10.17 27.95
CA VAL A 59 -29.46 11.11 26.85
C VAL A 59 -30.06 10.44 25.63
N ASP A 60 -31.12 11.05 25.10
CA ASP A 60 -31.79 10.52 23.91
C ASP A 60 -31.02 11.02 22.70
N CYS A 61 -30.19 10.14 22.13
CA CYS A 61 -29.37 10.51 20.99
C CYS A 61 -30.11 10.96 19.73
N THR A 62 -31.32 10.48 19.51
CA THR A 62 -32.07 10.89 18.32
C THR A 62 -32.36 12.38 18.42
N ALA A 63 -32.56 12.86 19.63
CA ALA A 63 -32.86 14.27 19.86
C ALA A 63 -31.64 15.09 20.26
N ASN A 64 -30.48 14.46 20.46
CA ASN A 64 -29.31 15.23 20.86
C ASN A 64 -28.04 14.78 20.17
N THR A 65 -28.05 14.82 18.85
CA THR A 65 -26.92 14.40 18.04
C THR A 65 -25.55 14.99 18.44
N ASN A 66 -25.51 16.23 18.91
CA ASN A 66 -24.22 16.80 19.28
C ASN A 66 -23.53 16.18 20.48
N THR A 67 -24.28 15.87 21.54
CA THR A 67 -23.63 15.28 22.69
C THR A 67 -23.25 13.82 22.44
N CYS A 68 -24.03 13.12 21.63
CA CYS A 68 -23.71 11.72 21.35
C CYS A 68 -22.50 11.66 20.43
N ASN A 69 -22.44 12.59 19.48
CA ASN A 69 -21.32 12.64 18.56
C ASN A 69 -20.06 13.01 19.31
N LYS A 70 -20.20 13.86 20.31
CA LYS A 70 -19.04 14.28 21.07
C LYS A 70 -18.38 13.13 21.81
N TYR A 71 -19.19 12.22 22.37
CA TYR A 71 -18.64 11.09 23.10
C TYR A 71 -18.59 9.81 22.28
N GLY A 72 -18.61 9.97 20.96
CA GLY A 72 -18.55 8.84 20.05
C GLY A 72 -19.49 7.66 20.27
N VAL A 73 -20.77 7.94 20.48
CA VAL A 73 -21.74 6.87 20.68
C VAL A 73 -22.10 6.31 19.31
N SER A 74 -21.96 5.00 19.16
CA SER A 74 -22.27 4.35 17.91
C SER A 74 -23.30 3.25 18.12
N GLY A 75 -23.60 2.95 19.38
CA GLY A 75 -24.57 1.90 19.67
C GLY A 75 -25.33 2.14 20.95
N TYR A 76 -26.53 1.55 21.04
CA TYR A 76 -27.37 1.73 22.21
C TYR A 76 -27.65 0.39 22.86
N PRO A 77 -27.63 0.35 24.19
CA PRO A 77 -27.33 1.54 24.98
C PRO A 77 -25.83 1.64 25.24
N THR A 78 -25.32 2.84 25.44
CA THR A 78 -23.91 3.01 25.76
C THR A 78 -23.88 3.65 27.14
N LEU A 79 -23.30 2.95 28.12
CA LEU A 79 -23.21 3.46 29.48
C LEU A 79 -21.80 3.97 29.75
N LYS A 80 -21.69 5.25 30.09
CA LYS A 80 -20.42 5.85 30.39
C LYS A 80 -20.46 6.47 31.77
N ILE A 81 -19.32 6.40 32.45
CA ILE A 81 -19.19 6.97 33.77
C ILE A 81 -18.41 8.24 33.59
N PHE A 82 -18.87 9.32 34.21
CA PHE A 82 -18.18 10.58 34.14
C PHE A 82 -17.67 10.95 35.54
N ARG A 83 -16.46 11.49 35.59
CA ARG A 83 -15.87 11.90 36.86
C ARG A 83 -15.55 13.39 36.75
N ASP A 84 -16.16 14.17 37.64
CA ASP A 84 -15.93 15.60 37.66
C ASP A 84 -16.21 16.26 36.30
N GLY A 85 -17.03 15.62 35.46
CA GLY A 85 -17.36 16.19 34.17
C GLY A 85 -16.67 15.64 32.93
N GLU A 86 -15.72 14.73 33.10
CA GLU A 86 -15.04 14.17 31.94
C GLU A 86 -15.22 12.68 31.86
N GLU A 87 -15.16 12.15 30.64
CA GLU A 87 -15.31 10.71 30.43
C GLU A 87 -14.38 9.95 31.35
N ALA A 88 -14.85 8.83 31.87
CA ALA A 88 -14.05 8.03 32.77
C ALA A 88 -14.26 6.54 32.50
N GLY A 89 -14.30 6.17 31.22
CA GLY A 89 -14.47 4.77 30.88
C GLY A 89 -15.91 4.27 30.83
N ALA A 90 -16.11 3.24 30.02
CA ALA A 90 -17.43 2.65 29.86
C ALA A 90 -17.77 1.79 31.07
N TYR A 91 -19.06 1.57 31.28
CA TYR A 91 -19.53 0.75 32.39
C TYR A 91 -19.49 -0.71 31.91
N ASP A 92 -18.47 -1.43 32.35
CA ASP A 92 -18.27 -2.82 31.99
C ASP A 92 -19.04 -3.75 32.92
N GLY A 93 -20.38 -3.71 32.85
CA GLY A 93 -21.17 -4.54 33.75
C GLY A 93 -22.47 -5.06 33.18
N PRO A 94 -23.16 -5.95 33.92
CA PRO A 94 -24.42 -6.49 33.42
C PRO A 94 -25.43 -5.36 33.44
N ARG A 95 -26.38 -5.39 32.51
CA ARG A 95 -27.36 -4.32 32.45
C ARG A 95 -28.53 -4.59 33.37
N THR A 96 -28.23 -4.82 34.65
CA THR A 96 -29.26 -5.09 35.66
C THR A 96 -29.19 -4.05 36.75
N ALA A 97 -30.23 -3.95 37.57
CA ALA A 97 -30.25 -2.98 38.66
C ALA A 97 -29.17 -3.35 39.66
N ASP A 98 -29.16 -4.61 40.08
CA ASP A 98 -28.16 -5.06 41.03
C ASP A 98 -26.73 -4.85 40.52
N GLY A 99 -26.51 -5.16 39.26
CA GLY A 99 -25.18 -4.99 38.70
C GLY A 99 -24.75 -3.53 38.74
N ILE A 100 -25.64 -2.63 38.33
CA ILE A 100 -25.34 -1.20 38.31
C ILE A 100 -25.10 -0.61 39.68
N VAL A 101 -26.03 -0.83 40.59
CA VAL A 101 -25.92 -0.32 41.96
C VAL A 101 -24.64 -0.76 42.67
N SER A 102 -24.29 -2.05 42.56
CA SER A 102 -23.10 -2.56 43.20
C SER A 102 -21.81 -1.99 42.63
N HIS A 103 -21.68 -1.99 41.30
CA HIS A 103 -20.47 -1.48 40.65
C HIS A 103 -20.22 -0.01 41.00
N LEU A 104 -21.25 0.80 40.89
CA LEU A 104 -21.11 2.22 41.20
C LEU A 104 -20.86 2.49 42.67
N LYS A 105 -21.40 1.67 43.55
CA LYS A 105 -21.17 1.86 44.98
C LYS A 105 -19.69 1.64 45.29
N LYS A 106 -19.10 0.63 44.65
CA LYS A 106 -17.68 0.35 44.84
C LYS A 106 -16.88 1.48 44.16
N GLN A 107 -17.33 1.86 42.96
CA GLN A 107 -16.69 2.91 42.19
C GLN A 107 -16.69 4.23 42.98
N ALA A 108 -17.77 4.46 43.72
CA ALA A 108 -17.91 5.67 44.52
C ALA A 108 -16.97 5.60 45.73
N GLY A 109 -15.84 4.91 45.55
CA GLY A 109 -14.83 4.78 46.59
C GLY A 109 -15.35 4.55 48.00
N PRO A 110 -14.46 4.33 48.98
CA PRO A 110 -12.99 4.32 48.86
C PRO A 110 -12.40 3.02 48.31
N ALA A 111 -11.16 3.09 47.83
CA ALA A 111 -10.52 1.89 47.31
C ALA A 111 -10.56 0.83 48.43
N SER A 112 -10.28 1.25 49.66
CA SER A 112 -10.31 0.33 50.79
C SER A 112 -11.29 0.83 51.82
N VAL A 113 -12.23 -0.02 52.21
CA VAL A 113 -13.23 0.39 53.17
C VAL A 113 -12.71 0.28 54.59
N PRO A 114 -12.80 1.39 55.35
CA PRO A 114 -12.33 1.42 56.74
C PRO A 114 -13.35 0.74 57.63
N LEU A 115 -12.88 -0.11 58.53
CA LEU A 115 -13.77 -0.79 59.44
C LEU A 115 -13.57 -0.21 60.85
N ARG A 116 -14.64 0.32 61.42
CA ARG A 116 -14.58 0.95 62.73
C ARG A 116 -15.06 0.11 63.90
N THR A 117 -15.80 -0.96 63.60
CA THR A 117 -16.33 -1.82 64.64
C THR A 117 -16.33 -3.27 64.20
N GLU A 118 -16.31 -4.19 65.18
CA GLU A 118 -16.32 -5.61 64.84
C GLU A 118 -17.59 -5.89 64.05
N GLU A 119 -18.64 -5.14 64.32
CA GLU A 119 -19.90 -5.32 63.63
C GLU A 119 -19.69 -5.04 62.13
N GLU A 120 -19.01 -3.93 61.82
CA GLU A 120 -18.73 -3.55 60.44
C GLU A 120 -17.82 -4.60 59.80
N PHE A 121 -16.85 -5.06 60.57
CA PHE A 121 -15.92 -6.09 60.12
C PHE A 121 -16.67 -7.40 59.78
N LYS A 122 -17.36 -7.97 60.75
CA LYS A 122 -18.09 -9.21 60.51
C LYS A 122 -18.97 -9.06 59.27
N LYS A 123 -19.59 -7.89 59.10
CA LYS A 123 -20.45 -7.66 57.95
C LYS A 123 -19.70 -7.56 56.63
N PHE A 124 -18.47 -7.07 56.68
CA PHE A 124 -17.71 -6.93 55.46
C PHE A 124 -17.26 -8.27 54.87
N ILE A 125 -16.83 -9.18 55.75
CA ILE A 125 -16.37 -10.48 55.30
C ILE A 125 -17.47 -11.50 55.26
N SER A 126 -18.72 -11.05 55.18
CA SER A 126 -19.86 -11.95 55.11
C SER A 126 -20.42 -11.84 53.70
N ASP A 127 -19.60 -11.31 52.80
CA ASP A 127 -19.99 -11.15 51.41
C ASP A 127 -19.81 -12.45 50.64
N LYS A 128 -20.41 -12.54 49.46
CA LYS A 128 -20.27 -13.74 48.63
C LYS A 128 -18.89 -13.80 47.97
N ASP A 129 -18.22 -12.65 47.89
CA ASP A 129 -16.88 -12.59 47.31
C ASP A 129 -15.84 -12.60 48.43
N ALA A 130 -14.59 -12.82 48.07
CA ALA A 130 -13.53 -12.82 49.07
C ALA A 130 -13.32 -11.41 49.66
N SER A 131 -12.51 -11.34 50.71
CA SER A 131 -12.21 -10.08 51.38
C SER A 131 -10.73 -9.97 51.67
N ILE A 132 -10.15 -8.84 51.28
CA ILE A 132 -8.75 -8.56 51.53
C ILE A 132 -8.78 -7.51 52.61
N VAL A 133 -8.48 -7.92 53.85
CA VAL A 133 -8.49 -7.00 54.98
C VAL A 133 -7.12 -6.71 55.57
N GLY A 134 -6.77 -5.42 55.64
CA GLY A 134 -5.51 -4.99 56.21
C GLY A 134 -5.69 -4.54 57.66
N PHE A 135 -4.76 -4.97 58.52
CA PHE A 135 -4.83 -4.64 59.95
C PHE A 135 -3.62 -3.79 60.33
N PHE A 136 -3.87 -2.55 60.72
CA PHE A 136 -2.80 -1.60 61.06
C PHE A 136 -3.15 -0.74 62.28
N ASP A 137 -2.32 -0.81 63.32
CA ASP A 137 -2.56 -0.02 64.53
C ASP A 137 -1.84 1.32 64.51
N ASP A 138 -0.92 1.49 63.57
CA ASP A 138 -0.20 2.74 63.46
C ASP A 138 -0.69 3.57 62.26
N SER A 139 -1.15 4.79 62.54
CA SER A 139 -1.67 5.67 61.49
C SER A 139 -0.66 6.09 60.42
N PHE A 140 0.62 6.11 60.77
CA PHE A 140 1.65 6.51 59.82
C PHE A 140 2.47 5.36 59.26
N SER A 141 1.90 4.16 59.20
CA SER A 141 2.68 3.03 58.72
C SER A 141 2.90 3.02 57.22
N GLU A 142 4.10 2.61 56.82
CA GLU A 142 4.42 2.54 55.40
C GLU A 142 3.65 1.36 54.81
N ALA A 143 3.44 0.33 55.64
CA ALA A 143 2.72 -0.86 55.20
C ALA A 143 1.28 -0.47 54.83
N HIS A 144 0.61 0.23 55.75
CA HIS A 144 -0.76 0.67 55.53
C HIS A 144 -0.85 1.46 54.23
N SER A 145 0.23 2.15 53.91
CA SER A 145 0.30 2.97 52.69
C SER A 145 0.41 2.07 51.45
N GLU A 146 1.30 1.09 51.53
CA GLU A 146 1.48 0.17 50.43
C GLU A 146 0.19 -0.60 50.15
N PHE A 147 -0.58 -0.83 51.20
CA PHE A 147 -1.85 -1.55 51.11
C PHE A 147 -2.83 -0.70 50.30
N LEU A 148 -2.91 0.58 50.65
CA LEU A 148 -3.80 1.50 49.94
C LEU A 148 -3.42 1.62 48.46
N LYS A 149 -2.13 1.50 48.16
CA LYS A 149 -1.67 1.58 46.77
C LYS A 149 -2.27 0.37 46.01
N ALA A 150 -2.22 -0.79 46.67
CA ALA A 150 -2.76 -2.03 46.11
C ALA A 150 -4.27 -1.88 45.91
N ALA A 151 -4.96 -1.45 46.97
CA ALA A 151 -6.40 -1.26 46.91
C ALA A 151 -6.72 -0.48 45.65
N SER A 152 -6.11 0.70 45.48
CA SER A 152 -6.35 1.52 44.30
C SER A 152 -6.09 0.80 43.00
N ASN A 153 -4.95 0.15 42.90
CA ASN A 153 -4.59 -0.58 41.69
C ASN A 153 -5.55 -1.75 41.40
N LEU A 154 -5.94 -2.48 42.44
CA LEU A 154 -6.79 -3.65 42.26
C LEU A 154 -8.28 -3.52 42.62
N ARG A 155 -8.70 -2.37 43.14
CA ARG A 155 -10.10 -2.19 43.55
C ARG A 155 -11.09 -2.64 42.48
N ASP A 156 -10.58 -2.79 41.27
CA ASP A 156 -11.39 -3.19 40.12
C ASP A 156 -11.76 -4.66 40.15
N ASN A 157 -10.94 -5.47 40.80
CA ASN A 157 -11.19 -6.89 40.85
C ASN A 157 -11.40 -7.46 42.25
N TYR A 158 -11.04 -6.72 43.29
CA TYR A 158 -11.20 -7.25 44.64
C TYR A 158 -11.83 -6.30 45.65
N ARG A 159 -12.28 -6.84 46.77
CA ARG A 159 -12.89 -6.05 47.83
C ARG A 159 -11.84 -5.80 48.90
N PHE A 160 -11.55 -4.54 49.16
CA PHE A 160 -10.55 -4.17 50.16
C PHE A 160 -11.12 -3.45 51.37
N ALA A 161 -10.51 -3.73 52.52
CA ALA A 161 -10.93 -3.11 53.78
C ALA A 161 -9.73 -3.10 54.71
N HIS A 162 -9.76 -2.19 55.68
CA HIS A 162 -8.69 -2.09 56.64
C HIS A 162 -9.29 -1.62 57.97
N THR A 163 -8.55 -1.81 59.05
CA THR A 163 -9.05 -1.40 60.35
C THR A 163 -7.92 -1.22 61.33
N ASN A 164 -8.21 -0.47 62.39
CA ASN A 164 -7.24 -0.22 63.45
C ASN A 164 -7.89 -0.63 64.77
N VAL A 165 -9.13 -1.10 64.69
CA VAL A 165 -9.86 -1.53 65.88
C VAL A 165 -9.00 -2.50 66.69
N GLU A 166 -8.65 -2.07 67.90
CA GLU A 166 -7.83 -2.84 68.84
C GLU A 166 -8.06 -4.34 68.74
N SER A 167 -9.28 -4.78 69.01
CA SER A 167 -9.61 -6.20 68.95
C SER A 167 -9.09 -6.86 67.67
N LEU A 168 -9.65 -6.44 66.54
CA LEU A 168 -9.29 -6.99 65.25
C LEU A 168 -7.78 -7.04 65.00
N VAL A 169 -7.12 -5.91 65.15
CA VAL A 169 -5.67 -5.85 64.92
C VAL A 169 -4.90 -6.88 65.75
N ASN A 170 -5.35 -7.09 66.99
CA ASN A 170 -4.72 -8.05 67.89
C ASN A 170 -4.93 -9.48 67.44
N GLU A 171 -6.18 -9.83 67.19
CA GLU A 171 -6.54 -11.17 66.79
C GLU A 171 -5.90 -11.65 65.49
N TYR A 172 -5.66 -10.75 64.55
CA TYR A 172 -5.11 -11.17 63.26
C TYR A 172 -3.65 -10.88 62.97
N ASP A 173 -2.92 -10.38 63.96
CA ASP A 173 -1.51 -10.10 63.77
C ASP A 173 -0.83 -9.87 65.13
N ASP A 174 0.49 -9.98 65.15
CA ASP A 174 1.27 -9.81 66.37
C ASP A 174 1.99 -8.48 66.35
N ASN A 175 2.59 -8.21 65.21
CA ASN A 175 3.38 -7.01 64.94
C ASN A 175 2.57 -5.75 64.62
N GLY A 176 1.26 -5.81 64.80
CA GLY A 176 0.43 -4.66 64.52
C GLY A 176 0.19 -4.32 63.05
N GLU A 177 0.61 -5.20 62.13
CA GLU A 177 0.38 -4.95 60.71
C GLU A 177 0.43 -6.20 59.85
N GLY A 178 -0.74 -6.61 59.38
CA GLY A 178 -0.85 -7.77 58.55
C GLY A 178 -1.99 -7.65 57.56
N ILE A 179 -2.10 -8.65 56.68
CA ILE A 179 -3.15 -8.68 55.69
C ILE A 179 -3.73 -10.09 55.67
N ILE A 180 -5.05 -10.17 55.85
CA ILE A 180 -5.73 -11.44 55.85
C ILE A 180 -6.69 -11.52 54.66
N LEU A 181 -6.64 -12.63 53.95
CA LEU A 181 -7.52 -12.83 52.83
C LEU A 181 -8.61 -13.78 53.33
N PHE A 182 -9.87 -13.40 53.18
CA PHE A 182 -10.99 -14.24 53.62
C PHE A 182 -11.78 -14.79 52.45
N ARG A 183 -11.80 -16.12 52.32
CA ARG A 183 -12.57 -16.73 51.24
C ARG A 183 -14.05 -16.74 51.63
N PRO A 184 -14.97 -16.66 50.67
CA PRO A 184 -16.41 -16.65 50.98
C PRO A 184 -16.70 -17.82 51.92
N SER A 185 -17.41 -17.54 53.01
CA SER A 185 -17.68 -18.59 53.98
C SER A 185 -18.55 -19.73 53.45
N HIS A 186 -19.42 -19.43 52.48
CA HIS A 186 -20.27 -20.49 51.95
C HIS A 186 -19.47 -21.52 51.15
N LEU A 187 -18.18 -21.26 50.94
CA LEU A 187 -17.32 -22.17 50.20
C LEU A 187 -16.31 -22.80 51.15
N THR A 188 -16.46 -22.50 52.44
CA THR A 188 -15.59 -23.07 53.46
C THR A 188 -15.54 -24.58 53.22
N ASN A 189 -14.38 -25.20 53.41
CA ASN A 189 -14.30 -26.63 53.19
C ASN A 189 -13.13 -27.32 53.89
N LYS A 190 -13.32 -28.59 54.23
CA LYS A 190 -12.31 -29.37 54.93
C LYS A 190 -11.03 -29.64 54.14
N PHE A 191 -10.89 -29.04 52.96
CA PHE A 191 -9.70 -29.28 52.14
C PHE A 191 -8.70 -28.13 52.11
N GLU A 192 -9.08 -26.99 52.69
CA GLU A 192 -8.19 -25.83 52.74
C GLU A 192 -8.76 -24.81 53.72
N ASP A 193 -7.84 -24.04 54.32
CA ASP A 193 -8.19 -23.00 55.29
C ASP A 193 -9.07 -21.93 54.63
N LYS A 194 -9.95 -21.32 55.42
CA LYS A 194 -10.85 -20.30 54.90
C LYS A 194 -10.22 -18.91 54.83
N THR A 195 -9.03 -18.77 55.42
CA THR A 195 -8.31 -17.51 55.45
C THR A 195 -6.85 -17.79 55.20
N VAL A 196 -6.19 -16.82 54.56
CA VAL A 196 -4.78 -16.93 54.24
C VAL A 196 -4.06 -15.66 54.65
N ALA A 197 -2.99 -15.83 55.43
CA ALA A 197 -2.24 -14.69 55.91
C ALA A 197 -1.03 -14.38 55.06
N TYR A 198 -0.80 -13.09 54.88
CA TYR A 198 0.33 -12.58 54.12
C TYR A 198 1.53 -12.84 55.01
N THR A 199 2.60 -13.39 54.45
CA THR A 199 3.77 -13.69 55.25
C THR A 199 5.08 -13.08 54.78
N GLU A 200 5.04 -12.33 53.70
CA GLU A 200 6.26 -11.69 53.21
C GLU A 200 6.78 -10.79 54.34
N GLN A 201 8.11 -10.72 54.48
CA GLN A 201 8.73 -9.89 55.49
C GLN A 201 8.30 -8.43 55.32
N LYS A 202 8.55 -7.91 54.11
CA LYS A 202 8.20 -6.54 53.79
C LYS A 202 6.83 -6.53 53.11
N MET A 203 6.14 -5.40 53.21
CA MET A 203 4.82 -5.26 52.62
C MET A 203 4.81 -4.20 51.53
N THR A 204 4.78 -4.63 50.27
CA THR A 204 4.76 -3.69 49.15
C THR A 204 3.53 -3.94 48.28
N SER A 205 3.06 -2.90 47.59
CA SER A 205 1.88 -3.05 46.74
C SER A 205 2.04 -4.21 45.75
N GLY A 206 3.23 -4.30 45.14
CA GLY A 206 3.51 -5.36 44.17
C GLY A 206 3.41 -6.73 44.78
N LYS A 207 4.04 -6.91 45.94
CA LYS A 207 4.00 -8.20 46.63
C LYS A 207 2.56 -8.51 47.07
N ILE A 208 1.81 -7.49 47.47
CA ILE A 208 0.43 -7.67 47.89
C ILE A 208 -0.40 -8.18 46.71
N LYS A 209 -0.28 -7.52 45.56
CA LYS A 209 -1.01 -7.92 44.36
C LYS A 209 -0.74 -9.38 44.02
N LYS A 210 0.53 -9.77 44.02
CA LYS A 210 0.88 -11.14 43.70
C LYS A 210 0.30 -12.08 44.74
N PHE A 211 0.34 -11.67 46.00
CA PHE A 211 -0.22 -12.50 47.07
C PHE A 211 -1.74 -12.68 46.88
N ILE A 212 -2.43 -11.63 46.44
CA ILE A 212 -3.86 -11.71 46.21
C ILE A 212 -4.11 -12.74 45.11
N GLN A 213 -3.60 -12.46 43.91
CA GLN A 213 -3.79 -13.32 42.74
C GLN A 213 -3.54 -14.79 43.02
N GLU A 214 -2.49 -15.06 43.76
CA GLU A 214 -2.10 -16.42 44.07
C GLU A 214 -2.94 -17.17 45.10
N ASN A 215 -3.77 -16.49 45.88
CA ASN A 215 -4.53 -17.19 46.90
C ASN A 215 -6.05 -17.00 47.03
N ILE A 216 -6.62 -15.96 46.42
CA ILE A 216 -8.06 -15.72 46.59
C ILE A 216 -9.00 -16.86 46.27
N PHE A 217 -8.67 -17.63 45.24
CA PHE A 217 -9.56 -18.72 44.82
C PHE A 217 -9.44 -20.07 45.51
N GLY A 218 -8.28 -20.37 46.09
CA GLY A 218 -8.16 -21.68 46.72
C GLY A 218 -7.99 -22.73 45.63
N ILE A 219 -8.11 -24.00 46.00
CA ILE A 219 -7.92 -25.04 45.01
C ILE A 219 -9.08 -25.22 44.02
N CYS A 220 -10.26 -24.62 44.27
CA CYS A 220 -11.40 -24.76 43.36
C CYS A 220 -12.51 -23.75 43.57
N PRO A 221 -12.35 -22.54 43.03
CA PRO A 221 -13.37 -21.50 43.18
C PRO A 221 -14.62 -21.74 42.33
N HIS A 222 -15.66 -20.98 42.63
CA HIS A 222 -16.93 -21.03 41.92
C HIS A 222 -16.81 -19.92 40.87
N MET A 223 -16.72 -20.29 39.60
CA MET A 223 -16.59 -19.29 38.55
C MET A 223 -17.94 -18.70 38.21
N THR A 224 -18.03 -17.37 38.33
CA THR A 224 -19.27 -16.65 38.05
C THR A 224 -19.01 -15.60 36.96
N GLU A 225 -20.06 -15.02 36.40
CA GLU A 225 -19.91 -14.01 35.34
C GLU A 225 -19.04 -12.88 35.85
N ASP A 226 -19.02 -12.72 37.16
CA ASP A 226 -18.24 -11.67 37.77
C ASP A 226 -16.72 -11.93 37.86
N ASN A 227 -16.33 -13.17 38.09
CA ASN A 227 -14.91 -13.48 38.21
C ASN A 227 -14.32 -14.37 37.13
N LYS A 228 -15.10 -14.70 36.10
CA LYS A 228 -14.58 -15.58 35.05
C LYS A 228 -13.31 -15.06 34.38
N ASP A 229 -13.25 -13.77 34.09
CA ASP A 229 -12.09 -13.18 33.44
C ASP A 229 -10.84 -13.27 34.30
N LEU A 230 -11.00 -13.65 35.56
CA LEU A 230 -9.86 -13.80 36.46
C LEU A 230 -9.48 -15.27 36.59
N ILE A 231 -10.41 -16.17 36.25
CA ILE A 231 -10.18 -17.61 36.36
C ILE A 231 -9.82 -18.31 35.06
N GLN A 232 -10.41 -17.89 33.94
CA GLN A 232 -10.12 -18.50 32.66
C GLN A 232 -8.82 -17.93 32.06
N GLY A 233 -8.22 -18.68 31.14
CA GLY A 233 -7.00 -18.22 30.50
C GLY A 233 -5.83 -19.17 30.71
N LYS A 234 -5.76 -19.77 31.89
CA LYS A 234 -4.71 -20.71 32.23
C LYS A 234 -5.24 -22.13 32.11
N ASP A 235 -4.37 -23.12 32.29
CA ASP A 235 -4.81 -24.51 32.22
C ASP A 235 -5.96 -24.61 33.22
N LEU A 236 -7.16 -24.90 32.72
CA LEU A 236 -8.31 -24.94 33.59
C LEU A 236 -9.28 -26.09 33.42
N LEU A 237 -9.63 -26.72 34.53
CA LEU A 237 -10.60 -27.79 34.53
C LEU A 237 -11.86 -27.17 35.14
N ILE A 238 -12.97 -27.34 34.45
CA ILE A 238 -14.24 -26.83 34.92
C ILE A 238 -15.25 -27.94 35.01
N ALA A 239 -15.87 -28.08 36.18
CA ALA A 239 -16.91 -29.08 36.34
C ALA A 239 -18.22 -28.27 36.25
N TYR A 240 -19.05 -28.54 35.24
CA TYR A 240 -20.30 -27.81 35.08
C TYR A 240 -21.49 -28.60 35.62
N TYR A 241 -22.38 -27.91 36.34
CA TYR A 241 -23.58 -28.54 36.88
C TYR A 241 -24.53 -27.50 37.46
N ASP A 242 -25.44 -27.92 38.35
CA ASP A 242 -26.42 -27.00 38.96
C ASP A 242 -25.82 -26.21 40.12
N VAL A 243 -24.81 -25.41 39.83
CA VAL A 243 -24.18 -24.64 40.87
C VAL A 243 -25.04 -23.41 41.12
N ASP A 244 -25.58 -23.34 42.33
CA ASP A 244 -26.44 -22.23 42.75
C ASP A 244 -26.48 -22.27 44.27
N TYR A 245 -25.81 -21.34 44.91
CA TYR A 245 -25.75 -21.33 46.37
C TYR A 245 -26.91 -20.68 47.11
N GLU A 246 -27.94 -20.30 46.36
CA GLU A 246 -29.10 -19.70 46.97
C GLU A 246 -30.16 -20.77 47.15
N LYS A 247 -30.54 -21.42 46.05
CA LYS A 247 -31.58 -22.42 46.14
C LYS A 247 -31.09 -23.87 46.08
N ASN A 248 -29.78 -24.05 45.90
CA ASN A 248 -29.25 -25.41 45.82
C ASN A 248 -27.83 -25.49 46.37
N ALA A 249 -27.65 -24.93 47.55
CA ALA A 249 -26.35 -24.90 48.22
C ALA A 249 -25.83 -26.28 48.59
N LYS A 250 -26.75 -27.17 48.94
CA LYS A 250 -26.37 -28.51 49.33
C LYS A 250 -25.81 -29.27 48.14
N GLY A 251 -26.55 -29.26 47.05
CA GLY A 251 -26.10 -29.95 45.85
C GLY A 251 -24.79 -29.36 45.40
N SER A 252 -24.70 -28.03 45.41
CA SER A 252 -23.49 -27.33 45.01
C SER A 252 -22.27 -27.90 45.76
N ASN A 253 -22.29 -27.87 47.10
CA ASN A 253 -21.17 -28.38 47.90
C ASN A 253 -20.94 -29.86 47.65
N TYR A 254 -22.02 -30.60 47.51
CA TYR A 254 -21.95 -32.03 47.30
C TYR A 254 -20.95 -32.39 46.20
N TRP A 255 -21.15 -31.78 45.04
CA TRP A 255 -20.31 -32.01 43.89
C TRP A 255 -18.95 -31.33 43.98
N ARG A 256 -18.93 -30.06 44.38
CA ARG A 256 -17.67 -29.33 44.51
C ARG A 256 -16.70 -30.07 45.45
N ASN A 257 -17.21 -30.67 46.52
CA ASN A 257 -16.36 -31.41 47.45
C ASN A 257 -15.73 -32.63 46.80
N ARG A 258 -16.44 -33.27 45.88
CA ARG A 258 -15.89 -34.44 45.21
C ARG A 258 -14.85 -34.04 44.18
N VAL A 259 -15.05 -32.89 43.57
CA VAL A 259 -14.10 -32.39 42.60
C VAL A 259 -12.79 -32.04 43.33
N MET A 260 -12.91 -31.25 44.40
CA MET A 260 -11.74 -30.82 45.18
C MET A 260 -11.02 -32.03 45.80
N MET A 261 -11.80 -33.06 46.10
CA MET A 261 -11.29 -34.29 46.69
C MET A 261 -10.20 -34.90 45.82
N VAL A 262 -10.46 -34.96 44.52
CA VAL A 262 -9.51 -35.50 43.57
C VAL A 262 -8.43 -34.47 43.28
N ALA A 263 -8.85 -33.24 43.04
CA ALA A 263 -7.93 -32.16 42.74
C ALA A 263 -6.78 -32.11 43.73
N LYS A 264 -7.13 -32.07 45.01
CA LYS A 264 -6.11 -31.99 46.04
C LYS A 264 -5.03 -33.06 45.89
N LYS A 265 -5.43 -34.30 45.64
CA LYS A 265 -4.44 -35.37 45.48
C LYS A 265 -3.41 -35.01 44.41
N PHE A 266 -3.87 -34.74 43.19
CA PHE A 266 -2.97 -34.39 42.10
C PHE A 266 -2.21 -33.11 42.40
N LEU A 267 -2.88 -32.16 43.05
CA LEU A 267 -2.25 -30.89 43.38
C LEU A 267 -1.12 -31.06 44.37
N ASP A 268 -1.38 -31.81 45.43
CA ASP A 268 -0.37 -32.05 46.45
C ASP A 268 0.78 -32.86 45.86
N ALA A 269 0.45 -33.70 44.89
CA ALA A 269 1.46 -34.54 44.23
C ALA A 269 2.33 -33.71 43.30
N GLY A 270 2.05 -32.41 43.21
CA GLY A 270 2.85 -31.55 42.34
C GLY A 270 2.31 -31.16 40.98
N HIS A 271 1.34 -31.90 40.44
CA HIS A 271 0.78 -31.59 39.12
C HIS A 271 0.28 -30.15 39.05
N LYS A 272 0.31 -29.56 37.85
CA LYS A 272 -0.12 -28.19 37.66
C LYS A 272 -1.40 -28.08 36.82
N LEU A 273 -2.42 -27.48 37.42
CA LEU A 273 -3.71 -27.29 36.77
C LEU A 273 -4.65 -26.56 37.73
N ASN A 274 -5.46 -25.65 37.20
CA ASN A 274 -6.42 -24.90 38.00
C ASN A 274 -7.77 -25.59 37.90
N PHE A 275 -8.59 -25.45 38.94
CA PHE A 275 -9.90 -26.09 38.95
C PHE A 275 -10.96 -25.06 39.28
N ALA A 276 -12.20 -25.35 38.89
CA ALA A 276 -13.31 -24.46 39.18
C ALA A 276 -14.63 -25.14 38.86
N VAL A 277 -15.68 -24.77 39.59
CA VAL A 277 -17.01 -25.28 39.30
C VAL A 277 -17.81 -24.10 38.77
N ALA A 278 -18.76 -24.38 37.87
CA ALA A 278 -19.56 -23.33 37.26
C ALA A 278 -20.94 -23.82 36.85
N SER A 279 -21.89 -22.88 36.87
CA SER A 279 -23.26 -23.15 36.51
C SER A 279 -23.44 -23.57 35.05
N ARG A 280 -24.02 -24.75 34.86
CA ARG A 280 -24.28 -25.28 33.54
C ARG A 280 -25.15 -24.31 32.75
N LYS A 281 -25.92 -23.49 33.47
CA LYS A 281 -26.82 -22.52 32.85
C LYS A 281 -26.17 -21.19 32.54
N THR A 282 -25.51 -20.61 33.53
CA THR A 282 -24.84 -19.33 33.32
C THR A 282 -23.80 -19.41 32.20
N PHE A 283 -23.24 -20.59 32.00
CA PHE A 283 -22.24 -20.78 30.98
C PHE A 283 -22.63 -21.80 29.92
N SER A 284 -23.93 -22.00 29.77
CA SER A 284 -24.44 -22.94 28.78
C SER A 284 -23.86 -22.62 27.39
N HIS A 285 -23.60 -21.34 27.12
CA HIS A 285 -23.05 -20.95 25.82
C HIS A 285 -21.63 -21.45 25.59
N GLU A 286 -20.95 -21.86 26.66
CA GLU A 286 -19.59 -22.38 26.53
C GLU A 286 -19.59 -23.91 26.36
N LEU A 287 -20.66 -24.56 26.82
CA LEU A 287 -20.74 -26.01 26.74
C LEU A 287 -20.55 -26.62 25.34
N SER A 288 -20.90 -25.87 24.31
CA SER A 288 -20.77 -26.36 22.93
C SER A 288 -19.32 -26.47 22.46
N ASP A 289 -18.43 -25.63 23.00
CA ASP A 289 -17.03 -25.69 22.61
C ASP A 289 -16.41 -27.03 23.04
N PHE A 290 -17.08 -27.75 23.94
CA PHE A 290 -16.58 -29.03 24.41
C PHE A 290 -17.50 -30.13 23.96
N GLY A 291 -18.48 -29.74 23.16
CA GLY A 291 -19.46 -30.69 22.67
C GLY A 291 -20.20 -31.37 23.79
N LEU A 292 -20.54 -30.59 24.82
CA LEU A 292 -21.26 -31.10 25.98
C LEU A 292 -22.74 -30.74 25.96
N GLU A 293 -23.57 -31.74 26.26
CA GLU A 293 -25.01 -31.57 26.32
C GLU A 293 -25.42 -31.07 27.70
N SER A 294 -26.18 -29.97 27.73
CA SER A 294 -26.65 -29.39 28.97
C SER A 294 -28.01 -29.95 29.32
N THR A 295 -28.02 -31.16 29.86
CA THR A 295 -29.25 -31.82 30.26
C THR A 295 -29.52 -31.42 31.69
N ALA A 296 -30.80 -31.32 32.06
CA ALA A 296 -31.14 -30.96 33.43
C ALA A 296 -30.73 -32.12 34.35
N GLY A 297 -29.97 -33.06 33.77
CA GLY A 297 -29.50 -34.24 34.49
C GLY A 297 -28.96 -34.00 35.89
N GLU A 298 -28.38 -32.83 36.12
CA GLU A 298 -27.82 -32.47 37.41
C GLU A 298 -26.40 -33.05 37.60
N ILE A 299 -26.13 -34.21 37.02
CA ILE A 299 -24.79 -34.79 37.17
C ILE A 299 -23.79 -33.87 36.47
N PRO A 300 -22.65 -33.58 37.12
CA PRO A 300 -21.67 -32.69 36.50
C PRO A 300 -20.92 -33.27 35.29
N VAL A 301 -20.49 -32.36 34.42
CA VAL A 301 -19.71 -32.72 33.24
C VAL A 301 -18.40 -31.96 33.36
N VAL A 302 -17.29 -32.65 33.07
CA VAL A 302 -15.97 -32.05 33.18
C VAL A 302 -15.26 -31.84 31.84
N ALA A 303 -14.50 -30.75 31.74
CA ALA A 303 -13.76 -30.45 30.53
C ALA A 303 -12.61 -29.48 30.81
N ILE A 304 -11.44 -29.75 30.22
CA ILE A 304 -10.26 -28.92 30.41
C ILE A 304 -9.94 -28.07 29.19
N ARG A 305 -9.55 -26.82 29.42
CA ARG A 305 -9.15 -25.95 28.33
C ARG A 305 -7.75 -25.46 28.72
N THR A 306 -6.74 -25.92 28.00
CA THR A 306 -5.36 -25.51 28.30
C THR A 306 -5.17 -24.04 27.98
N ALA A 307 -4.15 -23.42 28.56
CA ALA A 307 -3.89 -22.01 28.31
C ALA A 307 -3.72 -21.81 26.79
N LYS A 308 -3.13 -22.82 26.14
CA LYS A 308 -2.91 -22.78 24.70
C LYS A 308 -4.28 -22.63 24.03
N GLY A 309 -5.10 -23.68 24.19
CA GLY A 309 -6.44 -23.69 23.61
C GLY A 309 -6.95 -25.11 23.50
N GLU A 310 -6.08 -26.07 23.81
CA GLU A 310 -6.42 -27.48 23.75
C GLU A 310 -7.68 -27.73 24.59
N LYS A 311 -8.55 -28.60 24.10
CA LYS A 311 -9.77 -28.93 24.82
C LYS A 311 -9.84 -30.43 25.06
N PHE A 312 -9.98 -30.82 26.33
CA PHE A 312 -10.08 -32.22 26.72
C PHE A 312 -11.38 -32.41 27.48
N VAL A 313 -12.18 -33.37 27.04
CA VAL A 313 -13.47 -33.61 27.65
C VAL A 313 -13.62 -34.99 28.25
N MET A 314 -13.95 -35.02 29.53
CA MET A 314 -14.14 -36.28 30.22
C MET A 314 -15.33 -36.96 29.52
N GLN A 315 -15.12 -38.19 29.08
CA GLN A 315 -16.15 -38.96 28.38
C GLN A 315 -16.94 -39.81 29.36
N GLU A 316 -16.21 -40.48 30.25
CA GLU A 316 -16.80 -41.31 31.28
C GLU A 316 -17.71 -40.43 32.15
N GLU A 317 -18.82 -40.99 32.63
CA GLU A 317 -19.71 -40.19 33.46
C GLU A 317 -19.08 -39.91 34.82
N PHE A 318 -19.50 -38.82 35.47
CA PHE A 318 -18.94 -38.46 36.77
C PHE A 318 -19.37 -39.43 37.86
N SER A 319 -18.41 -40.14 38.44
CA SER A 319 -18.72 -41.08 39.49
C SER A 319 -18.73 -40.34 40.82
N ARG A 320 -19.73 -40.62 41.65
CA ARG A 320 -19.82 -39.99 42.97
C ARG A 320 -18.66 -40.48 43.82
N ASP A 321 -17.78 -41.26 43.20
CA ASP A 321 -16.60 -41.84 43.85
C ASP A 321 -15.43 -40.91 43.65
N GLY A 322 -15.39 -40.29 42.48
CA GLY A 322 -14.31 -39.39 42.13
C GLY A 322 -13.25 -40.13 41.35
N LYS A 323 -13.38 -41.46 41.33
CA LYS A 323 -12.45 -42.34 40.62
C LYS A 323 -12.48 -42.02 39.12
N ALA A 324 -13.67 -41.75 38.60
CA ALA A 324 -13.82 -41.41 37.19
C ALA A 324 -13.02 -40.14 36.90
N LEU A 325 -13.25 -39.10 37.73
CA LEU A 325 -12.54 -37.85 37.57
C LEU A 325 -11.04 -38.04 37.78
N GLU A 326 -10.69 -38.97 38.66
CA GLU A 326 -9.29 -39.25 38.97
C GLU A 326 -8.61 -39.91 37.77
N ARG A 327 -9.38 -40.72 37.06
CA ARG A 327 -8.89 -41.44 35.89
C ARG A 327 -8.60 -40.43 34.78
N PHE A 328 -9.58 -39.57 34.53
CA PHE A 328 -9.49 -38.54 33.50
C PHE A 328 -8.28 -37.64 33.74
N LEU A 329 -8.02 -37.32 35.00
CA LEU A 329 -6.90 -36.47 35.36
C LEU A 329 -5.58 -37.20 35.17
N GLN A 330 -5.56 -38.48 35.54
CA GLN A 330 -4.38 -39.27 35.36
C GLN A 330 -4.02 -39.23 33.87
N ASP A 331 -4.95 -39.65 33.04
CA ASP A 331 -4.71 -39.65 31.62
C ASP A 331 -4.27 -38.28 31.16
N TYR A 332 -4.98 -37.24 31.60
CA TYR A 332 -4.61 -35.89 31.19
C TYR A 332 -3.15 -35.60 31.45
N PHE A 333 -2.71 -35.85 32.68
CA PHE A 333 -1.32 -35.59 33.05
C PHE A 333 -0.34 -36.55 32.38
N ASP A 334 -0.81 -37.72 31.96
CA ASP A 334 0.06 -38.69 31.31
C ASP A 334 0.04 -38.54 29.78
N GLY A 335 -0.69 -37.54 29.28
CA GLY A 335 -0.80 -37.31 27.85
C GLY A 335 -1.56 -38.41 27.13
N ASN A 336 -2.47 -39.08 27.82
CA ASN A 336 -3.25 -40.16 27.22
C ASN A 336 -4.56 -39.76 26.55
N LEU A 337 -5.01 -38.52 26.76
CA LEU A 337 -6.28 -38.09 26.16
C LEU A 337 -6.16 -37.41 24.81
N LYS A 338 -7.15 -37.67 23.96
CA LYS A 338 -7.19 -37.06 22.63
C LYS A 338 -7.99 -35.77 22.74
N ARG A 339 -7.45 -34.68 22.23
CA ARG A 339 -8.17 -33.42 22.31
C ARG A 339 -9.56 -33.56 21.66
N TYR A 340 -10.47 -32.65 22.03
CA TYR A 340 -11.82 -32.68 21.51
C TYR A 340 -12.02 -31.92 20.19
N LEU A 341 -12.75 -32.60 19.29
CA LEU A 341 -13.07 -32.12 17.95
C LEU A 341 -14.51 -32.41 17.60
N LYS A 342 -15.22 -31.43 17.04
CA LYS A 342 -16.60 -31.68 16.62
C LYS A 342 -16.44 -32.54 15.38
N SER A 343 -17.08 -33.70 15.35
CA SER A 343 -16.93 -34.56 14.19
C SER A 343 -18.05 -35.56 14.01
N GLU A 344 -18.40 -35.80 12.74
CA GLU A 344 -19.43 -36.78 12.41
C GLU A 344 -18.71 -38.10 12.60
N PRO A 345 -19.47 -39.19 12.78
CA PRO A 345 -18.85 -40.51 12.95
C PRO A 345 -18.05 -40.90 11.72
N ILE A 346 -16.97 -41.63 11.93
CA ILE A 346 -16.17 -42.12 10.82
C ILE A 346 -17.07 -43.12 10.10
N PRO A 347 -17.26 -42.94 8.79
CA PRO A 347 -18.11 -43.84 8.01
C PRO A 347 -17.66 -45.31 8.06
N GLU A 348 -18.64 -46.22 8.09
CA GLU A 348 -18.34 -47.65 8.16
C GLU A 348 -17.50 -48.09 6.96
N SER A 349 -17.95 -47.69 5.78
CA SER A 349 -17.22 -48.01 4.56
C SER A 349 -16.95 -46.68 3.87
N ASN A 350 -15.69 -46.44 3.57
CA ASN A 350 -15.27 -45.21 2.93
C ASN A 350 -14.35 -45.61 1.79
N ASP A 351 -14.94 -46.21 0.77
CA ASP A 351 -14.21 -46.69 -0.41
C ASP A 351 -14.61 -45.94 -1.67
N GLY A 352 -13.87 -44.85 -1.97
CA GLY A 352 -14.12 -44.03 -3.15
C GLY A 352 -15.53 -44.00 -3.72
N PRO A 353 -15.71 -43.41 -4.91
CA PRO A 353 -14.65 -42.76 -5.70
C PRO A 353 -14.20 -41.46 -5.03
N VAL A 354 -15.01 -40.95 -4.11
CA VAL A 354 -14.68 -39.73 -3.37
C VAL A 354 -14.57 -40.05 -1.88
N LYS A 355 -13.36 -39.91 -1.34
CA LYS A 355 -13.12 -40.19 0.06
C LYS A 355 -13.92 -39.23 0.92
N VAL A 356 -14.67 -39.80 1.88
CA VAL A 356 -15.47 -39.01 2.79
C VAL A 356 -14.63 -38.65 4.01
N VAL A 357 -14.38 -37.35 4.18
CA VAL A 357 -13.59 -36.88 5.31
C VAL A 357 -14.43 -36.20 6.39
N VAL A 358 -14.15 -36.55 7.65
CA VAL A 358 -14.80 -35.98 8.82
C VAL A 358 -13.65 -35.50 9.66
N ALA A 359 -13.91 -34.76 10.74
CA ALA A 359 -12.79 -34.27 11.54
C ALA A 359 -11.91 -35.35 12.16
N GLU A 360 -12.49 -36.48 12.54
CA GLU A 360 -11.71 -37.54 13.17
C GLU A 360 -10.68 -38.22 12.28
N ASN A 361 -10.98 -38.38 11.00
CA ASN A 361 -10.03 -39.01 10.11
C ASN A 361 -9.33 -38.02 9.19
N PHE A 362 -9.56 -36.73 9.39
CA PHE A 362 -8.97 -35.69 8.54
C PHE A 362 -7.46 -35.84 8.39
N ASP A 363 -6.78 -35.91 9.54
CA ASP A 363 -5.34 -36.05 9.57
C ASP A 363 -4.89 -37.28 8.77
N GLU A 364 -5.49 -38.41 9.07
CA GLU A 364 -5.19 -39.68 8.42
C GLU A 364 -5.33 -39.63 6.89
N ILE A 365 -6.41 -39.01 6.41
CA ILE A 365 -6.69 -38.90 4.97
C ILE A 365 -5.99 -37.73 4.30
N VAL A 366 -6.44 -36.52 4.61
CA VAL A 366 -5.87 -35.32 4.02
C VAL A 366 -4.37 -35.16 4.24
N ASN A 367 -3.89 -35.53 5.42
CA ASN A 367 -2.46 -35.37 5.70
C ASN A 367 -1.57 -36.59 5.61
N ASN A 368 -1.83 -37.45 4.63
CA ASN A 368 -1.00 -38.63 4.42
C ASN A 368 0.14 -38.16 3.52
N GLU A 369 1.26 -37.78 4.13
CA GLU A 369 2.45 -37.26 3.42
C GLU A 369 2.71 -37.85 2.05
N ASN A 370 2.37 -39.12 1.87
CA ASN A 370 2.57 -39.78 0.59
C ASN A 370 1.53 -39.49 -0.50
N LYS A 371 0.59 -38.59 -0.25
CA LYS A 371 -0.43 -38.31 -1.24
C LYS A 371 -0.81 -36.86 -1.49
N ASP A 372 -1.32 -36.65 -2.69
CA ASP A 372 -1.81 -35.36 -3.12
C ASP A 372 -3.29 -35.49 -2.82
N VAL A 373 -3.82 -34.55 -2.04
CA VAL A 373 -5.22 -34.62 -1.71
C VAL A 373 -5.95 -33.36 -2.10
N LEU A 374 -6.99 -33.55 -2.90
CA LEU A 374 -7.84 -32.44 -3.34
C LEU A 374 -9.06 -32.61 -2.44
N ILE A 375 -9.32 -31.64 -1.57
CA ILE A 375 -10.46 -31.76 -0.67
C ILE A 375 -11.48 -30.65 -0.84
N GLU A 376 -12.75 -31.04 -0.97
CA GLU A 376 -13.84 -30.08 -1.12
C GLU A 376 -14.60 -29.88 0.20
N PHE A 377 -14.65 -28.65 0.71
CA PHE A 377 -15.40 -28.36 1.94
C PHE A 377 -16.74 -27.79 1.50
N TYR A 378 -17.82 -28.50 1.77
CA TYR A 378 -19.15 -28.04 1.35
C TYR A 378 -20.11 -27.89 2.52
N ALA A 379 -21.32 -27.46 2.21
CA ALA A 379 -22.37 -27.31 3.22
C ALA A 379 -23.64 -28.02 2.67
N PRO A 380 -24.42 -28.65 3.57
CA PRO A 380 -25.64 -29.36 3.16
C PRO A 380 -26.65 -28.48 2.44
N TRP A 381 -26.72 -27.21 2.82
CA TRP A 381 -27.70 -26.31 2.21
C TRP A 381 -27.29 -25.64 0.91
N CYS A 382 -26.02 -25.71 0.56
CA CYS A 382 -25.51 -25.03 -0.64
C CYS A 382 -25.85 -25.64 -2.00
N GLY A 383 -26.57 -24.86 -2.79
CA GLY A 383 -26.99 -25.28 -4.11
C GLY A 383 -25.85 -25.50 -5.08
N HIS A 384 -24.88 -24.59 -5.10
CA HIS A 384 -23.76 -24.74 -6.02
C HIS A 384 -22.98 -26.00 -5.67
N CYS A 385 -23.04 -26.41 -4.40
CA CYS A 385 -22.34 -27.62 -3.95
C CYS A 385 -23.05 -28.84 -4.50
N LYS A 386 -24.38 -28.76 -4.59
CA LYS A 386 -25.15 -29.87 -5.10
C LYS A 386 -24.84 -30.09 -6.57
N ASN A 387 -24.67 -29.00 -7.31
CA ASN A 387 -24.36 -29.07 -8.73
C ASN A 387 -22.98 -29.62 -8.98
N LEU A 388 -22.07 -29.41 -8.02
CA LEU A 388 -20.72 -29.91 -8.17
C LEU A 388 -20.62 -31.36 -7.76
N GLU A 389 -21.48 -31.77 -6.84
CA GLU A 389 -21.46 -33.13 -6.35
C GLU A 389 -21.21 -34.21 -7.41
N PRO A 390 -22.07 -34.29 -8.45
CA PRO A 390 -21.93 -35.29 -9.52
C PRO A 390 -20.63 -35.13 -10.32
N LYS A 391 -20.34 -33.90 -10.71
CA LYS A 391 -19.13 -33.61 -11.46
C LYS A 391 -17.91 -33.99 -10.63
N TYR A 392 -17.97 -33.75 -9.33
CA TYR A 392 -16.87 -34.07 -8.43
C TYR A 392 -16.77 -35.57 -8.27
N LYS A 393 -17.91 -36.25 -8.31
CA LYS A 393 -17.91 -37.69 -8.15
C LYS A 393 -17.26 -38.33 -9.37
N GLU A 394 -17.49 -37.73 -10.53
CA GLU A 394 -16.88 -38.26 -11.74
C GLU A 394 -15.37 -38.09 -11.67
N LEU A 395 -14.92 -36.92 -11.22
CA LEU A 395 -13.49 -36.65 -11.08
C LEU A 395 -12.86 -37.75 -10.23
N GLY A 396 -13.54 -38.11 -9.15
CA GLY A 396 -13.03 -39.15 -8.30
C GLY A 396 -12.90 -40.45 -9.04
N GLU A 397 -13.92 -40.78 -9.83
CA GLU A 397 -13.91 -42.02 -10.60
C GLU A 397 -12.78 -42.04 -11.64
N LYS A 398 -12.55 -40.90 -12.29
CA LYS A 398 -11.49 -40.79 -13.31
C LYS A 398 -10.10 -40.85 -12.70
N LEU A 399 -9.99 -40.55 -11.41
CA LEU A 399 -8.69 -40.61 -10.71
C LEU A 399 -8.58 -41.90 -9.91
N SER A 400 -9.61 -42.73 -9.97
CA SER A 400 -9.63 -43.98 -9.22
C SER A 400 -8.40 -44.87 -9.37
N LYS A 401 -7.78 -44.87 -10.54
CA LYS A 401 -6.60 -45.70 -10.76
C LYS A 401 -5.28 -45.11 -10.27
N ASP A 402 -5.23 -43.79 -10.09
CA ASP A 402 -4.01 -43.14 -9.61
C ASP A 402 -3.82 -43.42 -8.12
N PRO A 403 -2.64 -43.98 -7.77
CA PRO A 403 -2.34 -44.29 -6.37
C PRO A 403 -1.70 -43.15 -5.56
N ASN A 404 -1.56 -41.99 -6.18
CA ASN A 404 -0.95 -40.86 -5.50
C ASN A 404 -1.96 -39.76 -5.18
N ILE A 405 -3.07 -39.75 -5.92
CA ILE A 405 -4.07 -38.72 -5.74
C ILE A 405 -5.34 -39.21 -5.07
N VAL A 406 -5.80 -38.44 -4.09
CA VAL A 406 -7.04 -38.74 -3.39
C VAL A 406 -7.99 -37.58 -3.57
N ILE A 407 -9.23 -37.90 -3.94
CA ILE A 407 -10.28 -36.90 -4.12
C ILE A 407 -11.24 -37.06 -2.95
N ALA A 408 -11.28 -36.05 -2.08
CA ALA A 408 -12.13 -36.12 -0.89
C ALA A 408 -13.04 -34.92 -0.66
N LYS A 409 -14.01 -35.10 0.24
CA LYS A 409 -14.97 -34.06 0.57
C LYS A 409 -15.32 -34.13 2.06
N MET A 410 -15.65 -32.99 2.65
CA MET A 410 -16.01 -32.97 4.05
C MET A 410 -17.11 -31.94 4.26
N ASP A 411 -18.08 -32.31 5.10
CA ASP A 411 -19.17 -31.40 5.42
C ASP A 411 -18.58 -30.45 6.44
N ALA A 412 -18.20 -29.26 5.98
CA ALA A 412 -17.58 -28.26 6.85
C ALA A 412 -18.47 -27.63 7.91
N THR A 413 -19.77 -27.90 7.88
CA THR A 413 -20.65 -27.35 8.91
C THR A 413 -20.86 -28.38 10.02
N ALA A 414 -20.52 -29.63 9.75
CA ALA A 414 -20.71 -30.66 10.74
C ALA A 414 -19.39 -31.23 11.23
N ASN A 415 -18.31 -30.51 10.98
CA ASN A 415 -16.97 -30.97 11.38
C ASN A 415 -16.04 -29.79 11.56
N ASP A 416 -15.25 -29.79 12.62
CA ASP A 416 -14.27 -28.74 12.85
C ASP A 416 -13.28 -28.80 11.69
N VAL A 417 -12.95 -27.64 11.13
CA VAL A 417 -11.98 -27.58 10.04
C VAL A 417 -10.63 -27.25 10.66
N PRO A 418 -9.66 -28.17 10.55
CA PRO A 418 -8.31 -28.02 11.11
C PRO A 418 -7.57 -26.77 10.65
N SER A 419 -6.89 -26.17 11.63
CA SER A 419 -6.11 -24.95 11.52
C SER A 419 -5.59 -24.45 10.17
N PRO A 420 -4.73 -25.22 9.50
CA PRO A 420 -4.22 -24.74 8.22
C PRO A 420 -5.30 -24.12 7.30
N TYR A 421 -6.38 -24.87 7.12
CA TYR A 421 -7.49 -24.49 6.25
C TYR A 421 -8.44 -23.44 6.76
N GLU A 422 -8.94 -22.63 5.85
CA GLU A 422 -9.91 -21.60 6.18
C GLU A 422 -11.07 -21.71 5.20
N VAL A 423 -12.25 -22.00 5.72
CA VAL A 423 -13.43 -22.12 4.90
C VAL A 423 -14.16 -20.80 4.87
N ARG A 424 -14.02 -20.12 3.75
CA ARG A 424 -14.65 -18.82 3.51
C ARG A 424 -16.13 -19.04 3.25
N GLY A 425 -16.44 -19.44 2.02
CA GLY A 425 -17.82 -19.71 1.66
C GLY A 425 -17.95 -21.14 1.17
N PHE A 426 -19.04 -21.45 0.48
CA PHE A 426 -19.21 -22.80 0.01
C PHE A 426 -19.49 -22.90 -1.48
N PRO A 427 -18.79 -23.80 -2.18
CA PRO A 427 -17.76 -24.67 -1.58
C PRO A 427 -16.35 -24.08 -1.61
N THR A 428 -15.50 -24.52 -0.68
CA THR A 428 -14.12 -24.08 -0.65
C THR A 428 -13.36 -25.35 -0.97
N ILE A 429 -12.52 -25.31 -2.01
CA ILE A 429 -11.75 -26.46 -2.42
C ILE A 429 -10.27 -26.22 -2.21
N TYR A 430 -9.59 -27.15 -1.56
CA TYR A 430 -8.16 -27.01 -1.30
C TYR A 430 -7.39 -28.15 -1.94
N PHE A 431 -6.13 -27.88 -2.23
CA PHE A 431 -5.25 -28.90 -2.79
C PHE A 431 -4.07 -29.03 -1.85
N SER A 432 -3.93 -30.21 -1.26
CA SER A 432 -2.84 -30.47 -0.32
C SER A 432 -1.78 -31.38 -0.94
N PRO A 433 -0.64 -30.80 -1.37
CA PRO A 433 0.47 -31.56 -1.98
C PRO A 433 1.10 -32.60 -1.04
N ALA A 434 1.66 -33.64 -1.63
CA ALA A 434 2.28 -34.72 -0.87
C ALA A 434 3.30 -34.28 0.16
N ASN A 435 4.00 -33.19 -0.10
CA ASN A 435 4.99 -32.79 0.89
C ASN A 435 4.90 -31.36 1.37
N LYS A 436 3.70 -30.80 1.24
CA LYS A 436 3.41 -29.45 1.67
C LYS A 436 2.16 -29.52 2.55
N LYS A 437 2.05 -30.56 3.36
CA LYS A 437 0.88 -30.72 4.22
C LYS A 437 0.58 -29.47 5.05
N LEU A 438 1.61 -28.67 5.32
CA LEU A 438 1.43 -27.44 6.09
C LEU A 438 1.09 -26.28 5.18
N ASN A 439 1.22 -26.47 3.88
CA ASN A 439 0.91 -25.39 2.96
C ASN A 439 -0.02 -25.74 1.81
N PRO A 440 -1.25 -26.16 2.13
CA PRO A 440 -2.20 -26.50 1.07
C PRO A 440 -2.57 -25.25 0.29
N LYS A 441 -2.86 -25.42 -0.99
CA LYS A 441 -3.21 -24.30 -1.85
C LYS A 441 -4.72 -24.28 -2.10
N LYS A 442 -5.30 -23.09 -1.99
CA LYS A 442 -6.73 -22.95 -2.20
C LYS A 442 -7.00 -22.94 -3.69
N TYR A 443 -7.87 -23.85 -4.14
CA TYR A 443 -8.23 -23.96 -5.55
C TYR A 443 -9.14 -22.79 -5.97
N GLU A 444 -8.66 -21.94 -6.86
CA GLU A 444 -9.44 -20.80 -7.31
C GLU A 444 -10.02 -21.02 -8.72
N GLY A 445 -9.66 -22.14 -9.33
CA GLY A 445 -10.14 -22.42 -10.68
C GLY A 445 -11.63 -22.68 -10.85
N GLY A 446 -12.03 -23.02 -12.07
CA GLY A 446 -13.42 -23.30 -12.36
C GLY A 446 -13.87 -24.57 -11.68
N ARG A 447 -15.17 -24.84 -11.71
CA ARG A 447 -15.70 -26.05 -11.09
C ARG A 447 -16.29 -27.03 -12.09
N GLU A 448 -15.72 -27.08 -13.28
CA GLU A 448 -16.17 -28.01 -14.31
C GLU A 448 -15.20 -29.20 -14.29
N LEU A 449 -15.68 -30.40 -14.56
CA LEU A 449 -14.83 -31.59 -14.55
C LEU A 449 -13.52 -31.39 -15.32
N SER A 450 -13.57 -30.64 -16.43
CA SER A 450 -12.37 -30.39 -17.21
C SER A 450 -11.38 -29.48 -16.46
N ASP A 451 -11.90 -28.52 -15.71
CA ASP A 451 -11.04 -27.62 -14.95
C ASP A 451 -10.26 -28.40 -13.89
N PHE A 452 -10.91 -29.38 -13.26
CA PHE A 452 -10.22 -30.17 -12.26
C PHE A 452 -9.13 -31.07 -12.86
N ILE A 453 -9.43 -31.69 -14.00
CA ILE A 453 -8.47 -32.56 -14.67
C ILE A 453 -7.24 -31.71 -15.04
N SER A 454 -7.51 -30.59 -15.69
CA SER A 454 -6.47 -29.66 -16.11
C SER A 454 -5.59 -29.25 -14.93
N TYR A 455 -6.24 -28.86 -13.84
CA TYR A 455 -5.55 -28.46 -12.62
C TYR A 455 -4.67 -29.58 -12.08
N LEU A 456 -5.21 -30.78 -11.96
CA LEU A 456 -4.43 -31.89 -11.43
C LEU A 456 -3.22 -32.23 -12.30
N GLN A 457 -3.41 -32.25 -13.62
CA GLN A 457 -2.31 -32.56 -14.53
C GLN A 457 -1.21 -31.51 -14.37
N ARG A 458 -1.61 -30.29 -14.06
CA ARG A 458 -0.67 -29.19 -13.90
C ARG A 458 -0.10 -29.05 -12.49
N GLU A 459 -0.67 -29.73 -11.50
CA GLU A 459 -0.19 -29.57 -10.14
C GLU A 459 0.20 -30.85 -9.41
N ALA A 460 -0.28 -31.99 -9.91
CA ALA A 460 0.02 -33.26 -9.27
C ALA A 460 1.49 -33.36 -8.91
N THR A 461 1.80 -34.12 -7.87
CA THR A 461 3.17 -34.32 -7.44
C THR A 461 3.84 -35.22 -8.48
N ASN A 462 3.21 -36.35 -8.74
CA ASN A 462 3.69 -37.31 -9.71
C ASN A 462 2.74 -37.25 -10.89
N PRO A 463 3.21 -37.59 -12.10
CA PRO A 463 2.31 -37.55 -13.26
C PRO A 463 1.02 -38.33 -12.94
N PRO A 464 -0.13 -37.68 -13.08
CA PRO A 464 -1.45 -38.28 -12.80
C PRO A 464 -1.96 -39.28 -13.81
N VAL A 465 -2.61 -40.34 -13.33
CA VAL A 465 -3.20 -41.32 -14.22
C VAL A 465 -4.72 -41.09 -14.24
N ILE A 466 -5.17 -40.43 -15.29
CA ILE A 466 -6.58 -40.09 -15.46
C ILE A 466 -7.26 -41.03 -16.43
N GLN A 467 -8.08 -41.94 -15.91
CA GLN A 467 -8.81 -42.87 -16.77
C GLN A 467 -9.47 -41.99 -17.84
N GLU A 468 -9.45 -42.41 -19.10
CA GLU A 468 -10.04 -41.60 -20.17
C GLU A 468 -10.95 -42.31 -21.15
N GLU A 469 -12.21 -41.91 -21.18
CA GLU A 469 -13.22 -42.49 -22.07
C GLU A 469 -14.37 -41.50 -22.28
N GLY B 21 -42.58 0.22 -17.51
CA GLY B 21 -43.55 -0.14 -16.44
C GLY B 21 -44.15 1.07 -15.73
N PRO B 22 -44.94 0.84 -14.66
CA PRO B 22 -45.60 1.88 -13.86
C PRO B 22 -44.67 2.97 -13.38
N ALA B 23 -45.20 4.20 -13.36
CA ALA B 23 -44.45 5.36 -12.92
C ALA B 23 -44.70 5.58 -11.43
N VAL B 24 -45.94 5.34 -11.00
CA VAL B 24 -46.30 5.49 -9.60
C VAL B 24 -47.07 4.24 -9.18
N ILE B 25 -47.13 4.00 -7.87
CA ILE B 25 -47.83 2.84 -7.37
C ILE B 25 -48.71 3.24 -6.21
N GLU B 26 -50.02 3.15 -6.43
CA GLU B 26 -50.98 3.48 -5.40
C GLU B 26 -50.77 2.51 -4.26
N CYS B 27 -50.72 3.02 -3.04
CA CYS B 27 -50.46 2.16 -1.89
C CYS B 27 -51.35 2.48 -0.69
N TRP B 28 -51.53 1.50 0.19
CA TRP B 28 -52.33 1.68 1.40
C TRP B 28 -51.41 1.60 2.62
N PHE B 29 -51.47 2.61 3.48
CA PHE B 29 -50.65 2.61 4.68
C PHE B 29 -51.50 2.07 5.82
N VAL B 30 -50.98 1.07 6.54
CA VAL B 30 -51.74 0.49 7.65
C VAL B 30 -50.98 0.54 8.97
N GLU B 31 -51.70 0.29 10.06
CA GLU B 31 -51.12 0.30 11.41
C GLU B 31 -51.69 -0.81 12.26
N LYS B 40 -57.17 2.39 7.00
CA LYS B 40 -56.08 2.58 6.05
C LYS B 40 -55.94 4.03 5.66
N ARG B 41 -54.80 4.40 5.10
CA ARG B 41 -54.57 5.76 4.66
C ARG B 41 -54.05 5.61 3.24
N PRO B 42 -54.50 6.48 2.31
CA PRO B 42 -53.99 6.32 0.96
C PRO B 42 -52.59 6.91 0.84
N GLY B 43 -51.73 6.20 0.11
CA GLY B 43 -50.38 6.66 -0.08
C GLY B 43 -49.97 6.31 -1.50
N ALA B 44 -48.73 6.60 -1.87
CA ALA B 44 -48.28 6.30 -3.21
C ALA B 44 -46.76 6.33 -3.32
N LEU B 45 -46.22 5.50 -4.20
CA LEU B 45 -44.78 5.42 -4.41
C LEU B 45 -44.46 5.93 -5.80
N LEU B 46 -43.56 6.90 -5.89
CA LEU B 46 -43.18 7.46 -7.16
C LEU B 46 -41.84 6.86 -7.56
N LEU B 47 -41.84 6.04 -8.60
CA LEU B 47 -40.62 5.41 -9.06
C LEU B 47 -39.88 6.34 -10.01
N PRO B 54 -42.25 16.25 -10.32
CA PRO B 54 -43.07 15.32 -9.54
C PRO B 54 -44.54 15.69 -9.56
N PRO B 55 -45.41 14.78 -10.05
CA PRO B 55 -46.83 15.08 -10.09
C PRO B 55 -47.42 15.44 -8.74
N PRO B 56 -48.03 16.63 -8.63
CA PRO B 56 -48.64 17.05 -7.37
C PRO B 56 -49.71 16.05 -6.94
N ARG B 57 -49.98 15.99 -5.66
CA ARG B 57 -50.96 15.06 -5.13
C ARG B 57 -51.62 15.60 -3.88
N PRO B 58 -52.50 16.61 -4.04
CA PRO B 58 -53.17 17.16 -2.86
C PRO B 58 -54.02 16.13 -2.12
N ASP B 59 -54.34 15.04 -2.81
CA ASP B 59 -55.16 13.97 -2.23
C ASP B 59 -54.41 13.07 -1.25
N LEU B 60 -53.07 13.16 -1.25
CA LEU B 60 -52.23 12.36 -0.36
C LEU B 60 -51.67 13.20 0.79
N ASP B 61 -51.04 12.56 1.76
CA ASP B 61 -50.54 13.25 2.96
C ASP B 61 -49.76 14.58 2.98
N PRO B 62 -48.56 14.66 2.38
CA PRO B 62 -47.67 13.79 1.61
C PRO B 62 -46.56 13.08 2.38
N GLU B 63 -46.81 12.71 3.63
CA GLU B 63 -45.78 11.98 4.35
C GLU B 63 -45.93 10.55 3.85
N LEU B 64 -46.96 10.32 3.05
CA LEU B 64 -47.25 9.01 2.47
C LEU B 64 -47.04 9.01 0.97
N TYR B 65 -46.52 10.12 0.44
CA TYR B 65 -46.25 10.24 -0.99
C TYR B 65 -44.74 10.17 -1.08
N LEU B 66 -44.22 9.03 -1.53
CA LEU B 66 -42.77 8.83 -1.57
C LEU B 66 -42.03 8.92 -2.90
N SER B 67 -40.99 9.74 -2.93
CA SER B 67 -40.14 9.87 -4.10
C SER B 67 -39.02 8.86 -3.81
N VAL B 68 -39.06 7.72 -4.50
CA VAL B 68 -38.11 6.64 -4.29
C VAL B 68 -36.69 6.70 -4.86
N HIS B 69 -35.70 6.77 -3.97
CA HIS B 69 -34.31 6.74 -4.39
C HIS B 69 -33.91 5.28 -4.12
N ASP B 70 -33.51 4.57 -5.16
CA ASP B 70 -33.14 3.18 -5.00
C ASP B 70 -31.72 2.92 -5.48
N PRO B 71 -30.75 3.15 -4.60
CA PRO B 71 -29.33 2.95 -4.92
C PRO B 71 -29.01 1.56 -5.48
N ALA B 72 -29.41 0.51 -4.77
CA ALA B 72 -29.15 -0.85 -5.22
C ALA B 72 -29.87 -1.13 -6.54
N GLY B 73 -31.00 -0.46 -6.77
CA GLY B 73 -31.71 -0.60 -8.02
C GLY B 73 -32.75 -1.70 -8.20
N ALA B 74 -32.76 -2.70 -7.31
CA ALA B 74 -33.71 -3.79 -7.44
C ALA B 74 -35.17 -3.37 -7.50
N LEU B 75 -35.60 -2.45 -6.63
CA LEU B 75 -37.00 -2.05 -6.66
C LEU B 75 -37.38 -1.45 -8.00
N GLN B 76 -36.56 -0.53 -8.50
CA GLN B 76 -36.85 0.14 -9.77
C GLN B 76 -36.72 -0.79 -10.97
N ALA B 77 -35.77 -1.71 -10.91
CA ALA B 77 -35.57 -2.65 -12.01
C ALA B 77 -36.75 -3.62 -12.11
N ALA B 78 -37.36 -3.95 -10.98
CA ALA B 78 -38.48 -4.88 -10.98
C ALA B 78 -39.69 -4.30 -11.72
N PHE B 79 -39.95 -3.01 -11.54
CA PHE B 79 -41.08 -2.40 -12.20
C PHE B 79 -40.76 -1.82 -13.57
N ARG B 80 -39.50 -1.87 -13.97
CA ARG B 80 -39.10 -1.37 -15.29
C ARG B 80 -39.43 -2.48 -16.28
N ARG B 81 -39.39 -3.71 -15.76
CA ARG B 81 -39.68 -4.90 -16.53
C ARG B 81 -41.17 -5.21 -16.51
N TYR B 82 -41.87 -4.70 -15.50
CA TYR B 82 -43.29 -4.98 -15.36
C TYR B 82 -44.05 -5.00 -16.69
N PRO B 83 -44.76 -6.11 -16.96
CA PRO B 83 -45.53 -6.29 -18.18
C PRO B 83 -46.46 -5.12 -18.42
N ARG B 84 -46.44 -4.57 -19.62
CA ARG B 84 -47.29 -3.44 -19.96
C ARG B 84 -48.76 -3.84 -19.91
N GLY B 85 -49.61 -2.90 -19.50
CA GLY B 85 -51.03 -3.19 -19.44
C GLY B 85 -51.40 -4.17 -18.35
N ALA B 86 -50.41 -4.65 -17.59
CA ALA B 86 -50.69 -5.58 -16.51
C ALA B 86 -51.39 -4.78 -15.43
N PRO B 87 -52.32 -5.40 -14.69
CA PRO B 87 -53.04 -4.68 -13.64
C PRO B 87 -52.09 -3.96 -12.69
N ALA B 88 -52.65 -3.08 -11.86
CA ALA B 88 -51.83 -2.37 -10.88
C ALA B 88 -51.57 -3.42 -9.80
N PRO B 89 -50.34 -3.48 -9.30
CA PRO B 89 -49.98 -4.46 -8.26
C PRO B 89 -50.52 -3.99 -6.91
N HIS B 90 -50.79 -4.93 -6.02
CA HIS B 90 -51.27 -4.57 -4.71
C HIS B 90 -50.07 -4.07 -3.90
N CYS B 91 -50.29 -3.02 -3.12
CA CYS B 91 -49.22 -2.41 -2.33
C CYS B 91 -49.65 -2.03 -0.93
N GLU B 92 -48.88 -2.45 0.06
CA GLU B 92 -49.14 -2.14 1.46
C GLU B 92 -47.90 -1.54 2.07
N MET B 93 -48.10 -0.51 2.87
CA MET B 93 -47.02 0.24 3.50
C MET B 93 -47.22 0.17 5.00
N SER B 94 -46.13 0.19 5.77
CA SER B 94 -46.26 0.14 7.21
C SER B 94 -44.99 0.59 7.91
N ARG B 95 -45.13 0.95 9.19
CA ARG B 95 -44.00 1.39 9.99
C ARG B 95 -43.18 0.18 10.40
N PHE B 96 -41.88 0.24 10.11
CA PHE B 96 -40.96 -0.84 10.44
C PHE B 96 -39.98 -0.38 11.53
N VAL B 97 -39.64 -1.27 12.45
CA VAL B 97 -38.71 -0.94 13.51
C VAL B 97 -37.56 -1.92 13.51
N PRO B 98 -36.35 -1.48 13.15
CA PRO B 98 -35.23 -2.41 13.14
C PRO B 98 -35.13 -3.17 14.47
N LEU B 99 -34.85 -4.46 14.37
CA LEU B 99 -34.77 -5.32 15.54
C LEU B 99 -34.07 -6.63 15.19
N PRO B 100 -33.24 -7.16 16.10
CA PRO B 100 -32.55 -8.42 15.82
C PRO B 100 -33.53 -9.53 15.44
N ALA B 101 -33.11 -10.43 14.57
CA ALA B 101 -33.97 -11.54 14.18
C ALA B 101 -34.28 -12.32 15.46
N SER B 102 -35.50 -12.84 15.57
CA SER B 102 -35.87 -13.57 16.78
C SER B 102 -35.27 -14.98 16.89
N ALA B 103 -35.16 -15.69 15.77
CA ALA B 103 -34.57 -17.03 15.77
C ALA B 103 -33.13 -16.98 16.24
N LYS B 104 -32.76 -17.98 17.03
CA LYS B 104 -31.42 -18.03 17.58
C LYS B 104 -30.35 -18.36 16.55
N TRP B 105 -30.72 -19.07 15.48
CA TRP B 105 -29.73 -19.43 14.48
C TRP B 105 -29.16 -18.20 13.79
N ALA B 106 -29.98 -17.13 13.73
CA ALA B 106 -29.57 -15.90 13.08
C ALA B 106 -28.79 -14.95 13.99
N SER B 107 -28.77 -15.25 15.29
CA SER B 107 -28.08 -14.42 16.27
C SER B 107 -26.66 -14.03 15.87
N GLY B 108 -26.03 -14.89 15.08
CA GLY B 108 -24.66 -14.61 14.66
C GLY B 108 -24.52 -13.31 13.90
N LEU B 109 -25.60 -12.87 13.24
CA LEU B 109 -25.59 -11.64 12.46
C LEU B 109 -25.48 -10.41 13.35
N THR B 110 -25.88 -10.58 14.60
CA THR B 110 -25.88 -9.52 15.60
C THR B 110 -25.12 -9.95 16.86
N PRO B 111 -23.78 -10.03 16.76
CA PRO B 111 -22.91 -10.42 17.88
C PRO B 111 -22.91 -9.40 19.01
N ALA B 112 -22.59 -8.15 18.68
CA ALA B 112 -22.56 -7.08 19.66
C ALA B 112 -23.95 -6.87 20.26
N GLN B 113 -24.02 -6.65 21.56
CA GLN B 113 -25.31 -6.45 22.21
C GLN B 113 -25.73 -4.99 22.27
N ASN B 114 -25.86 -4.36 21.10
CA ASN B 114 -26.29 -2.99 21.04
C ASN B 114 -26.78 -2.61 19.64
N CYS B 115 -27.73 -1.70 19.56
CA CYS B 115 -28.32 -1.25 18.30
C CYS B 115 -27.42 -0.28 17.56
N PRO B 116 -27.23 -0.49 16.24
CA PRO B 116 -26.37 0.41 15.45
C PRO B 116 -27.00 1.80 15.37
N ARG B 117 -26.19 2.84 15.53
CA ARG B 117 -26.70 4.19 15.47
C ARG B 117 -27.09 4.53 14.04
N ALA B 118 -26.38 3.94 13.09
CA ALA B 118 -26.65 4.18 11.67
C ALA B 118 -28.11 3.91 11.27
N LEU B 119 -28.85 3.22 12.12
CA LEU B 119 -30.24 2.92 11.81
C LEU B 119 -31.22 3.85 12.51
N ASP B 120 -30.74 5.00 13.00
CA ASP B 120 -31.65 5.95 13.66
C ASP B 120 -32.56 6.49 12.56
N GLY B 121 -33.71 7.01 12.95
CA GLY B 121 -34.62 7.55 11.94
C GLY B 121 -35.71 6.55 11.68
N ALA B 122 -36.81 6.99 11.09
CA ALA B 122 -37.94 6.13 10.81
C ALA B 122 -37.79 5.25 9.57
N TRP B 123 -38.52 4.14 9.58
CA TRP B 123 -38.52 3.17 8.48
C TRP B 123 -39.94 2.83 8.06
N LEU B 124 -40.07 2.46 6.80
CA LEU B 124 -41.33 2.04 6.24
C LEU B 124 -41.05 0.74 5.49
N MET B 125 -41.94 -0.23 5.65
CA MET B 125 -41.82 -1.50 4.98
C MET B 125 -42.88 -1.51 3.91
N VAL B 126 -42.46 -1.78 2.69
CA VAL B 126 -43.36 -1.84 1.55
C VAL B 126 -43.56 -3.27 1.02
N SER B 127 -44.81 -3.71 0.97
CA SER B 127 -45.19 -5.04 0.47
C SER B 127 -45.95 -4.97 -0.85
N ILE B 128 -45.32 -5.41 -1.94
CA ILE B 128 -45.95 -5.36 -3.24
C ILE B 128 -46.17 -6.77 -3.81
N SER B 129 -47.40 -7.09 -4.20
CA SER B 129 -47.67 -8.40 -4.75
C SER B 129 -48.59 -8.36 -5.94
N SER B 130 -48.34 -9.27 -6.87
CA SER B 130 -49.12 -9.39 -8.10
C SER B 130 -48.81 -10.77 -8.69
N PRO B 131 -49.49 -11.14 -9.79
CA PRO B 131 -49.21 -12.46 -10.38
C PRO B 131 -47.87 -12.45 -11.11
N VAL B 132 -47.28 -11.28 -11.26
CA VAL B 132 -45.99 -11.12 -11.93
C VAL B 132 -44.82 -11.23 -10.96
N LEU B 133 -44.97 -10.61 -9.79
CA LEU B 133 -43.94 -10.63 -8.78
C LEU B 133 -44.49 -10.34 -7.39
N SER B 134 -43.67 -10.60 -6.40
CA SER B 134 -43.99 -10.38 -5.00
C SER B 134 -42.69 -9.80 -4.42
N LEU B 135 -42.78 -8.56 -3.94
CA LEU B 135 -41.62 -7.86 -3.43
C LEU B 135 -41.82 -7.20 -2.07
N SER B 136 -40.72 -7.04 -1.35
CA SER B 136 -40.77 -6.39 -0.04
C SER B 136 -39.60 -5.42 0.05
N SER B 137 -39.85 -4.22 0.56
CA SER B 137 -38.77 -3.23 0.68
C SER B 137 -38.76 -2.42 1.97
N LEU B 138 -37.56 -2.08 2.40
CA LEU B 138 -37.40 -1.29 3.61
C LEU B 138 -36.96 0.11 3.15
N LEU B 139 -37.78 1.10 3.43
CA LEU B 139 -37.45 2.48 3.03
C LEU B 139 -37.20 3.40 4.21
N ARG B 140 -36.39 4.42 3.98
CA ARG B 140 -36.09 5.43 5.01
C ARG B 140 -36.54 6.77 4.47
N PRO B 141 -37.74 7.22 4.87
CA PRO B 141 -38.25 8.51 4.39
C PRO B 141 -37.62 9.66 5.17
N GLN B 142 -37.56 10.84 4.54
CA GLN B 142 -37.01 12.02 5.19
C GLN B 142 -37.96 12.46 6.30
N PRO B 143 -37.44 13.19 7.31
CA PRO B 143 -38.21 13.68 8.45
C PRO B 143 -39.42 14.55 8.07
N GLU B 144 -39.22 15.45 7.12
CA GLU B 144 -40.29 16.32 6.67
C GLU B 144 -40.50 16.26 5.16
N PRO B 145 -41.77 16.33 4.71
CA PRO B 145 -42.17 16.30 3.30
C PRO B 145 -41.53 17.35 2.41
N GLN B 146 -41.77 18.61 2.73
CA GLN B 146 -41.26 19.77 2.00
C GLN B 146 -40.30 19.54 0.83
N GLN B 147 -40.45 20.37 -0.21
CA GLN B 147 -39.62 20.29 -1.40
C GLN B 147 -39.92 21.52 -2.28
N GLU B 148 -38.89 22.07 -2.91
CA GLU B 148 -39.04 23.23 -3.77
C GLU B 148 -40.06 23.01 -4.91
N PRO B 149 -39.81 22.04 -5.80
CA PRO B 149 -40.76 21.81 -6.89
C PRO B 149 -42.19 21.47 -6.42
N VAL B 150 -42.37 20.26 -5.89
CA VAL B 150 -43.68 19.80 -5.42
C VAL B 150 -43.57 19.22 -3.99
N LEU B 151 -44.70 19.21 -3.28
CA LEU B 151 -44.73 18.69 -1.92
C LEU B 151 -44.75 17.16 -1.92
N ILE B 152 -43.60 16.55 -1.66
CA ILE B 152 -43.45 15.09 -1.66
C ILE B 152 -42.31 14.70 -0.69
N THR B 153 -42.40 13.50 -0.12
CA THR B 153 -41.37 13.03 0.82
C THR B 153 -40.29 12.14 0.21
N MET B 154 -39.04 12.57 0.30
CA MET B 154 -37.92 11.80 -0.22
C MET B 154 -37.70 10.56 0.67
N ALA B 155 -37.55 9.39 0.05
CA ALA B 155 -37.34 8.17 0.80
C ALA B 155 -36.26 7.35 0.11
N THR B 156 -35.43 6.67 0.89
CA THR B 156 -34.36 5.83 0.31
C THR B 156 -34.58 4.34 0.59
N VAL B 157 -34.40 3.54 -0.47
CA VAL B 157 -34.56 2.11 -0.38
C VAL B 157 -33.28 1.48 0.14
N VAL B 158 -33.38 0.82 1.28
CA VAL B 158 -32.23 0.16 1.92
C VAL B 158 -32.08 -1.32 1.58
N LEU B 159 -33.17 -2.07 1.75
CA LEU B 159 -33.18 -3.51 1.46
C LEU B 159 -34.37 -3.90 0.59
N THR B 160 -34.09 -4.66 -0.46
CA THR B 160 -35.18 -5.14 -1.31
C THR B 160 -35.11 -6.66 -1.42
N VAL B 161 -36.25 -7.32 -1.24
CA VAL B 161 -36.32 -8.77 -1.35
C VAL B 161 -37.41 -8.98 -2.40
N LEU B 162 -37.03 -9.73 -3.42
CA LEU B 162 -37.92 -9.94 -4.54
C LEU B 162 -37.98 -11.36 -5.12
N THR B 163 -39.15 -11.70 -5.69
CA THR B 163 -39.36 -12.99 -6.32
C THR B 163 -40.19 -12.86 -7.60
N HIS B 164 -39.68 -13.44 -8.68
CA HIS B 164 -40.39 -13.40 -9.96
C HIS B 164 -41.18 -14.67 -10.25
N THR B 165 -41.38 -15.48 -9.21
CA THR B 165 -42.16 -16.69 -9.31
C THR B 165 -43.07 -16.74 -8.08
N PRO B 166 -43.96 -15.76 -7.94
CA PRO B 166 -44.90 -15.67 -6.80
C PRO B 166 -45.99 -16.75 -6.78
N ALA B 167 -46.29 -17.33 -7.94
CA ALA B 167 -47.30 -18.40 -8.02
C ALA B 167 -46.76 -19.50 -8.94
N PRO B 168 -45.72 -20.19 -8.49
CA PRO B 168 -45.10 -21.26 -9.26
C PRO B 168 -46.00 -22.48 -9.42
N ARG B 169 -45.93 -23.11 -10.60
CA ARG B 169 -46.70 -24.31 -10.90
C ARG B 169 -45.70 -25.38 -11.32
N VAL B 170 -45.34 -26.28 -10.42
CA VAL B 170 -44.39 -27.34 -10.77
C VAL B 170 -45.07 -28.68 -11.04
N ARG B 171 -44.59 -29.36 -12.07
CA ARG B 171 -45.07 -30.67 -12.50
C ARG B 171 -44.71 -31.71 -11.43
N LEU B 172 -45.69 -32.51 -11.00
CA LEU B 172 -45.46 -33.52 -9.96
C LEU B 172 -44.24 -34.41 -10.27
N GLY B 173 -43.36 -34.56 -9.28
CA GLY B 173 -42.17 -35.38 -9.46
C GLY B 173 -40.99 -34.58 -9.99
N GLN B 174 -41.25 -33.34 -10.40
CA GLN B 174 -40.22 -32.46 -10.94
C GLN B 174 -39.61 -31.58 -9.85
N ASP B 175 -38.48 -30.96 -10.17
CA ASP B 175 -37.82 -30.07 -9.22
C ASP B 175 -38.38 -28.66 -9.34
N ALA B 176 -38.58 -28.00 -8.21
CA ALA B 176 -39.10 -26.63 -8.22
C ALA B 176 -38.01 -25.63 -7.86
N LEU B 177 -37.90 -24.58 -8.67
CA LEU B 177 -36.91 -23.54 -8.39
C LEU B 177 -37.62 -22.25 -8.10
N LEU B 178 -37.74 -21.95 -6.82
CA LEU B 178 -38.41 -20.74 -6.40
C LEU B 178 -37.41 -19.57 -6.44
N ASP B 179 -37.55 -18.74 -7.46
CA ASP B 179 -36.69 -17.59 -7.64
C ASP B 179 -36.72 -16.57 -6.49
N LEU B 180 -35.54 -16.07 -6.11
CA LEU B 180 -35.42 -15.08 -5.06
C LEU B 180 -34.17 -14.23 -5.24
N SER B 181 -34.36 -12.92 -5.24
CA SER B 181 -33.21 -12.01 -5.36
C SER B 181 -33.38 -10.90 -4.34
N PHE B 182 -32.27 -10.26 -3.99
CA PHE B 182 -32.33 -9.15 -3.04
C PHE B 182 -31.21 -8.15 -3.29
N ALA B 183 -31.36 -6.97 -2.69
CA ALA B 183 -30.37 -5.90 -2.83
C ALA B 183 -30.28 -5.10 -1.54
N TYR B 184 -29.07 -4.76 -1.18
CA TYR B 184 -28.82 -4.04 0.04
C TYR B 184 -27.91 -2.83 -0.17
N MET B 185 -28.31 -1.70 0.41
CA MET B 185 -27.55 -0.46 0.37
C MET B 185 -27.11 -0.18 1.81
N PRO B 186 -25.81 -0.24 2.09
CA PRO B 186 -25.27 -0.01 3.43
C PRO B 186 -25.23 1.46 3.84
N PRO B 187 -25.15 1.74 5.15
CA PRO B 187 -25.10 3.13 5.62
C PRO B 187 -23.83 3.75 5.08
N THR B 188 -24.00 4.83 4.31
CA THR B 188 -22.89 5.54 3.73
C THR B 188 -22.27 6.43 4.82
N SER B 189 -22.51 6.06 6.06
CA SER B 189 -21.98 6.80 7.20
C SER B 189 -20.89 5.95 7.86
N GLU B 190 -20.73 4.72 7.36
CA GLU B 190 -19.74 3.79 7.88
C GLU B 190 -20.02 3.45 9.35
N PRO B 197 -15.06 -3.20 4.26
CA PRO B 197 -14.83 -4.48 3.58
C PRO B 197 -15.89 -4.75 2.49
N GLY B 198 -15.99 -6.02 2.06
CA GLY B 198 -16.97 -6.38 1.04
C GLY B 198 -18.40 -6.51 1.55
N PRO B 199 -19.29 -7.22 0.83
CA PRO B 199 -20.67 -7.36 1.30
C PRO B 199 -20.65 -8.10 2.64
N PRO B 200 -21.52 -7.69 3.58
CA PRO B 200 -21.57 -8.32 4.89
C PRO B 200 -22.33 -9.64 4.92
N PRO B 201 -22.19 -10.37 6.03
CA PRO B 201 -22.88 -11.66 6.16
C PRO B 201 -24.36 -11.34 6.18
N PHE B 202 -25.17 -12.28 5.73
CA PHE B 202 -26.62 -12.07 5.74
C PHE B 202 -27.28 -13.42 6.04
N GLY B 203 -28.57 -13.39 6.32
CA GLY B 203 -29.27 -14.63 6.60
C GLY B 203 -30.38 -14.91 5.61
N LEU B 204 -30.64 -16.18 5.37
CA LEU B 204 -31.70 -16.58 4.44
C LEU B 204 -32.49 -17.70 5.07
N GLU B 205 -33.80 -17.59 4.96
CA GLU B 205 -34.67 -18.58 5.54
C GLU B 205 -35.84 -18.87 4.63
N TRP B 206 -36.13 -20.15 4.45
CA TRP B 206 -37.27 -20.58 3.63
C TRP B 206 -38.11 -21.50 4.48
N ARG B 207 -39.42 -21.32 4.42
CA ARG B 207 -40.32 -22.17 5.20
C ARG B 207 -41.61 -22.37 4.42
N ARG B 208 -42.31 -23.46 4.72
CA ARG B 208 -43.62 -23.74 4.11
C ARG B 208 -44.58 -23.54 5.28
N GLN B 209 -45.59 -22.70 5.08
CA GLN B 209 -46.51 -22.42 6.16
C GLN B 209 -47.94 -22.87 5.89
N HIS B 210 -48.61 -23.32 6.94
CA HIS B 210 -49.98 -23.75 6.83
C HIS B 210 -50.72 -23.60 8.16
N LEU B 211 -51.71 -22.72 8.18
CA LEU B 211 -52.51 -22.49 9.38
C LEU B 211 -51.64 -22.13 10.56
N GLY B 212 -50.97 -20.98 10.48
CA GLY B 212 -50.11 -20.55 11.57
C GLY B 212 -49.01 -21.54 11.92
N LYS B 213 -48.98 -22.69 11.25
CA LYS B 213 -47.96 -23.69 11.51
C LYS B 213 -46.91 -23.67 10.40
N GLY B 214 -45.75 -23.14 10.73
CA GLY B 214 -44.68 -23.04 9.77
C GLY B 214 -43.56 -24.04 9.96
N HIS B 215 -43.08 -24.58 8.85
CA HIS B 215 -41.99 -25.55 8.88
C HIS B 215 -40.77 -24.98 8.17
N LEU B 216 -39.70 -24.78 8.92
CA LEU B 216 -38.44 -24.27 8.38
C LEU B 216 -37.86 -25.34 7.48
N LEU B 217 -37.67 -25.04 6.20
CA LEU B 217 -37.12 -26.02 5.28
C LEU B 217 -35.63 -25.79 5.08
N LEU B 218 -35.21 -24.52 5.12
CA LEU B 218 -33.80 -24.19 4.92
C LEU B 218 -33.40 -22.89 5.60
N ALA B 219 -32.16 -22.84 6.06
CA ALA B 219 -31.63 -21.66 6.73
C ALA B 219 -30.14 -21.58 6.50
N ALA B 220 -29.64 -20.36 6.33
CA ALA B 220 -28.21 -20.15 6.09
C ALA B 220 -27.81 -18.72 6.39
N THR B 221 -26.53 -18.54 6.62
CA THR B 221 -25.99 -17.22 6.89
C THR B 221 -24.64 -17.17 6.19
N PRO B 222 -24.63 -17.21 4.85
CA PRO B 222 -23.37 -17.16 4.11
C PRO B 222 -22.43 -16.03 4.50
N GLY B 223 -21.19 -16.39 4.78
CA GLY B 223 -20.18 -15.43 5.20
C GLY B 223 -19.98 -15.46 6.71
N LEU B 224 -20.76 -16.29 7.39
CA LEU B 224 -20.65 -16.37 8.83
C LEU B 224 -20.86 -17.82 9.23
N ASN B 225 -19.76 -18.54 9.44
CA ASN B 225 -19.86 -19.95 9.84
C ASN B 225 -20.63 -20.06 11.16
N GLY B 226 -21.76 -20.73 11.12
CA GLY B 226 -22.58 -20.89 12.32
C GLY B 226 -23.38 -22.19 12.28
N GLN B 227 -24.09 -22.46 13.36
CA GLN B 227 -24.86 -23.69 13.45
C GLN B 227 -26.24 -23.49 12.85
N MET B 228 -26.45 -24.03 11.65
CA MET B 228 -27.75 -23.89 10.98
C MET B 228 -28.73 -25.04 11.19
N PRO B 229 -30.03 -24.74 11.17
CA PRO B 229 -31.07 -25.76 11.34
C PRO B 229 -30.92 -26.72 10.16
N ALA B 230 -31.27 -27.99 10.35
CA ALA B 230 -31.15 -28.97 9.29
C ALA B 230 -32.03 -28.66 8.08
N ALA B 231 -31.44 -28.75 6.90
CA ALA B 231 -32.19 -28.51 5.68
C ALA B 231 -33.16 -29.68 5.53
N GLN B 232 -34.40 -29.38 5.11
CA GLN B 232 -35.43 -30.40 4.98
C GLN B 232 -35.83 -30.73 3.56
N GLU B 233 -36.39 -31.92 3.39
CA GLU B 233 -36.88 -32.40 2.11
C GLU B 233 -35.90 -32.30 0.97
N GLY B 234 -34.61 -32.41 1.29
CA GLY B 234 -33.55 -32.35 0.28
C GLY B 234 -33.32 -30.99 -0.35
N ALA B 235 -33.94 -29.97 0.20
CA ALA B 235 -33.79 -28.61 -0.33
C ALA B 235 -32.40 -28.02 -0.20
N VAL B 236 -32.08 -27.13 -1.12
CA VAL B 236 -30.83 -26.38 -1.08
C VAL B 236 -31.14 -24.99 -1.64
N ALA B 237 -30.18 -24.10 -1.57
CA ALA B 237 -30.44 -22.76 -2.07
C ALA B 237 -29.17 -22.14 -2.59
N PHE B 238 -29.33 -21.28 -3.58
CA PHE B 238 -28.20 -20.58 -4.15
C PHE B 238 -28.19 -19.28 -3.38
N ALA B 239 -27.69 -19.33 -2.16
CA ALA B 239 -27.67 -18.13 -1.35
C ALA B 239 -26.30 -17.49 -1.41
N ALA B 240 -26.22 -16.33 -2.05
CA ALA B 240 -24.94 -15.63 -2.16
C ALA B 240 -25.07 -14.23 -2.71
N TRP B 241 -24.04 -13.43 -2.46
CA TRP B 241 -23.97 -12.07 -2.97
C TRP B 241 -23.56 -12.20 -4.44
N ASP B 242 -24.13 -11.40 -5.33
CA ASP B 242 -23.77 -11.51 -6.73
C ASP B 242 -22.30 -11.20 -7.00
N ASP B 243 -21.69 -10.36 -6.16
CA ASP B 243 -20.28 -10.00 -6.33
C ASP B 243 -19.74 -9.52 -4.99
N ASP B 244 -18.43 -9.31 -4.91
CA ASP B 244 -17.86 -8.82 -3.66
C ASP B 244 -17.11 -7.50 -3.84
N GLU B 245 -17.77 -6.55 -4.48
CA GLU B 245 -17.17 -5.24 -4.70
C GLU B 245 -17.00 -4.53 -3.36
N PRO B 246 -15.91 -3.78 -3.22
CA PRO B 246 -15.49 -3.01 -2.06
C PRO B 246 -16.55 -2.30 -1.22
N TRP B 247 -17.31 -1.37 -1.80
CA TRP B 247 -18.26 -0.63 -0.97
C TRP B 247 -19.74 -0.81 -1.13
N GLY B 248 -20.19 -1.37 -2.25
CA GLY B 248 -21.63 -1.56 -2.43
C GLY B 248 -22.31 -0.39 -3.13
N PRO B 249 -23.64 -0.42 -3.28
CA PRO B 249 -24.59 -1.45 -2.84
C PRO B 249 -24.36 -2.83 -3.47
N TRP B 250 -25.09 -3.83 -3.01
CA TRP B 250 -24.93 -5.18 -3.54
C TRP B 250 -26.26 -5.84 -3.81
N THR B 251 -26.20 -6.84 -4.68
CA THR B 251 -27.38 -7.62 -5.03
C THR B 251 -27.01 -9.06 -4.76
N GLY B 252 -28.01 -9.89 -4.49
CA GLY B 252 -27.74 -11.28 -4.19
C GLY B 252 -28.85 -12.22 -4.60
N ASN B 253 -28.55 -13.50 -4.50
CA ASN B 253 -29.45 -14.58 -4.89
C ASN B 253 -29.79 -15.41 -3.66
N GLY B 254 -30.98 -16.01 -3.69
CA GLY B 254 -31.41 -16.87 -2.61
C GLY B 254 -32.47 -17.84 -3.11
N THR B 255 -32.45 -18.16 -4.40
CA THR B 255 -33.45 -19.06 -4.93
C THR B 255 -33.37 -20.44 -4.32
N PHE B 256 -34.55 -20.95 -4.00
CA PHE B 256 -34.78 -22.23 -3.35
C PHE B 256 -34.92 -23.35 -4.39
N TRP B 257 -34.26 -24.46 -4.15
CA TRP B 257 -34.31 -25.62 -5.04
C TRP B 257 -34.95 -26.80 -4.27
N LEU B 258 -36.21 -27.13 -4.61
CA LEU B 258 -36.94 -28.22 -3.95
C LEU B 258 -37.07 -29.37 -4.92
N PRO B 259 -36.39 -30.49 -4.62
CA PRO B 259 -36.39 -31.69 -5.46
C PRO B 259 -37.65 -32.56 -5.48
N ARG B 260 -37.96 -33.11 -6.65
CA ARG B 260 -39.10 -34.02 -6.85
C ARG B 260 -40.34 -33.65 -6.05
N VAL B 261 -40.84 -32.45 -6.26
CA VAL B 261 -42.01 -31.98 -5.55
C VAL B 261 -43.21 -32.93 -5.61
N GLN B 262 -43.86 -33.08 -4.47
CA GLN B 262 -45.03 -33.94 -4.33
C GLN B 262 -46.18 -33.05 -3.87
N PRO B 263 -47.43 -33.53 -3.98
CA PRO B 263 -48.60 -32.72 -3.57
C PRO B 263 -48.58 -32.22 -2.12
N PHE B 264 -47.92 -32.94 -1.22
CA PHE B 264 -47.89 -32.51 0.17
C PHE B 264 -47.01 -31.29 0.41
N GLN B 265 -46.17 -30.97 -0.57
CA GLN B 265 -45.27 -29.82 -0.47
C GLN B 265 -45.97 -28.62 -1.09
N GLU B 266 -47.20 -28.83 -1.52
CA GLU B 266 -47.99 -27.77 -2.13
C GLU B 266 -48.31 -26.74 -1.06
N GLY B 267 -48.46 -25.47 -1.44
CA GLY B 267 -48.81 -24.46 -0.46
C GLY B 267 -48.06 -23.13 -0.40
N THR B 268 -48.15 -22.48 0.77
CA THR B 268 -47.53 -21.19 0.97
C THR B 268 -46.09 -21.26 1.47
N TYR B 269 -45.19 -20.64 0.72
CA TYR B 269 -43.76 -20.60 1.05
C TYR B 269 -43.36 -19.18 1.38
N LEU B 270 -42.66 -19.00 2.49
CA LEU B 270 -42.19 -17.68 2.87
C LEU B 270 -40.67 -17.67 2.82
N ALA B 271 -40.11 -16.62 2.23
CA ALA B 271 -38.66 -16.51 2.16
C ALA B 271 -38.29 -15.21 2.84
N THR B 272 -37.30 -15.28 3.72
CA THR B 272 -36.87 -14.09 4.44
C THR B 272 -35.39 -13.88 4.28
N ILE B 273 -35.00 -12.63 4.04
CA ILE B 273 -33.60 -12.29 3.96
C ILE B 273 -33.30 -11.49 5.23
N HIS B 274 -32.17 -11.77 5.84
CA HIS B 274 -31.78 -11.09 7.07
C HIS B 274 -30.49 -10.29 6.94
N LEU B 275 -30.50 -9.11 7.52
CA LEU B 275 -29.32 -8.26 7.60
C LEU B 275 -29.38 -7.78 9.06
N PRO B 276 -28.22 -7.45 9.66
CA PRO B 276 -28.29 -7.01 11.05
C PRO B 276 -29.45 -6.05 11.27
N TYR B 277 -30.37 -6.47 12.14
CA TYR B 277 -31.54 -5.67 12.49
C TYR B 277 -32.58 -5.49 11.42
N LEU B 278 -32.31 -5.97 10.21
CA LEU B 278 -33.26 -5.79 9.12
C LEU B 278 -33.70 -7.10 8.46
N GLN B 279 -34.97 -7.18 8.10
CA GLN B 279 -35.47 -8.37 7.42
C GLN B 279 -36.56 -8.04 6.39
N GLY B 280 -36.55 -8.77 5.27
CA GLY B 280 -37.54 -8.59 4.23
C GLY B 280 -38.16 -9.94 3.88
N GLN B 281 -39.47 -9.97 3.76
CA GLN B 281 -40.14 -11.24 3.47
C GLN B 281 -41.08 -11.24 2.27
N VAL B 282 -40.99 -12.32 1.48
CA VAL B 282 -41.88 -12.49 0.34
C VAL B 282 -42.62 -13.83 0.41
N THR B 283 -43.80 -13.86 -0.20
CA THR B 283 -44.67 -15.02 -0.21
C THR B 283 -44.84 -15.63 -1.59
N LEU B 284 -44.69 -16.95 -1.64
CA LEU B 284 -44.86 -17.68 -2.88
C LEU B 284 -45.98 -18.71 -2.66
N GLU B 285 -46.78 -18.94 -3.70
CA GLU B 285 -47.86 -19.92 -3.62
C GLU B 285 -47.57 -20.99 -4.66
N LEU B 286 -47.09 -22.13 -4.18
CA LEU B 286 -46.71 -23.26 -5.01
C LEU B 286 -47.87 -24.22 -5.25
N ALA B 287 -48.12 -24.47 -6.54
CA ALA B 287 -49.18 -25.37 -6.94
C ALA B 287 -48.52 -26.52 -7.66
N VAL B 288 -49.00 -27.73 -7.37
CA VAL B 288 -48.45 -28.90 -8.01
C VAL B 288 -49.50 -29.36 -8.99
N TYR B 289 -49.06 -30.00 -10.07
CA TYR B 289 -49.99 -30.50 -11.08
C TYR B 289 -49.35 -31.56 -11.96
N LYS B 290 -50.23 -32.36 -12.56
CA LYS B 290 -49.82 -33.41 -13.47
C LYS B 290 -50.97 -33.75 -14.40
N PRO B 291 -50.80 -33.52 -15.70
CA PRO B 291 -51.86 -33.82 -16.67
C PRO B 291 -52.00 -35.34 -16.78
N PRO B 292 -53.21 -35.83 -17.09
CA PRO B 292 -53.40 -37.27 -17.21
C PRO B 292 -53.01 -37.90 -18.54
N LYS B 293 -52.54 -39.15 -18.47
CA LYS B 293 -52.23 -39.89 -19.68
C LYS B 293 -53.56 -40.62 -20.00
N VAL B 294 -54.03 -40.50 -21.23
CA VAL B 294 -55.30 -41.11 -21.61
C VAL B 294 -55.12 -42.24 -22.62
N SER B 295 -55.72 -43.39 -22.35
CA SER B 295 -55.64 -44.52 -23.27
C SER B 295 -56.87 -45.41 -23.20
N LEU B 296 -57.16 -46.12 -24.28
CA LEU B 296 -58.32 -47.01 -24.36
C LEU B 296 -57.99 -48.50 -24.40
N MET B 297 -58.97 -49.31 -24.00
CA MET B 297 -58.89 -50.77 -23.98
C MET B 297 -60.28 -51.32 -24.30
N PRO B 298 -60.39 -52.21 -25.30
CA PRO B 298 -59.28 -52.71 -26.12
C PRO B 298 -58.65 -51.59 -26.93
N ALA B 299 -57.35 -51.71 -27.21
CA ALA B 299 -56.63 -50.71 -27.99
C ALA B 299 -57.18 -50.66 -29.43
N THR B 300 -57.62 -51.82 -29.93
CA THR B 300 -58.17 -51.93 -31.27
C THR B 300 -59.30 -52.96 -31.24
N LEU B 301 -60.31 -52.75 -32.08
CA LEU B 301 -61.46 -53.65 -32.14
C LEU B 301 -61.47 -54.54 -33.38
N ALA B 302 -61.97 -55.76 -33.22
CA ALA B 302 -62.05 -56.71 -34.32
C ALA B 302 -63.30 -56.41 -35.14
N ARG B 303 -63.46 -57.11 -36.26
CA ARG B 303 -64.64 -56.91 -37.12
C ARG B 303 -65.86 -57.49 -36.43
N ALA B 304 -67.01 -56.85 -36.60
CA ALA B 304 -68.23 -57.32 -35.97
C ALA B 304 -69.44 -57.19 -36.89
N ALA B 305 -70.39 -58.11 -36.74
CA ALA B 305 -71.61 -58.13 -37.54
C ALA B 305 -72.64 -57.17 -36.99
N PRO B 306 -73.44 -56.55 -37.86
CA PRO B 306 -74.46 -55.60 -37.40
C PRO B 306 -75.29 -56.18 -36.27
N GLY B 307 -75.93 -55.31 -35.49
CA GLY B 307 -76.75 -55.76 -34.37
C GLY B 307 -75.95 -56.37 -33.22
N GLU B 308 -74.64 -56.43 -33.41
CA GLU B 308 -73.72 -56.99 -32.41
C GLU B 308 -73.10 -55.83 -31.61
N ALA B 309 -73.00 -56.00 -30.29
CA ALA B 309 -72.45 -54.96 -29.42
C ALA B 309 -70.96 -55.11 -29.15
N PRO B 310 -70.20 -54.01 -29.33
CA PRO B 310 -68.75 -54.08 -29.08
C PRO B 310 -68.46 -54.29 -27.59
N PRO B 311 -67.25 -54.79 -27.28
CA PRO B 311 -66.87 -55.03 -25.89
C PRO B 311 -66.76 -53.74 -25.10
N GLU B 312 -67.05 -53.83 -23.81
CA GLU B 312 -66.97 -52.68 -22.92
C GLU B 312 -65.65 -51.97 -23.15
N LEU B 313 -65.72 -50.66 -23.32
CA LEU B 313 -64.52 -49.87 -23.55
C LEU B 313 -64.06 -49.25 -22.23
N LEU B 314 -62.76 -49.35 -21.96
CA LEU B 314 -62.20 -48.80 -20.75
C LEU B 314 -61.24 -47.64 -21.06
N CYS B 315 -61.56 -46.45 -20.56
CA CYS B 315 -60.73 -45.26 -20.78
C CYS B 315 -59.89 -45.03 -19.52
N LEU B 316 -58.60 -45.35 -19.58
CA LEU B 316 -57.71 -45.15 -18.44
C LEU B 316 -57.22 -43.72 -18.36
N VAL B 317 -57.53 -43.05 -17.27
CA VAL B 317 -57.09 -41.68 -17.06
C VAL B 317 -56.05 -41.82 -15.97
N SER B 318 -54.79 -41.96 -16.36
CA SER B 318 -53.71 -42.19 -15.40
C SER B 318 -52.84 -41.08 -14.84
N HIS B 319 -52.47 -41.26 -13.58
CA HIS B 319 -51.58 -40.36 -12.86
C HIS B 319 -51.73 -38.88 -13.11
N PHE B 320 -52.80 -38.28 -12.58
CA PHE B 320 -53.02 -36.87 -12.73
C PHE B 320 -53.19 -36.21 -11.36
N TYR B 321 -53.10 -34.87 -11.31
CA TYR B 321 -53.26 -34.13 -10.06
C TYR B 321 -53.48 -32.65 -10.34
N PRO B 322 -54.39 -31.97 -9.59
CA PRO B 322 -55.26 -32.41 -8.48
C PRO B 322 -56.33 -33.39 -8.97
N SER B 323 -56.94 -34.13 -8.03
CA SER B 323 -57.95 -35.12 -8.39
C SER B 323 -59.23 -34.51 -8.95
N GLY B 324 -59.64 -33.37 -8.41
CA GLY B 324 -60.89 -32.76 -8.87
C GLY B 324 -60.84 -32.19 -10.28
N GLY B 325 -62.02 -31.84 -10.79
CA GLY B 325 -62.09 -31.26 -12.12
C GLY B 325 -61.86 -32.20 -13.30
N LEU B 326 -61.83 -33.51 -13.05
CA LEU B 326 -61.62 -34.47 -14.12
C LEU B 326 -62.98 -34.81 -14.68
N GLU B 327 -63.15 -34.61 -15.98
CA GLU B 327 -64.42 -34.91 -16.60
C GLU B 327 -64.20 -35.85 -17.76
N VAL B 328 -65.10 -36.81 -17.90
CA VAL B 328 -65.01 -37.79 -18.97
C VAL B 328 -66.17 -37.65 -19.93
N GLU B 329 -65.84 -37.57 -21.21
CA GLU B 329 -66.83 -37.46 -22.27
C GLU B 329 -66.56 -38.56 -23.27
N TRP B 330 -67.62 -39.22 -23.72
CA TRP B 330 -67.49 -40.27 -24.71
C TRP B 330 -68.11 -39.77 -26.00
N GLU B 331 -67.40 -39.99 -27.11
CA GLU B 331 -67.88 -39.54 -28.41
C GLU B 331 -67.78 -40.63 -29.48
N LEU B 332 -68.51 -40.42 -30.58
CA LEU B 332 -68.47 -41.32 -31.72
C LEU B 332 -68.02 -40.41 -32.87
N ARG B 333 -66.77 -40.57 -33.30
CA ARG B 333 -66.22 -39.75 -34.37
C ARG B 333 -66.31 -40.35 -35.76
N GLY B 334 -66.46 -39.48 -36.76
CA GLY B 334 -66.57 -39.92 -38.14
C GLY B 334 -67.70 -40.91 -38.33
N GLY B 335 -68.87 -40.56 -37.82
CA GLY B 335 -70.02 -41.44 -37.94
C GLY B 335 -71.11 -40.83 -38.81
N PRO B 336 -72.26 -41.52 -38.95
CA PRO B 336 -73.37 -41.02 -39.75
C PRO B 336 -73.96 -39.71 -39.21
N GLY B 337 -73.20 -39.03 -38.35
CA GLY B 337 -73.67 -37.77 -37.78
C GLY B 337 -72.54 -36.84 -37.39
N GLY B 338 -71.83 -36.31 -38.39
CA GLY B 338 -70.72 -35.42 -38.13
C GLY B 338 -69.58 -36.20 -37.50
N ARG B 339 -68.37 -35.66 -37.55
CA ARG B 339 -67.23 -36.37 -36.99
C ARG B 339 -67.11 -36.13 -35.49
N SER B 340 -68.19 -35.66 -34.88
CA SER B 340 -68.23 -35.41 -33.44
C SER B 340 -69.67 -35.43 -32.96
N GLN B 341 -70.06 -36.55 -32.37
CA GLN B 341 -71.40 -36.71 -31.85
C GLN B 341 -71.22 -37.44 -30.52
N LYS B 342 -72.05 -37.12 -29.52
CA LYS B 342 -71.93 -37.77 -28.22
C LYS B 342 -72.34 -39.24 -28.34
N ALA B 343 -71.48 -40.14 -27.87
CA ALA B 343 -71.74 -41.57 -27.95
C ALA B 343 -72.92 -42.03 -27.11
N GLU B 344 -73.53 -43.12 -27.54
CA GLU B 344 -74.66 -43.70 -26.83
C GLU B 344 -74.23 -44.98 -26.13
N GLY B 345 -75.06 -45.44 -25.21
CA GLY B 345 -74.73 -46.64 -24.48
C GLY B 345 -74.63 -46.34 -22.98
N GLN B 346 -74.32 -47.37 -22.22
CA GLN B 346 -74.18 -47.23 -20.77
C GLN B 346 -72.77 -46.76 -20.46
N ARG B 347 -72.62 -45.84 -19.52
CA ARG B 347 -71.30 -45.37 -19.16
C ARG B 347 -71.26 -45.21 -17.66
N TRP B 348 -70.07 -45.34 -17.08
CA TRP B 348 -69.88 -45.18 -15.64
C TRP B 348 -68.45 -44.82 -15.30
N LEU B 349 -68.20 -44.53 -14.03
CA LEU B 349 -66.88 -44.15 -13.56
C LEU B 349 -66.40 -45.05 -12.43
N SER B 350 -65.09 -45.30 -12.41
CA SER B 350 -64.51 -46.11 -11.37
C SER B 350 -64.31 -45.19 -10.17
N ALA B 351 -63.94 -45.75 -9.04
CA ALA B 351 -63.67 -44.90 -7.90
C ALA B 351 -62.26 -44.39 -8.19
N LEU B 352 -61.84 -43.41 -7.41
CA LEU B 352 -60.52 -42.84 -7.55
C LEU B 352 -59.49 -43.85 -7.04
N ARG B 353 -58.34 -43.90 -7.70
CA ARG B 353 -57.24 -44.77 -7.29
C ARG B 353 -56.12 -43.83 -6.81
N HIS B 354 -55.62 -44.05 -5.59
CA HIS B 354 -54.59 -43.17 -5.03
C HIS B 354 -53.19 -43.73 -4.98
N HIS B 355 -52.28 -43.05 -5.65
CA HIS B 355 -50.88 -43.46 -5.70
C HIS B 355 -50.02 -42.84 -4.59
N SER B 356 -48.87 -43.44 -4.34
CA SER B 356 -47.93 -42.97 -3.32
C SER B 356 -47.39 -41.57 -3.57
N ASP B 357 -47.30 -41.19 -4.83
CA ASP B 357 -46.77 -39.87 -5.13
C ASP B 357 -47.84 -38.80 -4.97
N GLY B 358 -49.05 -39.20 -4.53
CA GLY B 358 -50.10 -38.22 -4.35
C GLY B 358 -50.98 -37.97 -5.58
N SER B 359 -50.59 -38.50 -6.74
CA SER B 359 -51.38 -38.33 -7.95
C SER B 359 -52.53 -39.33 -7.85
N VAL B 360 -53.47 -39.26 -8.79
CA VAL B 360 -54.59 -40.18 -8.79
C VAL B 360 -54.87 -40.71 -10.17
N SER B 361 -55.65 -41.78 -10.22
CA SER B 361 -56.07 -42.41 -11.47
C SER B 361 -57.56 -42.77 -11.41
N LEU B 362 -58.15 -42.96 -12.57
CA LEU B 362 -59.54 -43.31 -12.61
C LEU B 362 -59.88 -43.91 -13.97
N SER B 363 -60.99 -44.64 -14.03
CA SER B 363 -61.37 -45.28 -15.26
C SER B 363 -62.77 -44.92 -15.72
N GLY B 364 -62.89 -44.67 -17.02
CA GLY B 364 -64.19 -44.36 -17.61
C GLY B 364 -64.60 -45.60 -18.37
N HIS B 365 -65.88 -45.94 -18.37
CA HIS B 365 -66.32 -47.14 -19.09
C HIS B 365 -67.51 -46.80 -19.96
N LEU B 366 -67.59 -47.45 -21.11
CA LEU B 366 -68.72 -47.23 -22.02
C LEU B 366 -69.08 -48.56 -22.66
N GLN B 367 -70.37 -48.87 -22.66
CA GLN B 367 -70.87 -50.09 -23.28
C GLN B 367 -71.65 -49.57 -24.48
N PRO B 368 -71.02 -49.59 -25.66
CA PRO B 368 -71.69 -49.09 -26.86
C PRO B 368 -72.82 -50.01 -27.29
N PRO B 369 -73.82 -49.45 -27.98
CA PRO B 369 -74.98 -50.20 -28.45
C PRO B 369 -74.55 -51.11 -29.61
N PRO B 370 -75.47 -51.98 -30.08
CA PRO B 370 -75.11 -52.85 -31.21
C PRO B 370 -74.65 -51.99 -32.39
N VAL B 371 -73.57 -52.40 -33.02
CA VAL B 371 -73.00 -51.67 -34.14
C VAL B 371 -73.82 -51.73 -35.43
N THR B 372 -73.97 -50.58 -36.09
CA THR B 372 -74.70 -50.47 -37.35
C THR B 372 -73.63 -50.54 -38.45
N THR B 373 -74.02 -50.89 -39.67
CA THR B 373 -73.06 -50.97 -40.77
C THR B 373 -72.55 -49.59 -41.13
N GLU B 374 -73.39 -48.59 -40.92
CA GLU B 374 -73.04 -47.20 -41.23
C GLU B 374 -72.17 -46.56 -40.13
N GLN B 375 -71.54 -47.41 -39.33
CA GLN B 375 -70.68 -46.95 -38.27
C GLN B 375 -69.29 -47.50 -38.54
N HIS B 376 -69.21 -48.45 -39.46
CA HIS B 376 -67.95 -49.04 -39.82
C HIS B 376 -66.98 -47.91 -40.17
N GLY B 377 -65.76 -47.98 -39.64
CA GLY B 377 -64.78 -46.95 -39.91
C GLY B 377 -64.82 -45.79 -38.93
N ALA B 378 -65.92 -45.67 -38.20
CA ALA B 378 -66.07 -44.60 -37.22
C ALA B 378 -65.26 -44.99 -35.97
N ARG B 379 -64.93 -44.02 -35.14
CA ARG B 379 -64.16 -44.31 -33.94
C ARG B 379 -64.84 -43.90 -32.65
N TYR B 380 -64.69 -44.74 -31.63
CA TYR B 380 -65.23 -44.44 -30.32
C TYR B 380 -64.07 -43.79 -29.59
N ALA B 381 -64.34 -42.70 -28.89
CA ALA B 381 -63.26 -42.03 -28.19
C ALA B 381 -63.71 -41.42 -26.89
N CYS B 382 -62.77 -41.26 -25.97
CA CYS B 382 -63.07 -40.61 -24.72
C CYS B 382 -62.27 -39.31 -24.66
N ARG B 383 -62.99 -38.21 -24.50
CA ARG B 383 -62.43 -36.86 -24.40
C ARG B 383 -62.29 -36.55 -22.91
N ILE B 384 -61.07 -36.31 -22.46
CA ILE B 384 -60.83 -36.00 -21.05
C ILE B 384 -60.55 -34.52 -20.84
N HIS B 385 -61.23 -33.92 -19.86
CA HIS B 385 -61.01 -32.52 -19.55
C HIS B 385 -60.50 -32.40 -18.12
N HIS B 386 -59.49 -31.55 -17.96
CA HIS B 386 -58.89 -31.33 -16.66
C HIS B 386 -58.16 -29.99 -16.69
N PRO B 387 -58.33 -29.18 -15.63
CA PRO B 387 -57.66 -27.86 -15.58
C PRO B 387 -56.20 -27.85 -16.03
N SER B 388 -55.48 -28.96 -15.85
CA SER B 388 -54.09 -29.01 -16.26
C SER B 388 -53.94 -29.38 -17.74
N LEU B 389 -55.05 -29.34 -18.48
CA LEU B 389 -55.05 -29.68 -19.90
C LEU B 389 -55.59 -28.56 -20.79
N PRO B 390 -55.25 -28.59 -22.08
CA PRO B 390 -55.70 -27.58 -23.04
C PRO B 390 -57.22 -27.55 -23.10
N ALA B 391 -57.77 -26.53 -23.75
CA ALA B 391 -59.21 -26.40 -23.87
C ALA B 391 -59.88 -27.60 -24.56
N SER B 392 -59.21 -28.15 -25.55
CA SER B 392 -59.73 -29.27 -26.32
C SER B 392 -59.62 -30.62 -25.61
N GLY B 393 -59.02 -30.61 -24.43
CA GLY B 393 -58.87 -31.85 -23.70
C GLY B 393 -57.79 -32.75 -24.24
N ARG B 394 -57.91 -34.04 -23.94
CA ARG B 394 -56.97 -35.07 -24.37
C ARG B 394 -57.86 -36.26 -24.72
N SER B 395 -57.58 -36.94 -25.83
CA SER B 395 -58.43 -38.05 -26.22
C SER B 395 -57.72 -39.33 -26.58
N ALA B 396 -58.51 -40.38 -26.72
CA ALA B 396 -58.02 -41.69 -27.10
C ALA B 396 -59.20 -42.32 -27.83
N GLU B 397 -58.90 -43.01 -28.92
CA GLU B 397 -59.95 -43.62 -29.72
C GLU B 397 -59.65 -45.03 -30.23
N VAL B 398 -60.71 -45.70 -30.67
CA VAL B 398 -60.62 -47.04 -31.21
C VAL B 398 -61.55 -47.08 -32.41
N THR B 399 -61.12 -47.76 -33.47
CA THR B 399 -61.92 -47.84 -34.69
C THR B 399 -62.80 -49.09 -34.77
N LEU B 400 -64.03 -48.90 -35.24
CA LEU B 400 -65.00 -49.99 -35.38
C LEU B 400 -64.90 -50.68 -36.74
N GLU B 401 -65.30 -51.95 -36.78
CA GLU B 401 -65.26 -52.74 -38.01
C GLU B 401 -66.59 -53.45 -38.31
N SER C 1 14.55 7.77 21.38
CA SER C 1 13.59 8.65 20.65
C SER C 1 12.27 7.92 20.39
N ASP C 2 11.43 8.52 19.56
CA ASP C 2 10.13 7.93 19.23
C ASP C 2 10.19 7.10 17.95
N VAL C 3 11.40 6.84 17.47
CA VAL C 3 11.58 6.05 16.26
C VAL C 3 11.85 4.60 16.60
N LEU C 4 10.97 3.71 16.16
CA LEU C 4 11.12 2.29 16.42
C LEU C 4 12.23 1.77 15.52
N GLU C 5 13.08 0.90 16.05
CA GLU C 5 14.16 0.34 15.26
C GLU C 5 13.86 -1.12 14.93
N LEU C 6 13.47 -1.36 13.68
CA LEU C 6 13.14 -2.70 13.25
C LEU C 6 14.37 -3.40 12.69
N THR C 7 14.34 -4.73 12.69
CA THR C 7 15.45 -5.53 12.22
C THR C 7 14.93 -6.78 11.55
N ASP C 8 15.83 -7.52 10.88
CA ASP C 8 15.45 -8.77 10.22
C ASP C 8 14.76 -9.64 11.24
N ASP C 9 15.12 -9.41 12.49
CA ASP C 9 14.57 -10.15 13.60
C ASP C 9 13.09 -9.85 13.87
N ASN C 10 12.78 -8.60 14.20
CA ASN C 10 11.41 -8.20 14.54
C ASN C 10 10.56 -7.46 13.51
N PHE C 11 11.01 -7.36 12.26
CA PHE C 11 10.25 -6.61 11.24
C PHE C 11 8.86 -7.15 10.97
N GLU C 12 8.78 -8.34 10.39
CA GLU C 12 7.49 -8.97 10.07
C GLU C 12 6.46 -8.89 11.19
N SER C 13 6.95 -9.06 12.42
CA SER C 13 6.14 -9.03 13.61
C SER C 13 5.71 -7.63 14.03
N ARG C 14 6.68 -6.76 14.28
CA ARG C 14 6.44 -5.40 14.73
C ARG C 14 5.83 -4.46 13.67
N ILE C 15 5.85 -4.89 12.42
CA ILE C 15 5.32 -4.06 11.34
C ILE C 15 3.81 -4.04 11.24
N SER C 16 3.15 -4.88 12.03
CA SER C 16 1.68 -4.95 12.00
C SER C 16 0.98 -4.14 13.09
N ASP C 17 1.55 -4.09 14.29
CA ASP C 17 0.92 -3.34 15.38
C ASP C 17 0.96 -1.84 15.09
N GLY C 22 -3.59 1.53 10.85
CA GLY C 22 -2.79 0.43 10.36
C GLY C 22 -1.67 0.89 9.44
N LEU C 23 -1.21 2.11 9.67
CA LEU C 23 -0.14 2.70 8.88
C LEU C 23 1.17 2.83 9.63
N MET C 24 2.27 2.59 8.92
CA MET C 24 3.58 2.75 9.52
C MET C 24 4.53 3.20 8.42
N LEU C 25 5.37 4.16 8.76
CA LEU C 25 6.35 4.69 7.81
C LEU C 25 7.65 4.01 8.16
N VAL C 26 8.36 3.49 7.16
CA VAL C 26 9.62 2.82 7.41
C VAL C 26 10.73 3.47 6.59
N GLU C 27 11.85 3.78 7.23
CA GLU C 27 12.98 4.39 6.56
C GLU C 27 14.07 3.33 6.44
N PHE C 28 14.41 2.98 5.20
CA PHE C 28 15.49 2.02 4.97
C PHE C 28 16.70 2.89 4.69
N PHE C 29 17.78 2.66 5.44
CA PHE C 29 18.97 3.49 5.26
C PHE C 29 20.25 2.80 5.72
N ALA C 30 21.35 3.53 5.55
CA ALA C 30 22.68 3.07 5.97
C ALA C 30 23.23 4.30 6.68
N PRO C 31 23.90 4.10 7.82
CA PRO C 31 24.45 5.26 8.52
C PRO C 31 25.50 6.09 7.78
N TRP C 32 26.15 5.49 6.77
CA TRP C 32 27.16 6.24 6.04
C TRP C 32 26.57 7.21 5.01
N CYS C 33 25.31 7.00 4.65
CA CYS C 33 24.64 7.85 3.67
C CYS C 33 24.42 9.31 4.08
N GLY C 34 24.94 10.21 3.25
CA GLY C 34 24.79 11.63 3.52
C GLY C 34 23.34 12.04 3.63
N HIS C 35 22.51 11.71 2.64
CA HIS C 35 21.11 12.09 2.70
C HIS C 35 20.43 11.53 3.95
N ALA C 36 20.83 10.31 4.32
CA ALA C 36 20.27 9.66 5.51
C ALA C 36 20.58 10.49 6.77
N LYS C 37 21.83 10.90 6.90
CA LYS C 37 22.26 11.70 8.06
C LYS C 37 21.49 13.01 8.14
N ARG C 38 21.22 13.59 6.97
CA ARG C 38 20.50 14.85 6.87
C ARG C 38 19.04 14.69 7.27
N LEU C 39 18.45 13.54 6.96
CA LEU C 39 17.05 13.29 7.30
C LEU C 39 16.88 12.95 8.80
N ALA C 40 17.89 12.32 9.39
CA ALA C 40 17.83 11.92 10.80
C ALA C 40 17.10 12.92 11.70
N PRO C 41 17.60 14.16 11.81
CA PRO C 41 16.92 15.13 12.68
C PRO C 41 15.43 15.25 12.35
N GLU C 42 15.11 15.50 11.08
CA GLU C 42 13.73 15.63 10.65
C GLU C 42 12.89 14.41 11.03
N TYR C 43 13.40 13.23 10.70
CA TYR C 43 12.67 12.00 10.98
C TYR C 43 12.38 11.85 12.47
N GLU C 44 13.33 12.27 13.31
CA GLU C 44 13.15 12.17 14.76
C GLU C 44 12.02 13.10 15.18
N ALA C 45 11.99 14.27 14.56
CA ALA C 45 10.96 15.25 14.85
C ALA C 45 9.61 14.69 14.42
N ALA C 46 9.53 14.26 13.17
CA ALA C 46 8.29 13.71 12.64
C ALA C 46 7.73 12.60 13.55
N ALA C 47 8.59 11.65 13.90
CA ALA C 47 8.19 10.53 14.74
C ALA C 47 7.47 10.97 16.01
N THR C 48 8.10 11.87 16.75
CA THR C 48 7.50 12.36 17.99
C THR C 48 6.23 13.19 17.76
N ARG C 49 6.18 13.93 16.67
CA ARG C 49 5.01 14.75 16.38
C ARG C 49 3.87 13.93 15.76
N LEU C 50 4.08 12.64 15.60
CA LEU C 50 3.03 11.78 15.03
C LEU C 50 2.66 10.68 16.02
N LYS C 51 3.32 10.70 17.17
CA LYS C 51 3.10 9.72 18.23
C LYS C 51 1.59 9.49 18.41
N GLY C 52 1.18 8.23 18.35
CA GLY C 52 -0.23 7.92 18.49
C GLY C 52 -0.96 7.85 17.15
N ILE C 53 -0.68 8.83 16.27
CA ILE C 53 -1.31 8.86 14.96
C ILE C 53 -0.73 7.78 14.06
N VAL C 54 0.52 7.98 13.66
CA VAL C 54 1.22 7.02 12.80
C VAL C 54 2.65 6.79 13.29
N PRO C 55 3.03 5.52 13.52
CA PRO C 55 4.38 5.22 13.99
C PRO C 55 5.43 5.24 12.87
N LEU C 56 6.63 5.70 13.22
CA LEU C 56 7.74 5.75 12.27
C LEU C 56 8.84 4.80 12.71
N ALA C 57 9.38 4.03 11.77
CA ALA C 57 10.46 3.10 12.06
C ALA C 57 11.59 3.26 11.06
N LYS C 58 12.78 2.79 11.44
CA LYS C 58 13.92 2.84 10.56
C LYS C 58 14.67 1.51 10.62
N VAL C 59 15.12 1.06 9.45
CA VAL C 59 15.85 -0.18 9.33
C VAL C 59 17.24 0.09 8.78
N ASP C 60 18.25 -0.36 9.51
CA ASP C 60 19.62 -0.18 9.08
C ASP C 60 19.93 -1.35 8.15
N CYS C 61 19.92 -1.08 6.85
CA CYS C 61 20.17 -2.10 5.83
C CYS C 61 21.53 -2.80 5.90
N THR C 62 22.56 -2.11 6.35
CA THR C 62 23.88 -2.73 6.43
C THR C 62 23.79 -3.89 7.41
N ALA C 63 22.99 -3.69 8.45
CA ALA C 63 22.83 -4.73 9.45
C ALA C 63 21.63 -5.64 9.23
N ASN C 64 20.81 -5.37 8.22
CA ASN C 64 19.65 -6.24 7.99
C ASN C 64 19.39 -6.48 6.52
N THR C 65 20.38 -7.06 5.86
CA THR C 65 20.28 -7.35 4.43
C THR C 65 19.02 -8.09 3.97
N ASN C 66 18.45 -8.93 4.82
CA ASN C 66 17.26 -9.68 4.41
C ASN C 66 15.98 -8.88 4.26
N THR C 67 15.72 -7.95 5.18
CA THR C 67 14.50 -7.18 5.04
C THR C 67 14.64 -6.14 3.93
N CYS C 68 15.84 -5.60 3.73
CA CYS C 68 16.00 -4.60 2.68
C CYS C 68 15.91 -5.25 1.31
N ASN C 69 16.47 -6.45 1.18
CA ASN C 69 16.42 -7.18 -0.09
C ASN C 69 14.98 -7.55 -0.39
N LYS C 70 14.23 -7.92 0.65
CA LYS C 70 12.84 -8.31 0.46
C LYS C 70 12.01 -7.19 -0.16
N TYR C 71 12.25 -5.96 0.29
CA TYR C 71 11.51 -4.83 -0.23
C TYR C 71 12.24 -4.06 -1.32
N GLY C 72 13.21 -4.72 -1.94
CA GLY C 72 13.98 -4.12 -3.01
C GLY C 72 14.58 -2.74 -2.81
N VAL C 73 15.22 -2.53 -1.67
CA VAL C 73 15.85 -1.25 -1.41
C VAL C 73 17.19 -1.19 -2.16
N SER C 74 17.37 -0.15 -2.94
CA SER C 74 18.60 0.00 -3.71
C SER C 74 19.25 1.33 -3.40
N GLY C 75 18.55 2.19 -2.67
CA GLY C 75 19.08 3.49 -2.33
C GLY C 75 18.60 4.06 -1.00
N TYR C 76 19.42 4.90 -0.39
CA TYR C 76 19.09 5.47 0.91
C TYR C 76 18.97 6.98 0.84
N PRO C 77 17.96 7.55 1.51
CA PRO C 77 16.99 6.79 2.30
C PRO C 77 15.79 6.39 1.46
N THR C 78 15.19 5.25 1.77
CA THR C 78 14.00 4.82 1.05
C THR C 78 12.89 4.80 2.09
N LEU C 79 11.89 5.65 1.88
CA LEU C 79 10.75 5.73 2.78
C LEU C 79 9.57 4.97 2.18
N LYS C 80 9.09 3.97 2.90
CA LYS C 80 7.94 3.20 2.44
C LYS C 80 6.84 3.24 3.49
N ILE C 81 5.59 3.25 3.02
CA ILE C 81 4.46 3.25 3.92
C ILE C 81 3.90 1.84 3.90
N PHE C 82 3.63 1.30 5.08
CA PHE C 82 3.08 -0.03 5.16
C PHE C 82 1.67 0.05 5.76
N ARG C 83 0.76 -0.72 5.18
CA ARG C 83 -0.62 -0.75 5.65
C ARG C 83 -0.94 -2.16 6.09
N ASP C 84 -1.31 -2.31 7.36
CA ASP C 84 -1.65 -3.61 7.91
C ASP C 84 -0.55 -4.65 7.69
N GLY C 85 0.68 -4.20 7.47
CA GLY C 85 1.77 -5.14 7.30
C GLY C 85 2.30 -5.36 5.89
N GLU C 86 1.68 -4.75 4.89
CA GLU C 86 2.18 -4.92 3.54
C GLU C 86 2.55 -3.61 2.87
N GLU C 87 3.46 -3.67 1.92
CA GLU C 87 3.91 -2.49 1.20
C GLU C 87 2.73 -1.71 0.67
N ALA C 88 2.79 -0.39 0.79
CA ALA C 88 1.72 0.46 0.33
C ALA C 88 2.25 1.70 -0.38
N GLY C 89 3.22 1.49 -1.26
CA GLY C 89 3.78 2.62 -2.00
C GLY C 89 4.80 3.46 -1.25
N ALA C 90 5.73 4.03 -2.01
CA ALA C 90 6.77 4.86 -1.45
C ALA C 90 6.22 6.20 -0.98
N TYR C 91 6.97 6.88 -0.12
CA TYR C 91 6.57 8.18 0.37
C TYR C 91 7.07 9.24 -0.60
N ASP C 92 6.15 9.73 -1.42
CA ASP C 92 6.45 10.75 -2.44
C ASP C 92 6.38 12.16 -1.85
N GLY C 93 7.34 12.49 -0.98
CA GLY C 93 7.31 13.82 -0.38
C GLY C 93 8.66 14.41 -0.04
N PRO C 94 8.68 15.66 0.43
CA PRO C 94 9.94 16.31 0.79
C PRO C 94 10.44 15.63 2.06
N ARG C 95 11.75 15.59 2.22
CA ARG C 95 12.33 14.94 3.39
C ARG C 95 12.46 15.91 4.57
N THR C 96 11.33 16.48 4.99
CA THR C 96 11.29 17.41 6.11
C THR C 96 10.28 16.92 7.13
N ALA C 97 10.37 17.45 8.34
CA ALA C 97 9.44 17.06 9.39
C ALA C 97 8.02 17.45 8.98
N ASP C 98 7.87 18.71 8.59
CA ASP C 98 6.56 19.23 8.17
C ASP C 98 5.97 18.42 7.03
N GLY C 99 6.80 18.11 6.04
CA GLY C 99 6.32 17.35 4.90
C GLY C 99 5.82 15.97 5.29
N ILE C 100 6.56 15.30 6.16
CA ILE C 100 6.20 13.96 6.63
C ILE C 100 4.94 13.96 7.50
N VAL C 101 4.93 14.78 8.53
CA VAL C 101 3.78 14.85 9.43
C VAL C 101 2.46 15.14 8.69
N SER C 102 2.49 16.11 7.79
CA SER C 102 1.28 16.47 7.04
C SER C 102 0.77 15.35 6.14
N HIS C 103 1.67 14.80 5.32
CA HIS C 103 1.30 13.73 4.40
C HIS C 103 0.68 12.54 5.13
N LEU C 104 1.36 12.08 6.18
CA LEU C 104 0.86 10.94 6.92
C LEU C 104 -0.44 11.23 7.65
N LYS C 105 -0.62 12.47 8.10
CA LYS C 105 -1.86 12.82 8.80
C LYS C 105 -3.02 12.69 7.83
N LYS C 106 -2.80 13.11 6.59
CA LYS C 106 -3.84 13.02 5.57
C LYS C 106 -4.00 11.55 5.20
N GLN C 107 -2.88 10.85 5.11
CA GLN C 107 -2.84 9.42 4.79
C GLN C 107 -3.56 8.58 5.84
N ALA C 108 -3.47 9.01 7.10
CA ALA C 108 -4.12 8.32 8.21
C ALA C 108 -5.62 8.60 8.17
N GLY C 109 -6.11 8.86 6.96
CA GLY C 109 -7.51 9.16 6.75
C GLY C 109 -8.28 9.59 7.97
N PRO C 110 -9.55 9.17 8.11
CA PRO C 110 -10.26 8.32 7.14
C PRO C 110 -10.08 8.98 5.78
N ALA C 111 -10.37 8.25 4.69
CA ALA C 111 -10.22 8.86 3.38
C ALA C 111 -10.89 10.24 3.40
N SER C 112 -12.11 10.29 3.93
CA SER C 112 -12.83 11.55 4.01
C SER C 112 -13.14 11.87 5.47
N VAL C 113 -12.78 13.06 5.89
CA VAL C 113 -13.00 13.48 7.27
C VAL C 113 -14.41 14.00 7.49
N PRO C 114 -15.13 13.36 8.43
CA PRO C 114 -16.50 13.75 8.75
C PRO C 114 -16.49 15.04 9.56
N LEU C 115 -17.36 15.97 9.20
CA LEU C 115 -17.45 17.24 9.91
C LEU C 115 -18.77 17.26 10.66
N ARG C 116 -18.68 17.38 11.99
CA ARG C 116 -19.86 17.35 12.84
C ARG C 116 -20.37 18.71 13.28
N THR C 117 -19.52 19.73 13.18
CA THR C 117 -19.91 21.07 13.60
C THR C 117 -19.33 22.11 12.66
N GLU C 118 -20.00 23.27 12.56
CA GLU C 118 -19.50 24.35 11.70
C GLU C 118 -18.07 24.69 12.12
N GLU C 119 -17.78 24.52 13.40
CA GLU C 119 -16.44 24.80 13.92
C GLU C 119 -15.42 23.87 13.26
N GLU C 120 -15.74 22.58 13.20
CA GLU C 120 -14.86 21.61 12.57
C GLU C 120 -14.74 21.96 11.08
N PHE C 121 -15.88 22.31 10.48
CA PHE C 121 -15.92 22.68 9.08
C PHE C 121 -15.00 23.87 8.82
N LYS C 122 -15.30 25.01 9.43
CA LYS C 122 -14.49 26.21 9.26
C LYS C 122 -13.00 25.89 9.41
N LYS C 123 -12.68 25.03 10.37
CA LYS C 123 -11.29 24.66 10.61
C LYS C 123 -10.71 23.77 9.52
N PHE C 124 -11.55 22.99 8.86
CA PHE C 124 -11.06 22.10 7.82
C PHE C 124 -10.68 22.86 6.55
N ILE C 125 -11.50 23.85 6.18
CA ILE C 125 -11.24 24.63 4.96
C ILE C 125 -10.41 25.88 5.23
N SER C 126 -9.64 25.86 6.31
CA SER C 126 -8.77 26.97 6.66
C SER C 126 -7.34 26.49 6.50
N ASP C 127 -7.18 25.40 5.75
CA ASP C 127 -5.89 24.80 5.49
C ASP C 127 -5.21 25.53 4.34
N LYS C 128 -3.90 25.29 4.18
CA LYS C 128 -3.14 25.92 3.12
C LYS C 128 -3.41 25.24 1.78
N ASP C 129 -3.89 24.01 1.83
CA ASP C 129 -4.24 23.25 0.62
C ASP C 129 -5.74 23.37 0.36
N ALA C 130 -6.17 22.96 -0.82
CA ALA C 130 -7.58 23.04 -1.18
C ALA C 130 -8.41 22.04 -0.36
N SER C 131 -9.72 22.18 -0.42
CA SER C 131 -10.61 21.29 0.31
C SER C 131 -11.76 20.80 -0.56
N ILE C 132 -11.96 19.48 -0.58
CA ILE C 132 -13.03 18.86 -1.35
C ILE C 132 -14.03 18.43 -0.29
N VAL C 133 -15.13 19.16 -0.18
CA VAL C 133 -16.14 18.86 0.82
C VAL C 133 -17.48 18.39 0.25
N GLY C 134 -17.91 17.21 0.71
CA GLY C 134 -19.18 16.63 0.29
C GLY C 134 -20.29 16.96 1.28
N PHE C 135 -21.45 17.33 0.75
CA PHE C 135 -22.60 17.68 1.58
C PHE C 135 -23.76 16.72 1.31
N PHE C 136 -24.07 15.90 2.31
CA PHE C 136 -25.13 14.89 2.19
C PHE C 136 -26.01 14.82 3.45
N ASP C 137 -27.32 14.97 3.26
CA ASP C 137 -28.24 14.89 4.39
C ASP C 137 -28.84 13.48 4.53
N ASP C 138 -28.55 12.62 3.56
CA ASP C 138 -29.05 11.24 3.60
C ASP C 138 -27.91 10.24 3.78
N SER C 139 -28.00 9.49 4.87
CA SER C 139 -26.98 8.51 5.22
C SER C 139 -26.85 7.37 4.19
N PHE C 140 -27.91 7.07 3.46
CA PHE C 140 -27.87 5.98 2.49
C PHE C 140 -27.80 6.40 1.03
N SER C 141 -27.38 7.63 0.77
CA SER C 141 -27.30 8.13 -0.60
C SER C 141 -26.22 7.44 -1.43
N GLU C 142 -26.51 7.25 -2.70
CA GLU C 142 -25.57 6.65 -3.60
C GLU C 142 -24.45 7.66 -3.89
N ALA C 143 -24.83 8.94 -3.90
CA ALA C 143 -23.87 10.01 -4.14
C ALA C 143 -22.81 10.04 -3.06
N HIS C 144 -23.25 10.02 -1.80
CA HIS C 144 -22.34 10.02 -0.67
C HIS C 144 -21.38 8.82 -0.77
N SER C 145 -21.88 7.72 -1.33
CA SER C 145 -21.06 6.53 -1.49
C SER C 145 -20.02 6.76 -2.57
N GLU C 146 -20.46 7.27 -3.72
CA GLU C 146 -19.55 7.55 -4.83
C GLU C 146 -18.46 8.54 -4.38
N PHE C 147 -18.84 9.45 -3.48
CA PHE C 147 -17.91 10.45 -2.96
C PHE C 147 -16.80 9.76 -2.19
N LEU C 148 -17.18 8.83 -1.32
CA LEU C 148 -16.22 8.07 -0.52
C LEU C 148 -15.31 7.21 -1.38
N LYS C 149 -15.81 6.71 -2.51
CA LYS C 149 -14.97 5.92 -3.42
C LYS C 149 -13.88 6.83 -3.92
N ALA C 150 -14.26 8.04 -4.31
CA ALA C 150 -13.29 9.01 -4.81
C ALA C 150 -12.26 9.28 -3.71
N ALA C 151 -12.75 9.63 -2.52
CA ALA C 151 -11.88 9.92 -1.40
C ALA C 151 -10.79 8.87 -1.29
N SER C 152 -11.18 7.60 -1.26
CA SER C 152 -10.20 6.52 -1.17
C SER C 152 -9.20 6.53 -2.33
N ASN C 153 -9.72 6.64 -3.54
CA ASN C 153 -8.88 6.66 -4.72
C ASN C 153 -7.90 7.82 -4.73
N LEU C 154 -8.40 9.01 -4.39
CA LEU C 154 -7.61 10.22 -4.42
C LEU C 154 -7.01 10.77 -3.13
N ARG C 155 -7.35 10.16 -1.99
CA ARG C 155 -6.86 10.64 -0.69
C ARG C 155 -5.36 10.93 -0.69
N ASP C 156 -4.67 10.37 -1.68
CA ASP C 156 -3.23 10.52 -1.82
C ASP C 156 -2.84 11.91 -2.30
N ASN C 157 -3.74 12.57 -3.03
CA ASN C 157 -3.44 13.88 -3.56
C ASN C 157 -4.33 15.02 -3.10
N TYR C 158 -5.48 14.69 -2.51
CA TYR C 158 -6.40 15.74 -2.06
C TYR C 158 -6.97 15.53 -0.67
N ARG C 159 -7.46 16.62 -0.08
CA ARG C 159 -8.04 16.61 1.26
C ARG C 159 -9.56 16.51 1.14
N PHE C 160 -10.10 15.41 1.65
CA PHE C 160 -11.53 15.15 1.60
C PHE C 160 -12.23 15.27 2.95
N ALA C 161 -13.47 15.74 2.91
CA ALA C 161 -14.31 15.90 4.09
C ALA C 161 -15.75 15.89 3.63
N HIS C 162 -16.65 15.54 4.54
CA HIS C 162 -18.07 15.48 4.23
C HIS C 162 -18.84 15.78 5.51
N THR C 163 -20.09 16.20 5.37
CA THR C 163 -20.87 16.53 6.55
C THR C 163 -22.35 16.42 6.27
N ASN C 164 -23.13 16.29 7.32
CA ASN C 164 -24.58 16.19 7.20
C ASN C 164 -25.19 17.28 8.05
N VAL C 165 -24.33 18.03 8.73
CA VAL C 165 -24.76 19.13 9.58
C VAL C 165 -25.77 20.00 8.84
N GLU C 166 -27.00 20.03 9.34
CA GLU C 166 -28.11 20.79 8.76
C GLU C 166 -27.68 22.11 8.11
N SER C 167 -27.11 23.02 8.90
CA SER C 167 -26.66 24.30 8.39
C SER C 167 -25.87 24.16 7.10
N LEU C 168 -24.69 23.56 7.23
CA LEU C 168 -23.81 23.36 6.08
C LEU C 168 -24.51 22.80 4.86
N VAL C 169 -25.16 21.65 5.00
CA VAL C 169 -25.84 21.02 3.86
C VAL C 169 -26.78 21.99 3.15
N ASN C 170 -27.51 22.79 3.94
CA ASN C 170 -28.46 23.77 3.39
C ASN C 170 -27.78 24.89 2.62
N GLU C 171 -26.77 25.50 3.25
CA GLU C 171 -26.04 26.60 2.63
C GLU C 171 -25.30 26.24 1.35
N TYR C 172 -24.82 25.00 1.22
CA TYR C 172 -24.07 24.63 0.03
C TYR C 172 -24.76 23.76 -1.02
N ASP C 173 -26.06 23.53 -0.88
CA ASP C 173 -26.80 22.75 -1.86
C ASP C 173 -28.31 22.89 -1.62
N ASP C 174 -29.09 22.56 -2.64
CA ASP C 174 -30.54 22.65 -2.56
C ASP C 174 -31.14 21.26 -2.42
N ASN C 175 -30.62 20.35 -3.24
CA ASN C 175 -31.06 18.96 -3.31
C ASN C 175 -30.49 18.02 -2.24
N GLY C 176 -29.85 18.59 -1.21
CA GLY C 176 -29.31 17.77 -0.15
C GLY C 176 -28.06 16.96 -0.48
N GLU C 177 -27.46 17.20 -1.63
CA GLU C 177 -26.24 16.48 -1.99
C GLU C 177 -25.41 17.19 -3.05
N GLY C 178 -24.28 17.74 -2.59
CA GLY C 178 -23.40 18.45 -3.49
C GLY C 178 -21.95 18.32 -3.05
N ILE C 179 -21.05 18.84 -3.87
CA ILE C 179 -19.64 18.79 -3.58
C ILE C 179 -19.04 20.16 -3.88
N ILE C 180 -18.42 20.75 -2.89
CA ILE C 180 -17.80 22.06 -3.05
C ILE C 180 -16.30 21.94 -2.92
N LEU C 181 -15.60 22.57 -3.86
CA LEU C 181 -14.14 22.56 -3.84
C LEU C 181 -13.77 23.95 -3.31
N PHE C 182 -12.92 23.97 -2.28
CA PHE C 182 -12.49 25.22 -1.68
C PHE C 182 -11.01 25.48 -1.92
N ARG C 183 -10.70 26.58 -2.61
CA ARG C 183 -9.31 26.94 -2.87
C ARG C 183 -8.77 27.66 -1.64
N PRO C 184 -7.47 27.47 -1.32
CA PRO C 184 -6.86 28.12 -0.16
C PRO C 184 -7.26 29.58 -0.10
N SER C 185 -7.78 30.03 1.04
CA SER C 185 -8.25 31.42 1.16
C SER C 185 -7.14 32.45 0.98
N HIS C 186 -5.90 32.08 1.31
CA HIS C 186 -4.81 33.04 1.16
C HIS C 186 -4.50 33.31 -0.31
N LEU C 187 -5.15 32.57 -1.21
CA LEU C 187 -4.95 32.75 -2.62
C LEU C 187 -6.21 33.35 -3.23
N THR C 188 -7.16 33.69 -2.37
CA THR C 188 -8.40 34.30 -2.82
C THR C 188 -8.04 35.48 -3.71
N ASN C 189 -8.83 35.73 -4.74
CA ASN C 189 -8.50 36.82 -5.65
C ASN C 189 -9.65 37.27 -6.54
N LYS C 190 -9.65 38.55 -6.88
CA LYS C 190 -10.70 39.13 -7.72
C LYS C 190 -10.81 38.60 -9.14
N PHE C 191 -10.02 37.57 -9.49
CA PHE C 191 -10.05 37.04 -10.85
C PHE C 191 -10.81 35.72 -11.02
N GLU C 192 -11.10 35.07 -9.91
CA GLU C 192 -11.82 33.80 -9.93
C GLU C 192 -12.43 33.51 -8.55
N ASP C 193 -13.56 32.83 -8.57
CA ASP C 193 -14.26 32.47 -7.35
C ASP C 193 -13.37 31.60 -6.48
N LYS C 194 -13.56 31.68 -5.17
CA LYS C 194 -12.75 30.90 -4.23
C LYS C 194 -13.27 29.47 -4.01
N THR C 195 -14.48 29.21 -4.52
CA THR C 195 -15.11 27.91 -4.41
C THR C 195 -15.73 27.54 -5.76
N VAL C 196 -15.75 26.24 -6.05
CA VAL C 196 -16.32 25.75 -7.30
C VAL C 196 -17.26 24.60 -7.00
N ALA C 197 -18.47 24.71 -7.50
CA ALA C 197 -19.48 23.69 -7.27
C ALA C 197 -19.53 22.63 -8.36
N TYR C 198 -19.74 21.39 -7.93
CA TYR C 198 -19.87 20.26 -8.83
C TYR C 198 -21.27 20.42 -9.45
N THR C 199 -21.37 20.33 -10.78
CA THR C 199 -22.66 20.52 -11.43
C THR C 199 -23.17 19.36 -12.26
N GLU C 200 -22.39 18.29 -12.35
CA GLU C 200 -22.82 17.13 -13.12
C GLU C 200 -24.14 16.64 -12.54
N GLN C 201 -25.05 16.21 -13.41
CA GLN C 201 -26.35 15.70 -12.99
C GLN C 201 -26.14 14.53 -12.03
N LYS C 202 -25.41 13.53 -12.51
CA LYS C 202 -25.15 12.35 -11.70
C LYS C 202 -23.81 12.50 -11.00
N MET C 203 -23.66 11.82 -9.87
CA MET C 203 -22.44 11.90 -9.09
C MET C 203 -21.72 10.55 -9.06
N THR C 204 -20.60 10.45 -9.75
CA THR C 204 -19.84 9.20 -9.76
C THR C 204 -18.40 9.47 -9.38
N SER C 205 -17.74 8.47 -8.82
CA SER C 205 -16.35 8.64 -8.43
C SER C 205 -15.49 9.16 -9.58
N GLY C 206 -15.67 8.58 -10.76
CA GLY C 206 -14.90 9.00 -11.93
C GLY C 206 -15.15 10.44 -12.30
N LYS C 207 -16.41 10.83 -12.35
CA LYS C 207 -16.75 12.21 -12.68
C LYS C 207 -16.17 13.13 -11.60
N ILE C 208 -16.21 12.70 -10.34
CA ILE C 208 -15.69 13.50 -9.24
C ILE C 208 -14.20 13.73 -9.43
N LYS C 209 -13.48 12.64 -9.70
CA LYS C 209 -12.04 12.72 -9.90
C LYS C 209 -11.67 13.68 -11.01
N LYS C 210 -12.40 13.64 -12.12
CA LYS C 210 -12.13 14.55 -13.22
C LYS C 210 -12.46 15.98 -12.82
N PHE C 211 -13.55 16.14 -12.09
CA PHE C 211 -13.96 17.47 -11.63
C PHE C 211 -12.87 18.06 -10.73
N ILE C 212 -12.30 17.24 -9.85
CA ILE C 212 -11.24 17.72 -8.95
C ILE C 212 -10.05 18.21 -9.79
N GLN C 213 -9.43 17.29 -10.52
CA GLN C 213 -8.27 17.62 -11.34
C GLN C 213 -8.43 18.88 -12.16
N GLU C 214 -9.63 19.06 -12.71
CA GLU C 214 -9.92 20.20 -13.57
C GLU C 214 -10.13 21.55 -12.87
N ASN C 215 -10.34 21.56 -11.56
CA ASN C 215 -10.57 22.85 -10.92
C ASN C 215 -9.82 23.27 -9.67
N ILE C 216 -9.14 22.34 -8.99
CA ILE C 216 -8.45 22.71 -7.75
C ILE C 216 -7.46 23.87 -7.83
N PHE C 217 -6.73 23.96 -8.93
CA PHE C 217 -5.73 25.00 -9.06
C PHE C 217 -6.17 26.38 -9.50
N GLY C 218 -7.26 26.49 -10.24
CA GLY C 218 -7.66 27.82 -10.68
C GLY C 218 -6.78 28.26 -11.85
N ILE C 219 -6.88 29.54 -12.24
CA ILE C 219 -6.10 30.05 -13.37
C ILE C 219 -4.66 30.40 -13.10
N CYS C 220 -4.41 31.09 -12.00
CA CYS C 220 -3.05 31.43 -11.70
C CYS C 220 -2.62 30.86 -10.36
N PRO C 221 -2.32 29.55 -10.34
CA PRO C 221 -1.90 28.89 -9.11
C PRO C 221 -0.46 29.23 -8.76
N HIS C 222 -0.07 28.84 -7.55
CA HIS C 222 1.27 29.06 -7.05
C HIS C 222 1.99 27.74 -7.28
N MET C 223 2.91 27.73 -8.23
CA MET C 223 3.64 26.53 -8.55
C MET C 223 4.72 26.24 -7.52
N THR C 224 4.61 25.10 -6.86
CA THR C 224 5.56 24.67 -5.84
C THR C 224 6.21 23.35 -6.28
N GLU C 225 7.27 22.93 -5.59
CA GLU C 225 7.95 21.68 -5.92
C GLU C 225 6.96 20.51 -5.83
N ASP C 226 5.90 20.73 -5.05
CA ASP C 226 4.89 19.72 -4.85
C ASP C 226 3.89 19.55 -6.00
N ASN C 227 3.50 20.65 -6.63
CA ASN C 227 2.53 20.59 -7.71
C ASN C 227 3.06 20.95 -9.11
N LYS C 228 4.36 21.16 -9.24
CA LYS C 228 4.90 21.55 -10.55
C LYS C 228 4.63 20.56 -11.67
N ASP C 229 4.73 19.28 -11.39
CA ASP C 229 4.49 18.26 -12.40
C ASP C 229 3.05 18.25 -12.87
N LEU C 230 2.18 18.96 -12.16
CA LEU C 230 0.75 19.06 -12.50
C LEU C 230 0.49 20.33 -13.27
N ILE C 231 1.41 21.28 -13.17
CA ILE C 231 1.24 22.58 -13.82
C ILE C 231 2.04 22.78 -15.08
N GLN C 232 3.25 22.24 -15.14
CA GLN C 232 4.09 22.37 -16.32
C GLN C 232 3.74 21.34 -17.40
N GLY C 233 4.15 21.61 -18.64
CA GLY C 233 3.86 20.69 -19.73
C GLY C 233 3.00 21.30 -20.83
N LYS C 234 2.04 22.14 -20.42
CA LYS C 234 1.13 22.79 -21.36
C LYS C 234 1.64 24.22 -21.61
N ASP C 235 0.97 24.96 -22.49
CA ASP C 235 1.39 26.34 -22.74
C ASP C 235 1.31 27.00 -21.37
N LEU C 236 2.45 27.47 -20.85
CA LEU C 236 2.45 28.06 -19.53
C LEU C 236 3.27 29.33 -19.37
N LEU C 237 2.66 30.32 -18.74
CA LEU C 237 3.34 31.56 -18.48
C LEU C 237 3.62 31.55 -16.99
N ILE C 238 4.87 31.79 -16.63
CA ILE C 238 5.29 31.79 -15.24
C ILE C 238 5.92 33.13 -14.88
N ALA C 239 5.42 33.72 -13.80
CA ALA C 239 5.97 34.97 -13.32
C ALA C 239 6.81 34.53 -12.14
N TYR C 240 8.11 34.78 -12.19
CA TYR C 240 9.00 34.40 -11.11
C TYR C 240 9.35 35.61 -10.21
N TYR C 241 9.36 35.40 -8.90
CA TYR C 241 9.71 36.45 -7.97
C TYR C 241 9.80 35.93 -6.55
N ASP C 242 9.72 36.81 -5.57
CA ASP C 242 9.83 36.43 -4.17
C ASP C 242 8.52 35.86 -3.63
N VAL C 243 8.08 34.75 -4.20
CA VAL C 243 6.85 34.13 -3.74
C VAL C 243 7.12 33.27 -2.52
N ASP C 244 6.52 33.66 -1.39
CA ASP C 244 6.68 32.94 -0.11
C ASP C 244 5.64 33.52 0.83
N TYR C 245 4.43 32.95 0.77
CA TYR C 245 3.32 33.41 1.61
C TYR C 245 3.53 33.43 3.11
N GLU C 246 4.57 32.76 3.61
CA GLU C 246 4.84 32.77 5.03
C GLU C 246 5.49 34.10 5.38
N LYS C 247 6.81 34.11 5.38
CA LYS C 247 7.57 35.31 5.70
C LYS C 247 7.35 36.47 4.72
N ASN C 248 6.40 36.30 3.80
CA ASN C 248 6.09 37.34 2.83
C ASN C 248 4.89 37.01 1.95
N ALA C 249 3.70 37.21 2.50
CA ALA C 249 2.47 36.95 1.77
C ALA C 249 1.97 38.25 1.18
N LYS C 250 1.79 39.24 2.05
CA LYS C 250 1.30 40.56 1.66
C LYS C 250 1.85 40.94 0.28
N GLY C 251 3.16 40.82 0.12
CA GLY C 251 3.76 41.15 -1.16
C GLY C 251 3.29 40.19 -2.23
N SER C 252 3.49 38.90 -1.98
CA SER C 252 3.09 37.85 -2.91
C SER C 252 1.83 38.21 -3.69
N ASN C 253 0.72 38.40 -2.98
CA ASN C 253 -0.53 38.74 -3.63
C ASN C 253 -0.40 39.99 -4.50
N TYR C 254 0.37 40.96 -4.03
CA TYR C 254 0.56 42.21 -4.76
C TYR C 254 0.95 41.96 -6.20
N TRP C 255 1.91 41.07 -6.41
CA TRP C 255 2.36 40.75 -7.76
C TRP C 255 1.41 39.77 -8.43
N ARG C 256 1.04 38.70 -7.73
CA ARG C 256 0.13 37.71 -8.29
C ARG C 256 -1.16 38.39 -8.77
N ASN C 257 -1.65 39.35 -8.00
CA ASN C 257 -2.88 40.06 -8.37
C ASN C 257 -2.73 40.85 -9.68
N ARG C 258 -1.54 41.36 -9.93
CA ARG C 258 -1.33 42.12 -11.14
C ARG C 258 -1.20 41.18 -12.33
N VAL C 259 -0.63 40.01 -12.08
CA VAL C 259 -0.48 39.00 -13.13
C VAL C 259 -1.87 38.51 -13.54
N MET C 260 -2.68 38.11 -12.55
CA MET C 260 -4.04 37.63 -12.81
C MET C 260 -4.91 38.70 -13.44
N MET C 261 -4.59 39.96 -13.13
CA MET C 261 -5.32 41.12 -13.64
C MET C 261 -5.31 41.16 -15.16
N VAL C 262 -4.14 40.91 -15.72
CA VAL C 262 -3.98 40.90 -17.17
C VAL C 262 -4.49 39.58 -17.72
N ALA C 263 -4.10 38.49 -17.05
CA ALA C 263 -4.48 37.15 -17.46
C ALA C 263 -5.98 37.05 -17.72
N LYS C 264 -6.77 37.48 -16.74
CA LYS C 264 -8.22 37.41 -16.84
C LYS C 264 -8.74 38.04 -18.12
N LYS C 265 -8.24 39.23 -18.45
CA LYS C 265 -8.68 39.90 -19.66
C LYS C 265 -8.50 38.99 -20.88
N PHE C 266 -7.28 38.53 -21.11
CA PHE C 266 -6.99 37.66 -22.25
C PHE C 266 -7.76 36.35 -22.17
N LEU C 267 -7.91 35.84 -20.94
CA LEU C 267 -8.62 34.59 -20.72
C LEU C 267 -10.10 34.73 -21.06
N ASP C 268 -10.74 35.78 -20.55
CA ASP C 268 -12.15 36.00 -20.81
C ASP C 268 -12.39 36.29 -22.29
N ALA C 269 -11.38 36.87 -22.94
CA ALA C 269 -11.47 37.19 -24.35
C ALA C 269 -11.33 35.93 -25.20
N GLY C 270 -11.12 34.78 -24.55
CA GLY C 270 -10.99 33.53 -25.29
C GLY C 270 -9.61 32.94 -25.51
N HIS C 271 -8.56 33.75 -25.40
CA HIS C 271 -7.19 33.25 -25.60
C HIS C 271 -6.90 32.05 -24.73
N LYS C 272 -6.03 31.18 -25.21
CA LYS C 272 -5.67 29.97 -24.46
C LYS C 272 -4.23 29.99 -23.98
N LEU C 273 -4.08 29.86 -22.66
CA LEU C 273 -2.77 29.88 -22.02
C LEU C 273 -2.95 29.71 -20.51
N ASN C 274 -2.06 28.96 -19.87
CA ASN C 274 -2.12 28.73 -18.44
C ASN C 274 -1.15 29.71 -17.75
N PHE C 275 -1.50 30.12 -16.54
CA PHE C 275 -0.66 31.06 -15.79
C PHE C 275 -0.27 30.48 -14.44
N ALA C 276 0.80 31.00 -13.87
CA ALA C 276 1.26 30.55 -12.57
C ALA C 276 2.38 31.45 -12.06
N VAL C 277 2.51 31.55 -10.74
CA VAL C 277 3.57 32.35 -10.13
C VAL C 277 4.45 31.35 -9.40
N ALA C 278 5.76 31.63 -9.33
CA ALA C 278 6.67 30.72 -8.65
C ALA C 278 7.89 31.42 -8.06
N SER C 279 8.41 30.82 -7.00
CA SER C 279 9.57 31.35 -6.30
C SER C 279 10.82 31.37 -7.17
N ARG C 280 11.40 32.56 -7.31
CA ARG C 280 12.62 32.76 -8.08
C ARG C 280 13.74 31.89 -7.51
N LYS C 281 13.62 31.54 -6.23
CA LYS C 281 14.61 30.73 -5.55
C LYS C 281 14.39 29.24 -5.72
N THR C 282 13.17 28.79 -5.44
CA THR C 282 12.86 27.37 -5.54
C THR C 282 13.09 26.84 -6.95
N PHE C 283 12.94 27.71 -7.94
CA PHE C 283 13.11 27.31 -9.32
C PHE C 283 14.22 28.05 -10.04
N SER C 284 15.15 28.56 -9.25
CA SER C 284 16.28 29.29 -9.79
C SER C 284 16.96 28.48 -10.88
N HIS C 285 16.99 27.16 -10.72
CA HIS C 285 17.64 26.32 -11.71
C HIS C 285 16.95 26.34 -13.07
N GLU C 286 15.71 26.81 -13.11
CA GLU C 286 14.94 26.88 -14.36
C GLU C 286 15.14 28.22 -15.06
N LEU C 287 15.48 29.25 -14.28
CA LEU C 287 15.66 30.58 -14.84
C LEU C 287 16.67 30.69 -15.99
N SER C 288 17.65 29.80 -16.01
CA SER C 288 18.67 29.85 -17.07
C SER C 288 18.13 29.43 -18.42
N ASP C 289 17.08 28.61 -18.44
CA ASP C 289 16.49 28.15 -19.69
C ASP C 289 15.85 29.31 -20.45
N PHE C 290 15.62 30.41 -19.74
CA PHE C 290 15.00 31.59 -20.35
C PHE C 290 15.97 32.77 -20.39
N GLY C 291 17.20 32.56 -19.95
CA GLY C 291 18.18 33.64 -19.98
C GLY C 291 18.00 34.68 -18.89
N LEU C 292 17.42 34.27 -17.77
CA LEU C 292 17.19 35.15 -16.63
C LEU C 292 18.10 34.75 -15.48
N GLU C 293 18.46 35.69 -14.61
CA GLU C 293 19.34 35.39 -13.50
C GLU C 293 18.81 35.85 -12.16
N SER C 294 19.14 35.09 -11.12
CA SER C 294 18.68 35.38 -9.76
C SER C 294 19.09 36.78 -9.31
N THR C 295 18.30 37.78 -9.72
CA THR C 295 18.55 39.16 -9.35
C THR C 295 18.09 39.35 -7.91
N ALA C 296 17.48 38.31 -7.36
CA ALA C 296 16.97 38.32 -5.99
C ALA C 296 16.21 39.60 -5.64
N GLY C 297 15.93 40.41 -6.65
CA GLY C 297 15.21 41.65 -6.43
C GLY C 297 13.74 41.35 -6.23
N GLU C 298 12.89 42.37 -6.29
CA GLU C 298 11.45 42.15 -6.11
C GLU C 298 10.69 42.20 -7.42
N ILE C 299 11.32 42.76 -8.46
CA ILE C 299 10.67 42.85 -9.76
C ILE C 299 10.50 41.46 -10.32
N PRO C 300 9.27 41.07 -10.67
CA PRO C 300 8.96 39.75 -11.23
C PRO C 300 9.31 39.61 -12.71
N VAL C 301 9.93 38.49 -13.07
CA VAL C 301 10.30 38.22 -14.45
C VAL C 301 9.33 37.21 -15.07
N VAL C 302 8.90 37.45 -16.30
CA VAL C 302 7.95 36.58 -16.97
C VAL C 302 8.56 35.82 -18.14
N ALA C 303 8.07 34.60 -18.35
CA ALA C 303 8.56 33.75 -19.44
C ALA C 303 7.57 32.63 -19.74
N ILE C 304 7.29 32.41 -21.03
CA ILE C 304 6.37 31.37 -21.46
C ILE C 304 7.10 30.17 -22.07
N ARG C 305 6.61 28.97 -21.78
CA ARG C 305 7.17 27.76 -22.36
C ARG C 305 5.96 27.05 -22.96
N THR C 306 5.91 26.98 -24.28
CA THR C 306 4.79 26.31 -24.95
C THR C 306 4.87 24.81 -24.71
N ALA C 307 3.74 24.12 -24.84
CA ALA C 307 3.72 22.68 -24.64
C ALA C 307 4.76 22.03 -25.56
N LYS C 308 4.96 22.64 -26.73
CA LYS C 308 5.93 22.16 -27.71
C LYS C 308 7.28 22.22 -27.02
N GLY C 309 7.75 23.43 -26.78
CA GLY C 309 9.02 23.65 -26.13
C GLY C 309 9.48 25.08 -26.35
N GLU C 310 8.75 25.79 -27.21
CA GLU C 310 9.06 27.19 -27.53
C GLU C 310 9.23 27.98 -26.24
N LYS C 311 10.15 28.94 -26.25
CA LYS C 311 10.38 29.75 -25.07
C LYS C 311 10.31 31.20 -25.46
N PHE C 312 9.45 31.95 -24.78
CA PHE C 312 9.28 33.38 -25.02
C PHE C 312 9.52 34.10 -23.72
N VAL C 313 10.41 35.09 -23.74
CA VAL C 313 10.73 35.82 -22.55
C VAL C 313 10.41 37.30 -22.63
N MET C 314 9.65 37.78 -21.65
CA MET C 314 9.31 39.19 -21.61
C MET C 314 10.61 39.96 -21.39
N GLN C 315 10.90 40.88 -22.30
CA GLN C 315 12.12 41.68 -22.23
C GLN C 315 11.89 42.95 -21.41
N GLU C 316 10.79 43.63 -21.71
CA GLU C 316 10.40 44.86 -21.02
C GLU C 316 10.27 44.55 -19.54
N GLU C 317 10.62 45.50 -18.68
CA GLU C 317 10.50 45.23 -17.24
C GLU C 317 9.02 45.16 -16.84
N PHE C 318 8.73 44.47 -15.74
CA PHE C 318 7.36 44.32 -15.27
C PHE C 318 6.80 45.62 -14.68
N SER C 319 5.81 46.17 -15.36
CA SER C 319 5.19 47.41 -14.91
C SER C 319 4.13 47.12 -13.85
N ARG C 320 4.14 47.88 -12.75
CA ARG C 320 3.15 47.68 -11.71
C ARG C 320 1.78 48.05 -12.26
N ASP C 321 1.76 48.37 -13.56
CA ASP C 321 0.54 48.75 -14.27
C ASP C 321 -0.11 47.51 -14.86
N GLY C 322 0.75 46.62 -15.34
CA GLY C 322 0.28 45.39 -15.96
C GLY C 322 0.27 45.58 -17.46
N LYS C 323 0.43 46.82 -17.88
CA LYS C 323 0.44 47.17 -19.29
C LYS C 323 1.61 46.48 -19.98
N ALA C 324 2.75 46.39 -19.29
CA ALA C 324 3.93 45.73 -19.85
C ALA C 324 3.58 44.27 -20.13
N LEU C 325 3.04 43.60 -19.12
CA LEU C 325 2.65 42.20 -19.23
C LEU C 325 1.55 42.03 -20.28
N GLU C 326 0.68 43.04 -20.38
CA GLU C 326 -0.41 43.01 -21.35
C GLU C 326 0.13 43.10 -22.77
N ARG C 327 1.21 43.86 -22.92
CA ARG C 327 1.85 44.06 -24.23
C ARG C 327 2.48 42.74 -24.69
N PHE C 328 3.27 42.15 -23.79
CA PHE C 328 3.95 40.88 -24.02
C PHE C 328 2.95 39.78 -24.43
N LEU C 329 1.80 39.75 -23.77
CA LEU C 329 0.77 38.76 -24.07
C LEU C 329 0.13 39.03 -25.42
N GLN C 330 -0.12 40.30 -25.70
CA GLN C 330 -0.71 40.68 -26.99
C GLN C 330 0.19 40.15 -28.09
N ASP C 331 1.46 40.56 -28.06
CA ASP C 331 2.42 40.09 -29.05
C ASP C 331 2.48 38.57 -29.08
N TYR C 332 2.52 37.94 -27.92
CA TYR C 332 2.57 36.47 -27.86
C TYR C 332 1.43 35.89 -28.68
N PHE C 333 0.20 36.34 -28.40
CA PHE C 333 -0.98 35.84 -29.10
C PHE C 333 -1.02 36.25 -30.57
N ASP C 334 -0.37 37.36 -30.91
CA ASP C 334 -0.35 37.83 -32.28
C ASP C 334 0.85 37.30 -33.06
N GLY C 335 1.64 36.44 -32.41
CA GLY C 335 2.81 35.87 -33.08
C GLY C 335 3.92 36.86 -33.37
N ASN C 336 3.98 37.92 -32.57
CA ASN C 336 4.98 38.97 -32.72
C ASN C 336 6.32 38.76 -32.01
N LEU C 337 6.37 37.81 -31.09
CA LEU C 337 7.61 37.58 -30.35
C LEU C 337 8.54 36.55 -30.95
N LYS C 338 9.84 36.82 -30.81
CA LYS C 338 10.87 35.90 -31.30
C LYS C 338 11.20 34.98 -30.14
N ARG C 339 11.22 33.68 -30.39
CA ARG C 339 11.52 32.72 -29.35
C ARG C 339 12.90 32.99 -28.76
N TYR C 340 13.13 32.52 -27.53
CA TYR C 340 14.41 32.70 -26.87
C TYR C 340 15.25 31.44 -27.10
N LEU C 341 16.52 31.60 -27.38
CA LEU C 341 17.38 30.44 -27.58
C LEU C 341 18.71 30.83 -26.99
N LYS C 342 19.34 29.94 -26.24
CA LYS C 342 20.65 30.25 -25.70
C LYS C 342 21.56 30.26 -26.92
N SER C 343 22.22 31.38 -27.17
CA SER C 343 23.06 31.47 -28.35
C SER C 343 24.19 32.49 -28.25
N GLU C 344 25.31 32.17 -28.88
CA GLU C 344 26.44 33.08 -28.91
C GLU C 344 26.03 34.10 -29.96
N PRO C 345 26.69 35.26 -29.98
CA PRO C 345 26.35 36.29 -30.97
C PRO C 345 26.66 35.78 -32.36
N ILE C 346 25.90 36.23 -33.36
CA ILE C 346 26.16 35.83 -34.72
C ILE C 346 27.48 36.51 -35.08
N PRO C 347 28.46 35.75 -35.60
CA PRO C 347 29.76 36.31 -35.96
C PRO C 347 29.66 37.42 -37.00
N GLU C 348 30.49 38.46 -36.85
CA GLU C 348 30.50 39.58 -37.80
C GLU C 348 30.77 39.10 -39.21
N SER C 349 31.82 38.30 -39.36
CA SER C 349 32.17 37.74 -40.66
C SER C 349 32.18 36.22 -40.50
N ASN C 350 31.41 35.55 -41.35
CA ASN C 350 31.34 34.10 -41.29
C ASN C 350 31.51 33.58 -42.72
N ASP C 351 32.74 33.75 -43.23
CA ASP C 351 33.09 33.35 -44.58
C ASP C 351 34.08 32.18 -44.63
N GLY C 352 33.56 30.96 -44.65
CA GLY C 352 34.38 29.76 -44.71
C GLY C 352 35.76 29.82 -44.08
N PRO C 353 36.58 28.77 -44.28
CA PRO C 353 36.22 27.58 -45.05
C PRO C 353 35.20 26.71 -44.30
N VAL C 354 35.10 26.94 -42.99
CA VAL C 354 34.15 26.21 -42.16
C VAL C 354 33.14 27.21 -41.60
N LYS C 355 31.88 27.02 -41.97
CA LYS C 355 30.83 27.91 -41.52
C LYS C 355 30.63 27.79 -40.01
N VAL C 356 30.65 28.94 -39.33
CA VAL C 356 30.45 29.00 -37.88
C VAL C 356 28.96 29.11 -37.55
N VAL C 357 28.44 28.07 -36.93
CA VAL C 357 27.03 28.02 -36.57
C VAL C 357 26.78 28.25 -35.08
N VAL C 358 25.79 29.09 -34.78
CA VAL C 358 25.37 29.38 -33.41
C VAL C 358 23.87 29.08 -33.44
N ALA C 359 23.18 29.13 -32.30
CA ALA C 359 21.76 28.80 -32.30
C ALA C 359 20.89 29.77 -33.12
N GLU C 360 21.25 31.05 -33.12
CA GLU C 360 20.49 32.05 -33.87
C GLU C 360 20.46 31.86 -35.39
N ASN C 361 21.58 31.44 -35.99
CA ASN C 361 21.61 31.25 -37.44
C ASN C 361 21.56 29.79 -37.87
N PHE C 362 21.40 28.89 -36.90
CA PHE C 362 21.35 27.46 -37.18
C PHE C 362 20.37 27.10 -38.28
N ASP C 363 19.14 27.60 -38.16
CA ASP C 363 18.09 27.32 -39.15
C ASP C 363 18.51 27.81 -40.54
N GLU C 364 18.97 29.06 -40.58
CA GLU C 364 19.41 29.69 -41.81
C GLU C 364 20.53 28.90 -42.51
N ILE C 365 21.52 28.45 -41.74
CA ILE C 365 22.63 27.71 -42.29
C ILE C 365 22.35 26.23 -42.48
N VAL C 366 22.30 25.49 -41.36
CA VAL C 366 22.05 24.06 -41.39
C VAL C 366 20.80 23.63 -42.13
N ASN C 367 19.74 24.43 -42.07
CA ASN C 367 18.50 24.05 -42.74
C ASN C 367 18.12 24.77 -44.03
N ASN C 368 19.11 25.04 -44.86
CA ASN C 368 18.86 25.68 -46.15
C ASN C 368 18.57 24.52 -47.11
N GLU C 369 17.29 24.21 -47.29
CA GLU C 369 16.83 23.12 -48.15
C GLU C 369 17.67 22.84 -49.39
N ASN C 370 18.28 23.89 -49.94
CA ASN C 370 19.11 23.74 -51.14
C ASN C 370 20.54 23.24 -50.91
N LYS C 371 20.87 22.86 -49.68
CA LYS C 371 22.24 22.41 -49.42
C LYS C 371 22.41 21.18 -48.54
N ASP C 372 23.54 20.52 -48.74
CA ASP C 372 23.93 19.37 -47.95
C ASP C 372 24.81 20.01 -46.90
N VAL C 373 24.51 19.77 -45.64
CA VAL C 373 25.32 20.38 -44.60
C VAL C 373 25.88 19.34 -43.65
N LEU C 374 27.19 19.36 -43.51
CA LEU C 374 27.89 18.47 -42.60
C LEU C 374 28.20 19.39 -41.43
N ILE C 375 27.60 19.11 -40.27
CA ILE C 375 27.85 19.96 -39.10
C ILE C 375 28.48 19.22 -37.93
N GLU C 376 29.53 19.83 -37.38
CA GLU C 376 30.25 19.26 -36.25
C GLU C 376 29.88 19.96 -34.94
N PHE C 377 29.40 19.19 -33.96
CA PHE C 377 29.05 19.77 -32.66
C PHE C 377 30.22 19.44 -31.76
N TYR C 378 30.91 20.47 -31.27
CA TYR C 378 32.07 20.26 -30.41
C TYR C 378 31.94 20.99 -29.08
N ALA C 379 32.93 20.79 -28.22
CA ALA C 379 32.98 21.43 -26.92
C ALA C 379 34.36 22.08 -26.80
N PRO C 380 34.45 23.23 -26.14
CA PRO C 380 35.73 23.95 -25.98
C PRO C 380 36.80 23.15 -25.24
N TRP C 381 36.39 22.28 -24.32
CA TRP C 381 37.33 21.50 -23.52
C TRP C 381 37.77 20.18 -24.09
N CYS C 382 37.14 19.76 -25.19
CA CYS C 382 37.43 18.46 -25.78
C CYS C 382 38.68 18.37 -26.63
N GLY C 383 39.60 17.53 -26.17
CA GLY C 383 40.86 17.32 -26.87
C GLY C 383 40.74 16.68 -28.23
N HIS C 384 39.91 15.66 -28.37
CA HIS C 384 39.75 15.01 -29.66
C HIS C 384 39.16 16.01 -30.66
N CYS C 385 38.45 17.01 -30.14
CA CYS C 385 37.85 18.03 -30.99
C CYS C 385 38.93 18.96 -31.50
N LYS C 386 39.93 19.21 -30.65
CA LYS C 386 41.03 20.09 -31.04
C LYS C 386 41.84 19.43 -32.17
N ASN C 387 42.05 18.13 -32.07
CA ASN C 387 42.79 17.38 -33.08
C ASN C 387 42.06 17.35 -34.41
N LEU C 388 40.73 17.40 -34.35
CA LEU C 388 39.92 17.38 -35.56
C LEU C 388 39.83 18.77 -36.19
N GLU C 389 39.94 19.79 -35.37
CA GLU C 389 39.82 21.16 -35.85
C GLU C 389 40.55 21.46 -37.16
N PRO C 390 41.86 21.17 -37.24
CA PRO C 390 42.67 21.43 -38.43
C PRO C 390 42.25 20.58 -39.62
N LYS C 391 42.07 19.28 -39.35
CA LYS C 391 41.66 18.34 -40.39
C LYS C 391 40.30 18.75 -40.92
N TYR C 392 39.43 19.22 -40.04
CA TYR C 392 38.09 19.63 -40.42
C TYR C 392 38.16 20.92 -41.22
N LYS C 393 39.12 21.78 -40.88
CA LYS C 393 39.29 23.04 -41.58
C LYS C 393 39.73 22.76 -43.01
N GLU C 394 40.60 21.77 -43.17
CA GLU C 394 41.07 21.43 -44.51
C GLU C 394 39.91 20.90 -45.34
N LEU C 395 39.07 20.05 -44.75
CA LEU C 395 37.91 19.50 -45.44
C LEU C 395 37.06 20.66 -45.97
N GLY C 396 36.93 21.70 -45.15
CA GLY C 396 36.16 22.86 -45.56
C GLY C 396 36.81 23.55 -46.75
N GLU C 397 38.14 23.66 -46.73
CA GLU C 397 38.88 24.29 -47.82
C GLU C 397 38.76 23.48 -49.11
N LYS C 398 38.84 22.16 -49.02
CA LYS C 398 38.75 21.29 -50.19
C LYS C 398 37.34 21.28 -50.80
N LEU C 399 36.33 21.65 -50.02
CA LEU C 399 34.94 21.70 -50.49
C LEU C 399 34.54 23.13 -50.80
N SER C 400 35.46 24.07 -50.62
CA SER C 400 35.19 25.48 -50.86
C SER C 400 34.59 25.81 -52.23
N LYS C 401 34.93 25.02 -53.24
CA LYS C 401 34.41 25.26 -54.59
C LYS C 401 33.02 24.68 -54.87
N ASP C 402 32.61 23.69 -54.08
CA ASP C 402 31.29 23.07 -54.26
C ASP C 402 30.18 23.99 -53.72
N PRO C 403 29.21 24.34 -54.57
CA PRO C 403 28.10 25.22 -54.18
C PRO C 403 26.89 24.51 -53.56
N ASN C 404 27.01 23.20 -53.34
CA ASN C 404 25.91 22.44 -52.75
C ASN C 404 26.22 21.98 -51.33
N ILE C 405 27.51 21.89 -51.01
CA ILE C 405 27.93 21.41 -49.71
C ILE C 405 28.51 22.49 -48.79
N VAL C 406 28.05 22.49 -47.55
CA VAL C 406 28.52 23.43 -46.53
C VAL C 406 29.12 22.65 -45.37
N ILE C 407 30.32 23.05 -44.98
CA ILE C 407 31.02 22.43 -43.87
C ILE C 407 30.95 23.40 -42.70
N ALA C 408 30.20 23.02 -41.65
CA ALA C 408 30.03 23.89 -40.49
C ALA C 408 30.29 23.25 -39.13
N LYS C 409 30.44 24.11 -38.12
CA LYS C 409 30.69 23.66 -36.76
C LYS C 409 29.97 24.57 -35.77
N MET C 410 29.55 24.00 -34.65
CA MET C 410 28.88 24.79 -33.61
C MET C 410 29.34 24.37 -32.22
N ASP C 411 29.54 25.35 -31.35
CA ASP C 411 29.93 25.07 -29.98
C ASP C 411 28.63 24.63 -29.30
N ALA C 412 28.50 23.33 -29.13
CA ALA C 412 27.30 22.74 -28.55
C ALA C 412 27.11 23.02 -27.06
N THR C 413 28.12 23.54 -26.38
CA THR C 413 27.94 23.83 -24.98
C THR C 413 27.51 25.26 -24.77
N ALA C 414 27.69 26.10 -25.78
CA ALA C 414 27.33 27.51 -25.66
C ALA C 414 26.14 27.90 -26.55
N ASN C 415 25.44 26.89 -27.07
CA ASN C 415 24.29 27.09 -27.95
C ASN C 415 23.29 25.95 -27.84
N ASP C 416 22.01 26.30 -27.72
CA ASP C 416 20.96 25.30 -27.66
C ASP C 416 21.06 24.51 -28.96
N VAL C 417 20.96 23.19 -28.87
CA VAL C 417 20.98 22.32 -30.04
C VAL C 417 19.56 21.97 -30.46
N PRO C 418 19.10 22.51 -31.60
CA PRO C 418 17.74 22.26 -32.11
C PRO C 418 17.27 20.80 -32.15
N SER C 419 16.01 20.64 -31.73
CA SER C 419 15.30 19.37 -31.62
C SER C 419 15.75 18.14 -32.40
N PRO C 420 15.73 18.23 -33.75
CA PRO C 420 16.15 17.05 -34.52
C PRO C 420 17.43 16.37 -34.01
N TYR C 421 18.47 17.18 -33.80
CA TYR C 421 19.77 16.70 -33.35
C TYR C 421 19.92 16.35 -31.89
N GLU C 422 20.74 15.35 -31.63
CA GLU C 422 21.03 14.91 -30.26
C GLU C 422 22.53 14.79 -30.06
N VAL C 423 23.09 15.69 -29.25
CA VAL C 423 24.51 15.67 -28.98
C VAL C 423 24.81 14.74 -27.83
N ARG C 424 25.36 13.58 -28.16
CA ARG C 424 25.73 12.56 -27.20
C ARG C 424 27.01 12.96 -26.48
N GLY C 425 28.13 12.78 -27.16
CA GLY C 425 29.43 13.13 -26.61
C GLY C 425 30.09 14.10 -27.57
N PHE C 426 31.39 14.32 -27.40
CA PHE C 426 32.06 15.24 -28.28
C PHE C 426 33.29 14.64 -28.95
N PRO C 427 33.40 14.85 -30.26
CA PRO C 427 32.43 15.60 -31.05
C PRO C 427 31.31 14.73 -31.64
N THR C 428 30.18 15.36 -31.95
CA THR C 428 29.07 14.65 -32.58
C THR C 428 28.96 15.34 -33.93
N ILE C 429 29.05 14.54 -34.99
CA ILE C 429 28.98 15.07 -36.35
C ILE C 429 27.73 14.59 -37.06
N TYR C 430 26.97 15.52 -37.63
CA TYR C 430 25.75 15.15 -38.35
C TYR C 430 25.83 15.54 -39.80
N PHE C 431 25.09 14.82 -40.64
CA PHE C 431 25.01 15.13 -42.05
C PHE C 431 23.54 15.40 -42.39
N SER C 432 23.26 16.65 -42.77
CA SER C 432 21.91 17.04 -43.12
C SER C 432 21.73 17.21 -44.64
N PRO C 433 21.11 16.22 -45.30
CA PRO C 433 20.86 16.22 -46.74
C PRO C 433 19.97 17.38 -47.19
N ALA C 434 20.14 17.80 -48.44
CA ALA C 434 19.39 18.93 -49.00
C ALA C 434 17.88 18.81 -48.88
N ASN C 435 17.35 17.60 -49.01
CA ASN C 435 15.91 17.44 -48.90
C ASN C 435 15.53 16.41 -47.86
N LYS C 436 16.07 16.58 -46.67
CA LYS C 436 15.81 15.68 -45.54
C LYS C 436 16.15 16.45 -44.25
N LYS C 437 15.94 17.77 -44.30
CA LYS C 437 16.24 18.61 -43.15
C LYS C 437 15.66 18.09 -41.85
N LEU C 438 14.61 17.28 -41.93
CA LEU C 438 14.01 16.72 -40.73
C LEU C 438 14.64 15.38 -40.37
N ASN C 439 15.44 14.84 -41.27
CA ASN C 439 16.07 13.55 -41.02
C ASN C 439 17.58 13.49 -41.23
N PRO C 440 18.34 14.34 -40.53
CA PRO C 440 19.79 14.33 -40.69
C PRO C 440 20.36 13.00 -40.19
N LYS C 441 21.48 12.58 -40.76
CA LYS C 441 22.10 11.33 -40.37
C LYS C 441 23.33 11.59 -39.52
N LYS C 442 23.48 10.81 -38.46
CA LYS C 442 24.61 10.95 -37.56
C LYS C 442 25.82 10.26 -38.20
N TYR C 443 26.89 11.01 -38.39
CA TYR C 443 28.12 10.48 -38.98
C TYR C 443 28.83 9.57 -37.98
N GLU C 444 28.96 8.30 -38.33
CA GLU C 444 29.61 7.32 -37.45
C GLU C 444 31.00 6.94 -37.96
N GLY C 445 31.37 7.47 -39.12
CA GLY C 445 32.66 7.15 -39.70
C GLY C 445 33.89 7.64 -38.96
N GLY C 446 35.06 7.46 -39.57
CA GLY C 446 36.30 7.91 -38.97
C GLY C 446 36.39 9.42 -39.01
N ARG C 447 37.39 9.97 -38.33
CA ARG C 447 37.57 11.41 -38.28
C ARG C 447 38.84 11.90 -38.99
N GLU C 448 39.25 11.17 -40.03
CA GLU C 448 40.43 11.54 -40.80
C GLU C 448 39.94 12.24 -42.06
N LEU C 449 40.70 13.22 -42.54
CA LEU C 449 40.28 13.95 -43.73
C LEU C 449 39.84 13.05 -44.87
N SER C 450 40.50 11.90 -45.04
CA SER C 450 40.12 10.99 -46.10
C SER C 450 38.75 10.35 -45.85
N ASP C 451 38.42 10.09 -44.59
CA ASP C 451 37.13 9.49 -44.24
C ASP C 451 35.97 10.42 -44.61
N PHE C 452 36.17 11.72 -44.36
CA PHE C 452 35.15 12.71 -44.70
C PHE C 452 34.96 12.87 -46.20
N ILE C 453 36.06 12.90 -46.94
CA ILE C 453 35.98 13.02 -48.39
C ILE C 453 35.20 11.81 -48.89
N SER C 454 35.64 10.63 -48.50
CA SER C 454 34.99 9.38 -48.89
C SER C 454 33.49 9.41 -48.59
N TYR C 455 33.15 9.82 -47.37
CA TYR C 455 31.76 9.90 -46.95
C TYR C 455 30.96 10.84 -47.85
N LEU C 456 31.45 12.06 -48.04
CA LEU C 456 30.75 13.04 -48.87
C LEU C 456 30.52 12.56 -50.31
N GLN C 457 31.55 11.96 -50.91
CA GLN C 457 31.45 11.45 -52.27
C GLN C 457 30.36 10.38 -52.34
N ARG C 458 30.22 9.64 -51.26
CA ARG C 458 29.23 8.57 -51.18
C ARG C 458 27.84 9.00 -50.71
N GLU C 459 27.73 10.20 -50.15
CA GLU C 459 26.44 10.65 -49.64
C GLU C 459 25.91 11.96 -50.20
N ALA C 460 26.80 12.79 -50.75
CA ALA C 460 26.39 14.08 -51.30
C ALA C 460 25.11 13.94 -52.11
N THR C 461 24.34 15.03 -52.15
CA THR C 461 23.10 15.05 -52.90
C THR C 461 23.46 15.07 -54.38
N ASN C 462 24.30 16.04 -54.74
CA ASN C 462 24.77 16.21 -56.10
C ASN C 462 26.24 15.83 -56.08
N PRO C 463 26.77 15.35 -57.21
CA PRO C 463 28.19 14.98 -57.23
C PRO C 463 29.04 16.12 -56.64
N PRO C 464 29.87 15.81 -55.63
CA PRO C 464 30.74 16.77 -54.94
C PRO C 464 31.98 17.23 -55.70
N VAL C 465 32.30 18.51 -55.59
CA VAL C 465 33.50 19.05 -56.24
C VAL C 465 34.61 19.26 -55.21
N ILE C 466 35.58 18.35 -55.22
CA ILE C 466 36.73 18.34 -54.32
C ILE C 466 38.04 18.79 -55.01
N GLY D 21 57.73 -5.96 -12.08
CA GLY D 21 57.82 -4.93 -10.99
C GLY D 21 57.58 -5.51 -9.60
N PRO D 22 57.40 -4.63 -8.59
CA PRO D 22 57.17 -5.01 -7.19
C PRO D 22 56.01 -5.99 -7.00
N ALA D 23 56.20 -6.93 -6.08
CA ALA D 23 55.20 -7.92 -5.73
C ALA D 23 54.35 -7.37 -4.59
N VAL D 24 54.98 -6.65 -3.67
CA VAL D 24 54.25 -6.05 -2.56
C VAL D 24 54.65 -4.59 -2.44
N ILE D 25 53.80 -3.78 -1.81
CA ILE D 25 54.10 -2.38 -1.60
C ILE D 25 53.86 -1.99 -0.17
N GLU D 26 54.94 -1.67 0.54
CA GLU D 26 54.89 -1.26 1.92
C GLU D 26 54.08 0.03 1.96
N CYS D 27 53.14 0.11 2.88
CA CYS D 27 52.28 1.28 2.95
C CYS D 27 52.01 1.75 4.39
N TRP D 28 51.68 3.03 4.54
CA TRP D 28 51.36 3.59 5.85
C TRP D 28 49.87 3.91 5.90
N PHE D 29 49.20 3.48 6.95
CA PHE D 29 47.78 3.78 7.09
C PHE D 29 47.64 4.97 8.02
N VAL D 30 46.93 6.01 7.60
CA VAL D 30 46.78 7.20 8.44
C VAL D 30 45.33 7.55 8.76
N GLU D 31 45.13 8.43 9.74
CA GLU D 31 43.79 8.84 10.12
C GLU D 31 43.70 10.33 10.39
N LEU D 38 46.63 9.28 17.27
CA LEU D 38 47.05 7.98 16.73
C LEU D 38 48.10 8.07 15.61
N ALA D 39 49.21 7.37 15.79
CA ALA D 39 50.29 7.36 14.80
C ALA D 39 49.97 6.55 13.55
N LYS D 40 50.87 6.61 12.58
CA LYS D 40 50.67 5.85 11.36
C LYS D 40 50.65 4.37 11.78
N ARG D 41 50.13 3.53 10.91
CA ARG D 41 50.10 2.10 11.18
C ARG D 41 50.73 1.46 9.96
N PRO D 42 51.59 0.48 10.16
CA PRO D 42 52.19 -0.12 8.98
C PRO D 42 51.18 -1.05 8.29
N GLY D 43 51.20 -1.02 6.97
CA GLY D 43 50.31 -1.84 6.18
C GLY D 43 51.06 -2.26 4.94
N ALA D 44 50.39 -2.97 4.04
CA ALA D 44 51.06 -3.41 2.83
C ALA D 44 50.06 -3.87 1.79
N LEU D 45 50.41 -3.70 0.52
CA LEU D 45 49.54 -4.14 -0.58
C LEU D 45 50.22 -5.27 -1.33
N LEU D 46 49.52 -6.40 -1.48
CA LEU D 46 50.07 -7.55 -2.20
C LEU D 46 49.46 -7.55 -3.61
N LEU D 47 50.31 -7.29 -4.61
CA LEU D 47 49.84 -7.27 -5.99
C LEU D 47 49.77 -8.69 -6.55
N ARG D 48 50.41 -9.64 -5.84
CA ARG D 48 50.44 -11.08 -6.18
C ARG D 48 50.27 -11.40 -7.66
N PRO D 54 50.40 -16.66 -0.32
CA PRO D 54 50.56 -15.31 0.23
C PRO D 54 51.58 -15.28 1.36
N PRO D 55 52.64 -14.46 1.22
CA PRO D 55 53.65 -14.39 2.27
C PRO D 55 53.09 -13.93 3.60
N PRO D 56 53.29 -14.75 4.66
CA PRO D 56 52.79 -14.41 5.99
C PRO D 56 53.40 -13.09 6.45
N ARG D 57 52.69 -12.40 7.33
CA ARG D 57 53.14 -11.10 7.81
C ARG D 57 52.68 -10.83 9.22
N PRO D 58 53.21 -11.57 10.20
CA PRO D 58 52.80 -11.36 11.59
C PRO D 58 53.05 -9.91 12.05
N ASP D 59 53.94 -9.21 11.35
CA ASP D 59 54.25 -7.82 11.68
C ASP D 59 53.15 -6.82 11.29
N LEU D 60 52.19 -7.25 10.47
CA LEU D 60 51.10 -6.37 10.04
C LEU D 60 49.78 -6.73 10.75
N ASP D 61 48.75 -5.92 10.57
CA ASP D 61 47.50 -6.14 11.28
C ASP D 61 46.76 -7.47 11.44
N PRO D 62 46.30 -8.12 10.35
CA PRO D 62 46.29 -7.95 8.91
C PRO D 62 45.07 -7.30 8.28
N GLU D 63 44.41 -6.38 8.97
CA GLU D 63 43.28 -5.72 8.32
C GLU D 63 43.92 -4.68 7.39
N LEU D 64 45.24 -4.52 7.54
CA LEU D 64 46.00 -3.57 6.73
C LEU D 64 46.89 -4.28 5.70
N TYR D 65 46.79 -5.60 5.67
CA TYR D 65 47.55 -6.42 4.72
C TYR D 65 46.53 -6.78 3.63
N LEU D 66 46.64 -6.15 2.47
CA LEU D 66 45.69 -6.36 1.40
C LEU D 66 46.07 -7.22 0.20
N SER D 67 45.24 -8.22 -0.09
CA SER D 67 45.47 -9.06 -1.24
C SER D 67 44.64 -8.38 -2.32
N VAL D 68 45.30 -7.74 -3.26
CA VAL D 68 44.62 -6.98 -4.30
C VAL D 68 44.00 -7.67 -5.50
N HIS D 69 42.68 -7.54 -5.62
CA HIS D 69 41.95 -8.07 -6.77
C HIS D 69 41.64 -6.83 -7.58
N ASP D 70 42.19 -6.73 -8.79
CA ASP D 70 41.99 -5.58 -9.64
C ASP D 70 41.33 -5.93 -10.98
N PRO D 71 40.00 -5.99 -11.01
CA PRO D 71 39.24 -6.32 -12.22
C PRO D 71 39.59 -5.47 -13.43
N ALA D 72 39.57 -4.14 -13.26
CA ALA D 72 39.88 -3.23 -14.36
C ALA D 72 41.32 -3.40 -14.80
N GLY D 73 42.18 -3.74 -13.85
CA GLY D 73 43.58 -3.99 -14.15
C GLY D 73 44.56 -2.84 -14.10
N ALA D 74 44.07 -1.61 -14.12
CA ALA D 74 44.95 -0.46 -14.11
C ALA D 74 45.98 -0.46 -12.97
N LEU D 75 45.58 -0.79 -11.75
CA LEU D 75 46.54 -0.80 -10.65
C LEU D 75 47.66 -1.79 -10.88
N GLN D 76 47.31 -3.03 -11.21
CA GLN D 76 48.32 -4.06 -11.41
C GLN D 76 49.19 -3.82 -12.63
N ALA D 77 48.61 -3.24 -13.67
CA ALA D 77 49.34 -2.95 -14.90
C ALA D 77 50.40 -1.88 -14.68
N ALA D 78 50.09 -0.91 -13.82
CA ALA D 78 51.03 0.17 -13.54
C ALA D 78 52.30 -0.36 -12.90
N PHE D 79 52.18 -1.30 -11.96
CA PHE D 79 53.37 -1.82 -11.31
C PHE D 79 54.04 -2.98 -12.02
N ARG D 80 53.40 -3.48 -13.08
CA ARG D 80 53.97 -4.58 -13.86
C ARG D 80 55.04 -3.97 -14.75
N ARG D 81 54.82 -2.71 -15.11
CA ARG D 81 55.72 -1.94 -15.96
C ARG D 81 56.80 -1.25 -15.13
N TYR D 82 56.53 -1.08 -13.84
CA TYR D 82 57.47 -0.39 -12.96
C TYR D 82 58.92 -0.75 -13.26
N PRO D 83 59.77 0.27 -13.47
CA PRO D 83 61.19 0.11 -13.77
C PRO D 83 61.88 -0.74 -12.73
N ARG D 84 62.61 -1.74 -13.17
CA ARG D 84 63.30 -2.64 -12.24
C ARG D 84 64.35 -1.87 -11.46
N GLY D 85 64.55 -2.28 -10.21
CA GLY D 85 65.54 -1.62 -9.38
C GLY D 85 65.17 -0.20 -9.00
N ALA D 86 64.01 0.27 -9.46
CA ALA D 86 63.57 1.61 -9.12
C ALA D 86 63.21 1.56 -7.63
N PRO D 87 63.45 2.67 -6.90
CA PRO D 87 63.14 2.69 -5.46
C PRO D 87 61.69 2.28 -5.17
N ALA D 88 61.40 1.99 -3.90
CA ALA D 88 60.05 1.62 -3.51
C ALA D 88 59.25 2.90 -3.58
N PRO D 89 58.04 2.86 -4.15
CA PRO D 89 57.20 4.06 -4.27
C PRO D 89 56.59 4.40 -2.93
N HIS D 90 56.28 5.67 -2.70
CA HIS D 90 55.66 6.07 -1.45
C HIS D 90 54.18 5.68 -1.51
N CYS D 91 53.67 5.16 -0.40
CA CYS D 91 52.28 4.70 -0.34
C CYS D 91 51.54 5.06 0.94
N GLU D 92 50.38 5.68 0.78
CA GLU D 92 49.57 6.06 1.91
C GLU D 92 48.18 5.46 1.74
N MET D 93 47.63 4.99 2.85
CA MET D 93 46.33 4.34 2.87
C MET D 93 45.44 5.09 3.86
N SER D 94 44.14 5.20 3.56
CA SER D 94 43.23 5.89 4.46
C SER D 94 41.76 5.48 4.28
N ARG D 95 40.94 5.75 5.29
CA ARG D 95 39.53 5.39 5.22
C ARG D 95 38.82 6.39 4.32
N PHE D 96 38.09 5.87 3.34
CA PHE D 96 37.34 6.69 2.37
C PHE D 96 35.83 6.53 2.59
N VAL D 97 35.09 7.61 2.43
CA VAL D 97 33.64 7.53 2.60
C VAL D 97 32.99 8.07 1.34
N PRO D 98 32.27 7.21 0.61
CA PRO D 98 31.63 7.70 -0.61
C PRO D 98 30.76 8.91 -0.32
N LEU D 99 30.82 9.91 -1.20
CA LEU D 99 30.06 11.13 -1.02
C LEU D 99 30.00 11.93 -2.31
N PRO D 100 28.84 12.51 -2.63
CA PRO D 100 28.71 13.31 -3.86
C PRO D 100 29.79 14.38 -3.97
N ALA D 101 30.21 14.67 -5.20
CA ALA D 101 31.21 15.69 -5.41
C ALA D 101 30.63 16.99 -4.86
N SER D 102 31.48 17.79 -4.23
CA SER D 102 31.03 19.05 -3.66
C SER D 102 30.71 20.10 -4.72
N ALA D 103 31.55 20.21 -5.74
CA ALA D 103 31.32 21.19 -6.79
C ALA D 103 29.96 20.99 -7.43
N LYS D 104 29.28 22.09 -7.72
CA LYS D 104 27.94 22.04 -8.29
C LYS D 104 27.93 21.62 -9.75
N TRP D 105 29.04 21.83 -10.46
CA TRP D 105 29.07 21.45 -11.87
C TRP D 105 28.99 19.94 -12.02
N ALA D 106 29.50 19.22 -11.02
CA ALA D 106 29.49 17.77 -11.05
C ALA D 106 28.18 17.15 -10.53
N SER D 107 27.31 17.98 -9.97
CA SER D 107 26.04 17.51 -9.44
C SER D 107 25.29 16.62 -10.42
N GLY D 108 25.48 16.86 -11.70
CA GLY D 108 24.80 16.07 -12.72
C GLY D 108 25.04 14.58 -12.60
N LEU D 109 26.19 14.19 -12.05
CA LEU D 109 26.53 12.78 -11.90
C LEU D 109 25.67 12.11 -10.83
N THR D 110 25.14 12.93 -9.94
CA THR D 110 24.29 12.44 -8.86
C THR D 110 22.91 13.13 -8.84
N PRO D 111 22.06 12.81 -9.82
CA PRO D 111 20.72 13.39 -9.94
C PRO D 111 19.81 13.02 -8.77
N ALA D 112 19.62 11.72 -8.57
CA ALA D 112 18.77 11.22 -7.49
C ALA D 112 19.31 11.70 -6.15
N GLN D 113 18.42 12.04 -5.24
CA GLN D 113 18.84 12.50 -3.92
C GLN D 113 18.88 11.37 -2.92
N ASN D 114 19.72 10.38 -3.20
CA ASN D 114 19.90 9.24 -2.29
C ASN D 114 21.18 8.44 -2.62
N CYS D 115 21.81 7.89 -1.59
CA CYS D 115 23.05 7.14 -1.75
C CYS D 115 22.75 5.73 -2.23
N PRO D 116 23.54 5.24 -3.20
CA PRO D 116 23.38 3.89 -3.76
C PRO D 116 23.69 2.85 -2.71
N ARG D 117 22.85 1.83 -2.63
CA ARG D 117 23.09 0.79 -1.65
C ARG D 117 24.32 -0.05 -2.04
N ALA D 118 24.57 -0.15 -3.34
CA ALA D 118 25.71 -0.92 -3.81
C ALA D 118 27.01 -0.49 -3.17
N LEU D 119 27.06 0.73 -2.63
CA LEU D 119 28.28 1.23 -2.00
C LEU D 119 28.40 0.97 -0.50
N ASP D 120 27.55 0.09 0.04
CA ASP D 120 27.63 -0.23 1.47
C ASP D 120 28.96 -0.93 1.70
N GLY D 121 29.43 -0.92 2.94
CA GLY D 121 30.71 -1.55 3.22
C GLY D 121 31.83 -0.52 3.24
N ALA D 122 32.93 -0.88 3.90
CA ALA D 122 34.07 -0.01 4.05
C ALA D 122 34.91 0.21 2.80
N TRP D 123 35.57 1.37 2.74
CA TRP D 123 36.44 1.72 1.62
C TRP D 123 37.78 2.20 2.13
N LEU D 124 38.80 1.99 1.30
CA LEU D 124 40.14 2.46 1.59
C LEU D 124 40.64 3.19 0.34
N MET D 125 41.27 4.33 0.56
CA MET D 125 41.84 5.12 -0.52
C MET D 125 43.35 4.90 -0.45
N VAL D 126 43.95 4.53 -1.57
CA VAL D 126 45.39 4.29 -1.63
C VAL D 126 46.05 5.35 -2.53
N SER D 127 47.08 6.00 -1.99
CA SER D 127 47.83 7.06 -2.69
C SER D 127 49.28 6.64 -2.89
N ILE D 128 49.66 6.39 -4.13
CA ILE D 128 51.01 5.96 -4.45
C ILE D 128 51.71 6.99 -5.34
N SER D 129 52.90 7.42 -4.93
CA SER D 129 53.66 8.39 -5.71
C SER D 129 55.17 8.11 -5.75
N SER D 130 55.75 8.39 -6.90
CA SER D 130 57.17 8.15 -7.14
C SER D 130 57.55 8.98 -8.37
N PRO D 131 58.83 9.02 -8.71
CA PRO D 131 59.22 9.80 -9.90
C PRO D 131 58.75 9.12 -11.19
N VAL D 132 58.31 7.87 -11.07
CA VAL D 132 57.83 7.09 -12.20
C VAL D 132 56.35 7.34 -12.46
N LEU D 133 55.57 7.30 -11.38
CA LEU D 133 54.14 7.51 -11.53
C LEU D 133 53.53 8.02 -10.25
N SER D 134 52.28 8.44 -10.37
CA SER D 134 51.49 8.95 -9.26
C SER D 134 50.08 8.35 -9.47
N LEU D 135 49.66 7.53 -8.50
CA LEU D 135 48.38 6.85 -8.62
C LEU D 135 47.50 6.94 -7.41
N SER D 136 46.20 6.79 -7.64
CA SER D 136 45.23 6.83 -6.56
C SER D 136 44.17 5.73 -6.78
N SER D 137 43.86 4.99 -5.72
CA SER D 137 42.86 3.92 -5.84
C SER D 137 41.88 3.80 -4.70
N LEU D 138 40.66 3.44 -5.04
CA LEU D 138 39.60 3.21 -4.06
C LEU D 138 39.45 1.70 -3.96
N LEU D 139 39.70 1.14 -2.78
CA LEU D 139 39.60 -0.30 -2.56
C LEU D 139 38.46 -0.67 -1.61
N ARG D 140 37.89 -1.85 -1.80
CA ARG D 140 36.85 -2.35 -0.90
C ARG D 140 37.36 -3.62 -0.22
N PRO D 141 37.86 -3.50 1.02
CA PRO D 141 38.36 -4.69 1.70
C PRO D 141 37.23 -5.52 2.30
N GLN D 142 37.46 -6.81 2.48
CA GLN D 142 36.48 -7.70 3.09
C GLN D 142 36.33 -7.35 4.57
N PRO D 143 35.17 -7.64 5.16
CA PRO D 143 34.86 -7.35 6.57
C PRO D 143 35.86 -7.94 7.56
N GLU D 144 36.26 -9.19 7.33
CA GLU D 144 37.22 -9.85 8.22
C GLU D 144 38.44 -10.40 7.46
N PRO D 145 39.63 -10.34 8.09
CA PRO D 145 40.90 -10.81 7.52
C PRO D 145 40.93 -12.27 7.10
N GLN D 146 40.71 -13.15 8.09
CA GLN D 146 40.70 -14.60 7.92
C GLN D 146 40.89 -15.16 6.51
N GLN D 147 41.58 -16.31 6.44
CA GLN D 147 41.83 -16.98 5.18
C GLN D 147 42.36 -18.39 5.45
N GLU D 148 42.20 -19.28 4.48
CA GLU D 148 42.67 -20.65 4.65
C GLU D 148 44.19 -20.72 4.76
N PRO D 149 44.91 -20.42 3.65
CA PRO D 149 46.37 -20.48 3.75
C PRO D 149 46.99 -19.49 4.75
N VAL D 150 47.05 -18.21 4.37
CA VAL D 150 47.64 -17.16 5.21
C VAL D 150 46.62 -16.13 5.67
N LEU D 151 46.91 -15.48 6.80
CA LEU D 151 46.02 -14.46 7.35
C LEU D 151 46.25 -13.15 6.60
N ILE D 152 45.29 -12.79 5.73
CA ILE D 152 45.40 -11.59 4.91
C ILE D 152 44.01 -11.13 4.50
N THR D 153 43.85 -9.83 4.25
CA THR D 153 42.54 -9.30 3.87
C THR D 153 42.31 -9.08 2.39
N MET D 154 41.29 -9.73 1.85
CA MET D 154 40.94 -9.60 0.43
C MET D 154 40.31 -8.22 0.20
N ALA D 155 40.79 -7.52 -0.82
CA ALA D 155 40.27 -6.20 -1.14
C ALA D 155 40.10 -6.08 -2.64
N THR D 156 39.05 -5.40 -3.09
CA THR D 156 38.79 -5.22 -4.51
C THR D 156 38.95 -3.78 -4.96
N VAL D 157 39.65 -3.59 -6.08
CA VAL D 157 39.92 -2.26 -6.61
C VAL D 157 38.77 -1.78 -7.49
N VAL D 158 38.11 -0.72 -7.03
CA VAL D 158 36.96 -0.15 -7.74
C VAL D 158 37.32 0.94 -8.75
N LEU D 159 38.06 1.94 -8.29
CA LEU D 159 38.47 3.02 -9.17
C LEU D 159 39.97 3.30 -9.07
N THR D 160 40.62 3.47 -10.22
CA THR D 160 42.04 3.76 -10.24
C THR D 160 42.28 4.99 -11.12
N VAL D 161 43.02 5.95 -10.59
CA VAL D 161 43.33 7.16 -11.32
C VAL D 161 44.85 7.19 -11.33
N LEU D 162 45.39 7.27 -12.53
CA LEU D 162 46.82 7.18 -12.70
C LEU D 162 47.45 8.18 -13.68
N THR D 163 48.71 8.51 -13.42
CA THR D 163 49.47 9.41 -14.28
C THR D 163 50.93 8.96 -14.40
N HIS D 164 51.39 8.83 -15.65
CA HIS D 164 52.77 8.42 -15.90
C HIS D 164 53.73 9.58 -16.18
N THR D 165 53.27 10.79 -15.87
CA THR D 165 54.06 12.01 -16.01
C THR D 165 53.81 12.83 -14.74
N PRO D 166 54.28 12.33 -13.59
CA PRO D 166 54.12 13.00 -12.29
C PRO D 166 55.01 14.23 -12.10
N ALA D 167 56.12 14.26 -12.82
CA ALA D 167 57.05 15.39 -12.75
C ALA D 167 57.44 15.77 -14.19
N PRO D 168 56.46 16.29 -14.94
CA PRO D 168 56.70 16.69 -16.33
C PRO D 168 57.57 17.93 -16.46
N ARG D 169 58.42 17.92 -17.49
CA ARG D 169 59.33 19.03 -17.78
C ARG D 169 59.04 19.49 -19.20
N VAL D 170 58.32 20.59 -19.35
CA VAL D 170 58.00 21.11 -20.68
C VAL D 170 58.86 22.34 -21.08
N ARG D 171 59.31 22.33 -22.33
CA ARG D 171 60.12 23.40 -22.90
C ARG D 171 59.28 24.67 -23.06
N LEU D 172 59.77 25.79 -22.53
CA LEU D 172 59.04 27.06 -22.60
C LEU D 172 58.50 27.36 -24.00
N GLY D 173 57.23 27.73 -24.07
CA GLY D 173 56.63 28.02 -25.37
C GLY D 173 56.05 26.79 -26.03
N GLN D 174 56.37 25.62 -25.49
CA GLN D 174 55.89 24.34 -26.02
C GLN D 174 54.56 23.91 -25.38
N ASP D 175 53.93 22.89 -25.97
CA ASP D 175 52.68 22.38 -25.43
C ASP D 175 52.97 21.23 -24.47
N ALA D 176 52.29 21.24 -23.33
CA ALA D 176 52.48 20.21 -22.32
C ALA D 176 51.32 19.21 -22.32
N LEU D 177 51.65 17.93 -22.39
CA LEU D 177 50.62 16.90 -22.35
C LEU D 177 50.74 16.10 -21.08
N LEU D 178 49.89 16.43 -20.12
CA LEU D 178 49.88 15.77 -18.83
C LEU D 178 49.04 14.49 -18.89
N ASP D 179 49.74 13.37 -19.00
CA ASP D 179 49.10 12.05 -19.08
C ASP D 179 48.20 11.72 -17.90
N LEU D 180 47.06 11.11 -18.20
CA LEU D 180 46.12 10.69 -17.17
C LEU D 180 45.22 9.58 -17.68
N SER D 181 45.19 8.49 -16.93
CA SER D 181 44.33 7.37 -17.30
C SER D 181 43.59 6.93 -16.05
N PHE D 182 42.52 6.18 -16.25
CA PHE D 182 41.74 5.67 -15.13
C PHE D 182 41.00 4.39 -15.47
N ALA D 183 40.51 3.72 -14.44
CA ALA D 183 39.78 2.48 -14.62
C ALA D 183 38.70 2.36 -13.54
N TYR D 184 37.53 1.89 -13.98
CA TYR D 184 36.38 1.74 -13.10
C TYR D 184 35.72 0.37 -13.23
N MET D 185 35.47 -0.26 -12.09
CA MET D 185 34.79 -1.55 -12.02
C MET D 185 33.47 -1.13 -11.35
N PRO D 186 32.38 -1.02 -12.14
CA PRO D 186 31.05 -0.61 -11.69
C PRO D 186 30.31 -1.56 -10.73
N PRO D 187 29.35 -1.03 -9.96
CA PRO D 187 28.60 -1.91 -9.05
C PRO D 187 27.79 -2.84 -9.94
N THR D 188 27.97 -4.14 -9.76
CA THR D 188 27.26 -5.16 -10.54
C THR D 188 26.00 -5.54 -9.75
N SER D 189 25.90 -4.95 -8.57
CA SER D 189 24.83 -5.16 -7.61
C SER D 189 23.42 -5.03 -8.19
N GLU D 190 23.02 -3.80 -8.52
CA GLU D 190 21.70 -3.53 -9.08
C GLU D 190 21.70 -3.47 -10.60
N ALA D 191 22.88 -3.60 -11.20
CA ALA D 191 23.04 -3.56 -12.66
C ALA D 191 22.19 -4.64 -13.33
N ALA D 192 21.04 -4.24 -13.87
CA ALA D 192 20.12 -5.18 -14.52
C ALA D 192 18.82 -4.48 -14.87
N PRO D 197 23.67 -0.88 -19.26
CA PRO D 197 24.12 -0.16 -20.46
C PRO D 197 25.66 -0.11 -20.53
N GLY D 198 26.19 0.82 -21.32
CA GLY D 198 27.63 0.98 -21.47
C GLY D 198 28.27 1.72 -20.31
N PRO D 199 29.52 2.22 -20.47
CA PRO D 199 30.18 2.95 -19.38
C PRO D 199 29.34 4.15 -18.97
N PRO D 200 29.27 4.44 -17.67
CA PRO D 200 28.48 5.57 -17.19
C PRO D 200 29.17 6.92 -17.36
N PRO D 201 28.40 7.99 -17.14
CA PRO D 201 28.96 9.35 -17.27
C PRO D 201 29.96 9.50 -16.14
N PHE D 202 31.01 10.28 -16.36
CA PHE D 202 31.99 10.52 -15.31
C PHE D 202 32.43 11.97 -15.35
N GLY D 203 33.15 12.38 -14.31
CA GLY D 203 33.63 13.75 -14.26
C GLY D 203 35.14 13.86 -14.25
N LEU D 204 35.66 14.89 -14.90
CA LEU D 204 37.09 15.13 -14.95
C LEU D 204 37.36 16.58 -14.64
N GLU D 205 38.33 16.79 -13.75
CA GLU D 205 38.70 18.16 -13.34
C GLU D 205 40.21 18.32 -13.22
N TRP D 206 40.71 19.39 -13.79
CA TRP D 206 42.13 19.71 -13.74
C TRP D 206 42.26 21.09 -13.14
N ARG D 207 43.22 21.29 -12.27
CA ARG D 207 43.44 22.60 -11.65
C ARG D 207 44.92 22.77 -11.35
N ARG D 208 45.35 24.02 -11.20
CA ARG D 208 46.73 24.31 -10.85
C ARG D 208 46.58 24.90 -9.44
N GLN D 209 47.31 24.36 -8.48
CA GLN D 209 47.17 24.83 -7.12
C GLN D 209 48.43 25.47 -6.55
N HIS D 210 48.24 26.48 -5.71
CA HIS D 210 49.35 27.16 -5.09
C HIS D 210 48.94 27.83 -3.78
N LEU D 211 49.50 27.35 -2.69
CA LEU D 211 49.20 27.89 -1.37
C LEU D 211 47.71 27.86 -1.11
N GLY D 212 47.13 26.67 -1.03
CA GLY D 212 45.72 26.53 -0.77
C GLY D 212 44.80 27.24 -1.76
N LYS D 213 45.39 27.93 -2.73
CA LYS D 213 44.61 28.65 -3.73
C LYS D 213 44.65 27.89 -5.03
N GLY D 214 43.53 27.26 -5.36
CA GLY D 214 43.47 26.48 -6.59
C GLY D 214 42.67 27.12 -7.70
N HIS D 215 43.17 26.97 -8.92
CA HIS D 215 42.51 27.51 -10.09
C HIS D 215 42.04 26.41 -11.02
N LEU D 216 40.74 26.31 -11.19
CA LEU D 216 40.15 25.30 -12.07
C LEU D 216 40.53 25.69 -13.49
N LEU D 217 41.22 24.80 -14.20
CA LEU D 217 41.61 25.09 -15.59
C LEU D 217 40.65 24.40 -16.56
N LEU D 218 40.15 23.22 -16.18
CA LEU D 218 39.24 22.48 -17.05
C LEU D 218 38.30 21.55 -16.26
N ALA D 219 37.10 21.36 -16.79
CA ALA D 219 36.12 20.50 -16.15
C ALA D 219 35.20 19.95 -17.21
N ALA D 220 34.83 18.67 -17.09
CA ALA D 220 33.96 18.03 -18.06
C ALA D 220 33.30 16.80 -17.48
N THR D 221 32.16 16.44 -18.04
CA THR D 221 31.43 15.27 -17.60
C THR D 221 30.96 14.59 -18.88
N PRO D 222 31.89 14.01 -19.62
CA PRO D 222 31.51 13.35 -20.87
C PRO D 222 30.39 12.32 -20.70
N GLY D 223 29.39 12.43 -21.57
CA GLY D 223 28.25 11.53 -21.56
C GLY D 223 27.06 12.12 -20.84
N LEU D 224 27.25 13.31 -20.29
CA LEU D 224 26.18 13.97 -19.55
C LEU D 224 26.25 15.45 -19.87
N ASN D 225 25.44 15.88 -20.83
CA ASN D 225 25.41 17.29 -21.22
C ASN D 225 25.03 18.14 -20.01
N GLY D 226 25.93 19.04 -19.63
CA GLY D 226 25.70 19.91 -18.49
C GLY D 226 26.47 21.21 -18.64
N GLN D 227 26.27 22.13 -17.71
CA GLN D 227 26.93 23.43 -17.75
C GLN D 227 28.32 23.40 -17.09
N MET D 228 29.37 23.31 -17.91
CA MET D 228 30.72 23.24 -17.37
C MET D 228 31.45 24.57 -17.20
N PRO D 229 32.31 24.65 -16.17
CA PRO D 229 33.09 25.86 -15.91
C PRO D 229 33.94 26.11 -17.14
N ALA D 230 34.20 27.39 -17.44
CA ALA D 230 34.98 27.77 -18.60
C ALA D 230 36.38 27.22 -18.57
N ALA D 231 36.80 26.60 -19.67
CA ALA D 231 38.14 26.05 -19.76
C ALA D 231 39.12 27.24 -19.81
N GLN D 232 40.21 27.16 -19.06
CA GLN D 232 41.17 28.25 -19.00
C GLN D 232 42.47 28.00 -19.73
N GLU D 233 43.17 29.10 -19.99
CA GLU D 233 44.46 29.08 -20.67
C GLU D 233 44.53 28.21 -21.93
N GLY D 234 43.42 28.15 -22.65
CA GLY D 234 43.36 27.37 -23.89
C GLY D 234 43.46 25.87 -23.74
N ALA D 235 43.39 25.40 -22.49
CA ALA D 235 43.49 23.99 -22.22
C ALA D 235 42.30 23.16 -22.73
N VAL D 236 42.57 21.88 -22.99
CA VAL D 236 41.56 20.94 -23.41
C VAL D 236 42.01 19.59 -22.83
N ALA D 237 41.23 18.54 -23.02
CA ALA D 237 41.62 17.26 -22.48
C ALA D 237 40.99 16.15 -23.28
N PHE D 238 41.67 15.01 -23.32
CA PHE D 238 41.12 13.89 -24.03
C PHE D 238 40.40 13.11 -22.94
N ALA D 239 39.18 13.53 -22.61
CA ALA D 239 38.42 12.85 -21.56
C ALA D 239 37.38 11.92 -22.19
N ALA D 240 37.62 10.61 -22.07
CA ALA D 240 36.74 9.63 -22.65
C ALA D 240 37.02 8.22 -22.18
N TRP D 241 36.03 7.35 -22.33
CA TRP D 241 36.18 5.96 -21.98
C TRP D 241 36.93 5.33 -23.16
N ASP D 242 37.80 4.37 -22.90
CA ASP D 242 38.54 3.75 -23.98
C ASP D 242 37.66 2.93 -24.91
N ASP D 243 36.50 2.48 -24.42
CA ASP D 243 35.58 1.71 -25.26
C ASP D 243 34.21 1.73 -24.58
N ASP D 244 33.18 1.26 -25.29
CA ASP D 244 31.85 1.24 -24.71
C ASP D 244 31.26 -0.17 -24.67
N GLU D 245 32.05 -1.10 -24.14
CA GLU D 245 31.64 -2.49 -23.99
C GLU D 245 30.49 -2.59 -22.99
N PRO D 246 29.51 -3.46 -23.29
CA PRO D 246 28.32 -3.73 -22.49
C PRO D 246 28.38 -3.65 -20.97
N TRP D 247 29.18 -4.47 -20.32
CA TRP D 247 29.14 -4.39 -18.85
C TRP D 247 30.31 -3.90 -18.03
N GLY D 248 31.49 -3.78 -18.65
CA GLY D 248 32.64 -3.33 -17.89
C GLY D 248 33.42 -4.49 -17.27
N PRO D 249 34.49 -4.21 -16.51
CA PRO D 249 35.03 -2.88 -16.19
C PRO D 249 35.47 -2.07 -17.40
N TRP D 250 35.79 -0.79 -17.17
CA TRP D 250 36.23 0.08 -18.25
C TRP D 250 37.47 0.88 -17.88
N THR D 251 38.19 1.33 -18.92
CA THR D 251 39.37 2.16 -18.71
C THR D 251 39.09 3.45 -19.47
N GLY D 252 39.75 4.53 -19.08
CA GLY D 252 39.50 5.79 -19.74
C GLY D 252 40.70 6.71 -19.72
N ASN D 253 40.56 7.80 -20.46
CA ASN D 253 41.63 8.76 -20.60
C ASN D 253 41.17 10.10 -20.09
N GLY D 254 42.13 10.90 -19.67
CA GLY D 254 41.83 12.24 -19.18
C GLY D 254 43.05 13.11 -19.26
N THR D 255 43.94 12.85 -20.22
CA THR D 255 45.15 13.66 -20.30
C THR D 255 44.87 15.11 -20.70
N PHE D 256 45.55 16.00 -19.98
CA PHE D 256 45.46 17.44 -20.11
C PHE D 256 46.41 17.97 -21.17
N TRP D 257 45.90 18.88 -22.00
CA TRP D 257 46.72 19.47 -23.07
C TRP D 257 46.79 20.97 -22.80
N LEU D 258 47.94 21.43 -22.31
CA LEU D 258 48.13 22.86 -22.00
C LEU D 258 49.06 23.45 -23.06
N PRO D 259 48.54 24.36 -23.90
CA PRO D 259 49.26 25.03 -24.99
C PRO D 259 50.27 26.09 -24.60
N ARG D 260 51.36 26.15 -25.36
CA ARG D 260 52.43 27.14 -25.19
C ARG D 260 52.70 27.52 -23.74
N VAL D 261 53.09 26.53 -22.95
CA VAL D 261 53.35 26.76 -21.53
C VAL D 261 54.34 27.88 -21.26
N GLN D 262 54.04 28.68 -20.24
CA GLN D 262 54.87 29.80 -19.83
C GLN D 262 55.27 29.56 -18.39
N PRO D 263 56.30 30.26 -17.90
CA PRO D 263 56.74 30.06 -16.52
C PRO D 263 55.67 30.22 -15.43
N PHE D 264 54.70 31.08 -15.65
CA PHE D 264 53.66 31.29 -14.64
C PHE D 264 52.73 30.08 -14.47
N GLN D 265 52.75 29.19 -15.46
CA GLN D 265 51.91 28.00 -15.44
C GLN D 265 52.67 26.85 -14.81
N GLU D 266 53.85 27.14 -14.32
CA GLU D 266 54.69 26.16 -13.65
C GLU D 266 54.02 25.88 -12.32
N GLY D 267 54.19 24.67 -11.79
CA GLY D 267 53.59 24.38 -10.50
C GLY D 267 52.89 23.06 -10.27
N THR D 268 52.06 23.04 -9.24
CA THR D 268 51.33 21.84 -8.89
C THR D 268 49.96 21.74 -9.57
N TYR D 269 49.78 20.64 -10.30
CA TYR D 269 48.52 20.37 -10.98
C TYR D 269 47.84 19.16 -10.33
N LEU D 270 46.53 19.30 -10.06
CA LEU D 270 45.77 18.19 -9.49
C LEU D 270 44.71 17.76 -10.49
N ALA D 271 44.61 16.45 -10.70
CA ALA D 271 43.61 15.92 -11.61
C ALA D 271 42.68 15.03 -10.81
N THR D 272 41.38 15.20 -11.02
CA THR D 272 40.40 14.39 -10.31
C THR D 272 39.41 13.75 -11.27
N ILE D 273 39.15 12.48 -11.04
CA ILE D 273 38.17 11.76 -11.82
C ILE D 273 36.99 11.54 -10.90
N HIS D 274 35.79 11.78 -11.41
CA HIS D 274 34.57 11.63 -10.63
C HIS D 274 33.62 10.58 -11.17
N LEU D 275 33.08 9.77 -10.26
CA LEU D 275 32.08 8.77 -10.57
C LEU D 275 31.06 8.99 -9.46
N PRO D 276 29.79 8.61 -9.68
CA PRO D 276 28.82 8.83 -8.61
C PRO D 276 29.37 8.43 -7.27
N TYR D 277 29.43 9.41 -6.38
CA TYR D 277 29.90 9.22 -5.02
C TYR D 277 31.37 8.86 -4.84
N LEU D 278 32.10 8.72 -5.93
CA LEU D 278 33.52 8.33 -5.86
C LEU D 278 34.44 9.27 -6.63
N GLN D 279 35.61 9.54 -6.06
CA GLN D 279 36.58 10.41 -6.72
C GLN D 279 38.01 9.97 -6.41
N GLY D 280 38.88 10.12 -7.40
CA GLY D 280 40.27 9.77 -7.23
C GLY D 280 41.15 10.93 -7.69
N GLN D 281 42.19 11.24 -6.92
CA GLN D 281 43.02 12.37 -7.27
C GLN D 281 44.52 12.13 -7.38
N VAL D 282 45.15 12.70 -8.42
CA VAL D 282 46.58 12.56 -8.61
C VAL D 282 47.26 13.94 -8.73
N THR D 283 48.52 13.99 -8.30
CA THR D 283 49.30 15.21 -8.32
C THR D 283 50.47 15.19 -9.28
N LEU D 284 50.57 16.23 -10.09
CA LEU D 284 51.65 16.35 -11.06
C LEU D 284 52.43 17.62 -10.74
N GLU D 285 53.74 17.59 -10.95
CA GLU D 285 54.56 18.76 -10.69
C GLU D 285 55.23 19.19 -12.00
N LEU D 286 54.68 20.25 -12.58
CA LEU D 286 55.15 20.76 -13.86
C LEU D 286 56.26 21.78 -13.72
N ALA D 287 57.38 21.48 -14.37
CA ALA D 287 58.56 22.34 -14.39
C ALA D 287 58.71 22.88 -15.80
N VAL D 288 59.00 24.16 -15.92
CA VAL D 288 59.21 24.76 -17.23
C VAL D 288 60.69 25.06 -17.36
N TYR D 289 61.19 24.98 -18.58
CA TYR D 289 62.61 25.23 -18.83
C TYR D 289 62.89 25.59 -20.28
N LYS D 290 63.94 26.36 -20.50
CA LYS D 290 64.36 26.74 -21.85
C LYS D 290 65.88 26.82 -21.86
N PRO D 291 66.53 25.99 -22.68
CA PRO D 291 67.99 25.99 -22.77
C PRO D 291 68.47 27.26 -23.46
N PRO D 292 69.65 27.74 -23.06
CA PRO D 292 70.18 28.97 -23.66
C PRO D 292 70.85 28.82 -25.02
N LYS D 293 70.73 29.85 -25.83
CA LYS D 293 71.40 29.87 -27.13
C LYS D 293 72.72 30.57 -26.81
N VAL D 294 73.83 29.95 -27.19
CA VAL D 294 75.13 30.51 -26.92
C VAL D 294 75.88 30.96 -28.17
N SER D 295 76.39 32.19 -28.16
CA SER D 295 77.15 32.70 -29.30
C SER D 295 78.23 33.71 -28.85
N LEU D 296 79.29 33.86 -29.65
CA LEU D 296 80.37 34.78 -29.34
C LEU D 296 80.46 35.98 -30.26
N MET D 297 81.10 37.03 -29.75
CA MET D 297 81.33 38.27 -30.48
C MET D 297 82.69 38.82 -30.03
N PRO D 298 83.58 39.14 -30.99
CA PRO D 298 83.38 39.03 -32.43
C PRO D 298 83.20 37.56 -32.84
N ALA D 299 82.43 37.33 -33.90
CA ALA D 299 82.18 35.97 -34.37
C ALA D 299 83.48 35.33 -34.88
N THR D 300 84.36 36.15 -35.43
CA THR D 300 85.66 35.70 -35.95
C THR D 300 86.70 36.78 -35.66
N LEU D 301 87.94 36.36 -35.42
CA LEU D 301 89.01 37.31 -35.12
C LEU D 301 89.98 37.51 -36.27
N ALA D 302 90.49 38.73 -36.40
CA ALA D 302 91.46 39.06 -37.45
C ALA D 302 92.84 38.61 -37.02
N ARG D 303 93.82 38.69 -37.93
CA ARG D 303 95.18 38.30 -37.61
C ARG D 303 95.78 39.34 -36.67
N ALA D 304 96.63 38.90 -35.76
CA ALA D 304 97.25 39.81 -34.81
C ALA D 304 98.71 39.47 -34.53
N ALA D 305 99.51 40.50 -34.26
CA ALA D 305 100.92 40.32 -33.98
C ALA D 305 101.12 39.92 -32.53
N PRO D 306 102.14 39.09 -32.25
CA PRO D 306 102.41 38.65 -30.88
C PRO D 306 102.44 39.82 -29.89
N GLY D 307 102.24 39.52 -28.60
CA GLY D 307 102.26 40.58 -27.60
C GLY D 307 101.09 41.54 -27.69
N GLU D 308 100.21 41.30 -28.67
CA GLU D 308 99.02 42.12 -28.91
C GLU D 308 97.81 41.40 -28.29
N ALA D 309 96.93 42.17 -27.63
CA ALA D 309 95.76 41.60 -26.98
C ALA D 309 94.50 41.60 -27.85
N PRO D 310 93.82 40.44 -27.96
CA PRO D 310 92.60 40.38 -28.77
C PRO D 310 91.48 41.21 -28.15
N PRO D 311 90.48 41.55 -28.96
CA PRO D 311 89.36 42.35 -28.47
C PRO D 311 88.52 41.61 -27.43
N GLU D 312 87.97 42.36 -26.49
CA GLU D 312 87.13 41.78 -25.45
C GLU D 312 86.13 40.85 -26.14
N LEU D 313 86.00 39.64 -25.59
CA LEU D 313 85.08 38.64 -26.14
C LEU D 313 83.79 38.64 -25.35
N LEU D 314 82.67 38.67 -26.06
CA LEU D 314 81.36 38.68 -25.43
C LEU D 314 80.59 37.38 -25.72
N CYS D 315 80.28 36.63 -24.67
CA CYS D 315 79.55 35.36 -24.81
C CYS D 315 78.09 35.62 -24.47
N LEU D 316 77.24 35.65 -25.49
CA LEU D 316 75.81 35.87 -25.28
C LEU D 316 75.10 34.59 -24.89
N VAL D 317 74.48 34.59 -23.71
CA VAL D 317 73.73 33.42 -23.24
C VAL D 317 72.29 33.90 -23.30
N SER D 318 71.63 33.61 -24.41
CA SER D 318 70.26 34.09 -24.63
C SER D 318 69.04 33.25 -24.35
N HIS D 319 67.99 33.94 -23.91
CA HIS D 319 66.69 33.37 -23.59
C HIS D 319 66.68 31.98 -22.99
N PHE D 320 66.98 31.87 -21.70
CA PHE D 320 66.96 30.60 -21.00
C PHE D 320 66.11 30.72 -19.75
N TYR D 321 65.70 29.57 -19.19
CA TYR D 321 64.88 29.56 -17.97
C TYR D 321 64.93 28.19 -17.32
N PRO D 322 64.98 28.12 -15.97
CA PRO D 322 65.00 29.19 -14.94
C PRO D 322 66.32 29.98 -15.00
N SER D 323 66.34 31.14 -14.35
CA SER D 323 67.52 31.98 -14.36
C SER D 323 68.70 31.40 -13.60
N GLY D 324 68.44 30.78 -12.46
CA GLY D 324 69.53 30.23 -11.67
C GLY D 324 70.26 29.06 -12.30
N GLY D 325 71.38 28.67 -11.73
CA GLY D 325 72.13 27.54 -12.26
C GLY D 325 72.93 27.76 -13.53
N LEU D 326 73.02 29.01 -13.99
CA LEU D 326 73.79 29.33 -15.21
C LEU D 326 75.24 29.60 -14.81
N GLU D 327 76.14 28.84 -15.41
CA GLU D 327 77.55 28.99 -15.11
C GLU D 327 78.31 29.21 -16.40
N VAL D 328 79.27 30.13 -16.36
CA VAL D 328 80.08 30.45 -17.52
C VAL D 328 81.53 30.07 -17.30
N GLU D 329 82.08 29.34 -18.26
CA GLU D 329 83.47 28.92 -18.19
C GLU D 329 84.12 29.32 -19.50
N TRP D 330 85.33 29.89 -19.41
CA TRP D 330 86.06 30.29 -20.60
C TRP D 330 87.22 29.33 -20.77
N GLU D 331 87.45 28.89 -22.00
CA GLU D 331 88.53 27.95 -22.28
C GLU D 331 89.36 28.36 -23.50
N LEU D 332 90.56 27.80 -23.60
CA LEU D 332 91.44 28.02 -24.74
C LEU D 332 91.65 26.63 -25.31
N ARG D 333 91.03 26.37 -26.46
CA ARG D 333 91.11 25.06 -27.08
C ARG D 333 92.20 24.93 -28.14
N GLY D 334 92.76 23.73 -28.24
CA GLY D 334 93.82 23.48 -29.21
C GLY D 334 95.02 24.39 -29.07
N GLY D 335 95.66 24.37 -27.90
CA GLY D 335 96.82 25.21 -27.67
C GLY D 335 97.99 24.52 -26.98
N GLN D 341 92.06 23.69 -21.86
CA GLN D 341 92.72 24.41 -20.77
C GLN D 341 91.89 25.64 -20.42
N LYS D 342 91.82 25.99 -19.14
CA LYS D 342 91.05 27.16 -18.73
C LYS D 342 91.74 28.43 -19.23
N ALA D 343 90.99 29.30 -19.89
CA ALA D 343 91.55 30.54 -20.43
C ALA D 343 91.99 31.56 -19.38
N GLU D 344 92.96 32.38 -19.74
CA GLU D 344 93.47 33.40 -18.83
C GLU D 344 93.01 34.79 -19.26
N GLY D 345 93.12 35.74 -18.35
CA GLY D 345 92.69 37.08 -18.66
C GLY D 345 91.61 37.48 -17.69
N GLN D 346 91.06 38.67 -17.91
CA GLN D 346 90.01 39.20 -17.06
C GLN D 346 88.66 38.70 -17.57
N ARG D 347 87.77 38.34 -16.66
CA ARG D 347 86.45 37.88 -17.04
C ARG D 347 85.43 38.43 -16.07
N TRP D 348 84.23 38.69 -16.57
CA TRP D 348 83.14 39.21 -15.75
C TRP D 348 81.75 38.84 -16.31
N LEU D 349 80.72 39.13 -15.54
CA LEU D 349 79.35 38.81 -15.92
C LEU D 349 78.44 40.02 -15.94
N SER D 350 77.52 40.05 -16.91
CA SER D 350 76.58 41.15 -16.98
C SER D 350 75.48 40.90 -15.96
N ALA D 351 74.63 41.87 -15.75
CA ALA D 351 73.54 41.65 -14.83
C ALA D 351 72.55 40.84 -15.68
N LEU D 352 71.54 40.29 -15.04
CA LEU D 352 70.53 39.50 -15.71
C LEU D 352 69.62 40.42 -16.54
N ARG D 353 69.21 39.95 -17.71
CA ARG D 353 68.30 40.69 -18.57
C ARG D 353 66.96 39.92 -18.59
N HIS D 354 65.88 40.57 -18.16
CA HIS D 354 64.56 39.94 -18.09
C HIS D 354 63.62 40.21 -19.25
N HIS D 355 63.21 39.14 -19.92
CA HIS D 355 62.31 39.26 -21.05
C HIS D 355 60.84 39.11 -20.64
N SER D 356 59.95 39.60 -21.50
CA SER D 356 58.51 39.54 -21.24
C SER D 356 58.01 38.12 -21.10
N ASP D 357 58.61 37.18 -21.83
CA ASP D 357 58.16 35.80 -21.73
C ASP D 357 58.63 35.12 -20.45
N GLY D 358 59.30 35.85 -19.58
CA GLY D 358 59.78 35.26 -18.34
C GLY D 358 61.17 34.66 -18.40
N SER D 359 61.70 34.45 -19.61
CA SER D 359 63.04 33.90 -19.76
C SER D 359 64.04 35.01 -19.43
N VAL D 360 65.33 34.66 -19.42
CA VAL D 360 66.34 35.64 -19.11
C VAL D 360 67.54 35.47 -20.02
N SER D 361 68.38 36.50 -20.03
CA SER D 361 69.61 36.50 -20.81
C SER D 361 70.73 37.10 -19.96
N LEU D 362 71.96 36.82 -20.36
CA LEU D 362 73.10 37.34 -19.64
C LEU D 362 74.33 37.24 -20.53
N SER D 363 75.34 38.02 -20.21
CA SER D 363 76.55 38.04 -21.02
C SER D 363 77.79 37.80 -20.22
N GLY D 364 78.67 36.98 -20.79
CA GLY D 364 79.94 36.69 -20.16
C GLY D 364 80.99 37.45 -20.96
N HIS D 365 82.00 37.98 -20.28
CA HIS D 365 83.06 38.73 -20.97
C HIS D 365 84.43 38.23 -20.61
N LEU D 366 85.30 38.17 -21.60
CA LEU D 366 86.68 37.75 -21.37
C LEU D 366 87.64 38.66 -22.13
N GLN D 367 88.66 39.13 -21.43
CA GLN D 367 89.69 39.97 -22.04
C GLN D 367 90.92 39.08 -22.03
N PRO D 368 91.19 38.43 -23.17
CA PRO D 368 92.36 37.55 -23.26
C PRO D 368 93.66 38.34 -23.20
N PRO D 369 94.74 37.68 -22.73
CA PRO D 369 96.05 38.30 -22.61
C PRO D 369 96.68 38.44 -23.98
N PRO D 370 97.82 39.16 -24.08
CA PRO D 370 98.45 39.31 -25.39
C PRO D 370 98.69 37.94 -26.03
N VAL D 371 98.36 37.81 -27.30
CA VAL D 371 98.49 36.55 -28.04
C VAL D 371 99.94 36.12 -28.33
N THR D 372 100.22 34.84 -28.09
CA THR D 372 101.54 34.27 -28.35
C THR D 372 101.45 33.63 -29.72
N THR D 373 102.58 33.44 -30.39
CA THR D 373 102.57 32.82 -31.72
C THR D 373 102.14 31.36 -31.64
N GLU D 374 102.44 30.72 -30.51
CA GLU D 374 102.09 29.32 -30.30
C GLU D 374 100.62 29.15 -29.89
N GLN D 375 99.81 30.16 -30.19
CA GLN D 375 98.39 30.12 -29.88
C GLN D 375 97.63 30.24 -31.19
N HIS D 376 98.35 30.64 -32.23
CA HIS D 376 97.75 30.78 -33.55
C HIS D 376 97.02 29.48 -33.85
N GLY D 377 95.79 29.59 -34.34
CA GLY D 377 95.04 28.40 -34.67
C GLY D 377 94.20 27.86 -33.52
N ALA D 378 94.54 28.27 -32.30
CA ALA D 378 93.79 27.84 -31.13
C ALA D 378 92.49 28.64 -31.08
N ARG D 379 91.50 28.15 -30.34
CA ARG D 379 90.23 28.86 -30.26
C ARG D 379 89.83 29.21 -28.84
N TYR D 380 89.25 30.38 -28.69
CA TYR D 380 88.77 30.84 -27.40
C TYR D 380 87.29 30.45 -27.39
N ALA D 381 86.84 29.84 -26.31
CA ALA D 381 85.46 29.42 -26.25
C ALA D 381 84.86 29.57 -24.87
N CYS D 382 83.54 29.73 -24.83
CA CYS D 382 82.84 29.82 -23.57
C CYS D 382 81.95 28.59 -23.46
N ARG D 383 82.14 27.86 -22.37
CA ARG D 383 81.38 26.64 -22.06
C ARG D 383 80.28 27.03 -21.09
N ILE D 384 79.02 26.90 -21.50
CA ILE D 384 77.90 27.25 -20.64
C ILE D 384 77.25 26.01 -20.03
N HIS D 385 77.02 26.06 -18.72
CA HIS D 385 76.36 24.94 -18.04
C HIS D 385 75.05 25.44 -17.44
N HIS D 386 74.01 24.63 -17.58
CA HIS D 386 72.70 24.96 -17.05
C HIS D 386 71.91 23.67 -16.94
N PRO D 387 71.18 23.49 -15.82
CA PRO D 387 70.39 22.27 -15.62
C PRO D 387 69.58 21.81 -16.84
N SER D 388 69.16 22.74 -17.69
CA SER D 388 68.39 22.37 -18.88
C SER D 388 69.27 21.96 -20.05
N LEU D 389 70.56 21.72 -19.78
CA LEU D 389 71.52 21.34 -20.81
C LEU D 389 72.27 20.05 -20.48
N PRO D 390 72.85 19.42 -21.52
CA PRO D 390 73.61 18.18 -21.37
C PRO D 390 74.76 18.36 -20.38
N ALA D 391 75.37 17.25 -19.97
CA ALA D 391 76.47 17.31 -19.03
C ALA D 391 77.64 18.12 -19.59
N SER D 392 77.88 17.99 -20.89
CA SER D 392 78.98 18.67 -21.57
C SER D 392 78.72 20.16 -21.81
N GLY D 393 77.51 20.60 -21.48
CA GLY D 393 77.16 22.00 -21.67
C GLY D 393 76.93 22.38 -23.12
N ARG D 394 77.07 23.67 -23.40
CA ARG D 394 76.89 24.23 -24.72
C ARG D 394 78.02 25.23 -24.93
N SER D 395 78.65 25.22 -26.10
CA SER D 395 79.76 26.13 -26.34
C SER D 395 79.72 26.95 -27.62
N ALA D 396 80.59 27.94 -27.66
CA ALA D 396 80.76 28.84 -28.80
C ALA D 396 82.24 29.20 -28.79
N GLU D 397 82.84 29.26 -29.97
CA GLU D 397 84.25 29.57 -30.05
C GLU D 397 84.65 30.48 -31.20
N VAL D 398 85.84 31.05 -31.08
CA VAL D 398 86.40 31.93 -32.09
C VAL D 398 87.88 31.55 -32.25
N THR D 399 88.37 31.56 -33.49
CA THR D 399 89.75 31.19 -33.76
C THR D 399 90.71 32.38 -33.81
N LEU D 400 91.89 32.20 -33.22
CA LEU D 400 92.93 33.23 -33.17
C LEU D 400 93.85 33.17 -34.39
N GLU D 401 94.44 34.32 -34.75
CA GLU D 401 95.35 34.39 -35.89
C GLU D 401 96.67 35.05 -35.54
#